data_7MLA
#
_entry.id   7MLA
#
loop_
_entity.id
_entity.type
_entity.pdbx_description
1 polymer 'Protein Mdm4'
2 polymer MCo-52-2
3 non-polymer 'ZINC ION'
#
loop_
_entity_poly.entity_id
_entity_poly.type
_entity_poly.pdbx_seq_one_letter_code
_entity_poly.pdbx_strand_id
1 'polypeptide(L)' GSHMYSGEDCQNLLKPCSLCEKRPRDGNIIHGRTGHLVTCFHCARRLKKAGASCPICKKEIQLVIKVFIA A
2 'polypeptide(L)' GGVCPNLYLLCRRDSDCPGACICRHDSYCGSGSD B
#
# COMPACT_ATOMS: atom_id res chain seq x y z
N MET A 4 -6.97 -13.97 -0.24
CA MET A 4 -7.25 -14.99 -1.26
C MET A 4 -6.04 -15.16 -2.17
N TYR A 5 -4.86 -14.92 -1.63
CA TYR A 5 -3.64 -14.96 -2.39
C TYR A 5 -3.27 -16.40 -2.73
N SER A 6 -2.62 -16.60 -3.85
CA SER A 6 -2.25 -17.95 -4.26
C SER A 6 -0.91 -17.94 -5.00
N GLY A 7 0.15 -17.87 -4.22
CA GLY A 7 1.51 -17.87 -4.74
C GLY A 7 2.43 -17.98 -3.54
N GLU A 8 3.10 -19.11 -3.38
CA GLU A 8 3.91 -19.34 -2.19
C GLU A 8 5.17 -18.47 -2.11
N ASP A 9 5.74 -18.08 -3.24
CA ASP A 9 6.94 -17.21 -3.24
C ASP A 9 6.65 -15.88 -2.53
N CYS A 10 5.39 -15.48 -2.61
CA CYS A 10 4.89 -14.23 -2.10
C CYS A 10 4.67 -14.29 -0.60
N GLN A 11 4.76 -15.47 0.02
CA GLN A 11 4.43 -15.62 1.44
C GLN A 11 5.19 -14.66 2.35
N ASN A 12 6.38 -14.23 1.93
CA ASN A 12 7.15 -13.27 2.71
C ASN A 12 6.47 -11.89 2.66
N LEU A 13 5.84 -11.55 1.54
CA LEU A 13 5.13 -10.28 1.41
C LEU A 13 3.75 -10.33 2.09
N LEU A 14 3.13 -11.50 2.05
CA LEU A 14 1.76 -11.72 2.56
C LEU A 14 1.65 -11.78 4.08
N LYS A 15 2.75 -11.58 4.80
CA LYS A 15 2.72 -11.61 6.26
C LYS A 15 1.86 -10.44 6.76
N PRO A 16 1.24 -10.57 7.94
CA PRO A 16 0.45 -9.44 8.46
C PRO A 16 1.35 -8.30 8.92
N CYS A 17 0.80 -7.33 9.66
CA CYS A 17 1.64 -6.28 10.20
C CYS A 17 2.62 -7.00 11.10
N SER A 18 3.91 -6.73 10.97
CA SER A 18 4.93 -7.45 11.72
C SER A 18 5.07 -6.92 13.12
N LEU A 19 4.70 -5.66 13.30
CA LEU A 19 4.77 -5.01 14.60
C LEU A 19 3.57 -5.40 15.44
N CYS A 20 2.41 -5.47 14.80
CA CYS A 20 1.18 -5.82 15.51
C CYS A 20 0.76 -7.28 15.50
N GLU A 21 0.84 -7.91 14.33
CA GLU A 21 0.30 -9.26 14.03
C GLU A 21 -1.14 -9.48 14.54
N LYS A 22 -1.84 -8.36 14.74
CA LYS A 22 -3.22 -8.38 15.22
C LYS A 22 -4.15 -7.99 14.11
N ARG A 23 -3.56 -7.59 13.00
CA ARG A 23 -4.29 -7.06 11.87
C ARG A 23 -3.44 -7.23 10.62
N PRO A 24 -4.04 -7.25 9.42
CA PRO A 24 -3.24 -7.47 8.22
C PRO A 24 -2.33 -6.30 7.86
N ARG A 25 -1.54 -6.51 6.83
CA ARG A 25 -0.61 -5.50 6.34
C ARG A 25 -1.35 -4.59 5.37
N ASP A 26 -2.07 -3.62 5.94
CA ASP A 26 -2.89 -2.68 5.16
C ASP A 26 -2.25 -1.28 5.08
N GLY A 27 -1.01 -1.20 5.51
CA GLY A 27 -0.24 0.03 5.52
C GLY A 27 0.88 -0.06 4.52
N ASN A 28 0.72 0.60 3.40
CA ASN A 28 1.73 0.61 2.38
C ASN A 28 2.31 2.02 2.29
N ILE A 29 3.61 2.10 2.04
CA ILE A 29 4.34 3.35 1.99
C ILE A 29 4.68 3.75 0.55
N ILE A 30 4.05 4.80 0.02
CA ILE A 30 4.38 5.31 -1.32
C ILE A 30 5.52 6.33 -1.30
N HIS A 31 6.54 6.05 -2.08
CA HIS A 31 7.60 6.99 -2.37
C HIS A 31 7.74 7.18 -3.88
N GLY A 32 7.15 8.23 -4.43
CA GLY A 32 7.25 8.49 -5.85
C GLY A 32 6.27 7.66 -6.65
N ARG A 33 6.77 6.62 -7.30
CA ARG A 33 5.95 5.81 -8.20
C ARG A 33 5.88 4.35 -7.76
N THR A 34 6.44 4.06 -6.61
CA THR A 34 6.45 2.71 -6.07
C THR A 34 6.18 2.78 -4.59
N GLY A 35 5.78 1.65 -4.01
CA GLY A 35 5.59 1.60 -2.58
C GLY A 35 5.81 0.24 -1.95
N HIS A 36 6.34 0.24 -0.73
CA HIS A 36 6.56 -1.02 0.00
C HIS A 36 5.45 -1.31 1.02
N LEU A 37 4.88 -2.51 0.90
CA LEU A 37 3.87 -3.03 1.84
C LEU A 37 4.63 -3.59 3.03
N VAL A 38 4.63 -2.91 4.17
CA VAL A 38 5.42 -3.38 5.32
C VAL A 38 4.74 -3.47 6.69
N THR A 39 3.68 -2.72 6.94
CA THR A 39 3.05 -2.69 8.27
C THR A 39 1.57 -2.45 8.12
N CYS A 40 0.87 -2.22 9.22
CA CYS A 40 -0.51 -1.77 9.14
C CYS A 40 -0.52 -0.25 8.96
N PHE A 41 -1.67 0.28 8.55
CA PHE A 41 -1.86 1.72 8.32
C PHE A 41 -1.47 2.55 9.54
N HIS A 42 -1.85 2.08 10.71
CA HIS A 42 -1.57 2.81 11.95
C HIS A 42 -0.07 2.90 12.23
N CYS A 43 0.64 1.79 12.00
CA CYS A 43 2.08 1.76 12.23
C CYS A 43 2.82 2.61 11.21
N ALA A 44 2.43 2.56 9.94
CA ALA A 44 3.09 3.35 8.90
C ALA A 44 3.00 4.85 9.21
N ARG A 45 1.84 5.28 9.70
CA ARG A 45 1.65 6.68 10.09
C ARG A 45 2.53 7.04 11.27
N ARG A 46 2.58 6.16 12.27
CA ARG A 46 3.39 6.38 13.47
C ARG A 46 4.87 6.38 13.12
N LEU A 47 5.27 5.56 12.15
CA LEU A 47 6.66 5.43 11.76
C LEU A 47 7.28 6.75 11.30
N LYS A 48 6.66 7.45 10.36
CA LYS A 48 7.23 8.74 9.94
C LYS A 48 7.12 9.80 11.02
N LYS A 49 6.11 9.70 11.88
CA LYS A 49 5.99 10.63 13.01
C LYS A 49 7.22 10.48 13.92
N ALA A 50 7.78 9.28 13.98
CA ALA A 50 8.97 9.01 14.78
C ALA A 50 10.26 9.41 14.03
N GLY A 51 10.12 9.87 12.79
CA GLY A 51 11.28 10.29 12.01
C GLY A 51 11.88 9.19 11.16
N ALA A 52 11.29 8.01 11.18
CA ALA A 52 11.82 6.89 10.40
C ALA A 52 11.24 6.87 8.98
N SER A 53 12.09 6.56 8.02
CA SER A 53 11.71 6.48 6.61
C SER A 53 11.30 5.02 6.31
N CYS A 54 11.09 4.66 5.05
CA CYS A 54 10.67 3.28 4.72
C CYS A 54 11.61 2.29 5.39
N PRO A 55 11.08 1.23 6.03
CA PRO A 55 12.07 0.37 6.69
C PRO A 55 12.92 -0.41 5.70
N ILE A 56 12.44 -0.59 4.47
CA ILE A 56 13.19 -1.33 3.47
C ILE A 56 14.18 -0.47 2.71
N CYS A 57 13.70 0.55 2.02
CA CYS A 57 14.55 1.32 1.14
C CYS A 57 14.90 2.71 1.64
N LYS A 58 14.35 3.08 2.79
CA LYS A 58 14.53 4.40 3.42
C LYS A 58 14.26 5.59 2.50
N LYS A 59 13.44 5.39 1.48
CA LYS A 59 13.05 6.50 0.61
C LYS A 59 11.92 7.22 1.35
N GLU A 60 11.86 8.54 1.19
CA GLU A 60 10.91 9.34 1.96
C GLU A 60 9.44 9.08 1.69
N ILE A 61 8.72 8.93 2.80
CA ILE A 61 7.32 8.55 2.80
C ILE A 61 6.42 9.73 2.47
N GLN A 62 5.90 9.76 1.24
CA GLN A 62 5.02 10.84 0.84
C GLN A 62 3.64 10.65 1.43
N LEU A 63 3.13 9.42 1.34
CA LEU A 63 1.80 9.13 1.83
C LEU A 63 1.68 7.65 2.16
N VAL A 64 0.54 7.30 2.73
CA VAL A 64 0.22 5.96 3.14
C VAL A 64 -1.20 5.79 2.65
N ILE A 65 -1.63 4.58 2.37
CA ILE A 65 -2.98 4.31 1.87
C ILE A 65 -3.55 3.26 2.80
N LYS A 66 -4.87 3.25 2.95
CA LYS A 66 -5.56 2.31 3.84
C LYS A 66 -6.25 1.28 2.97
N VAL A 67 -5.69 0.09 2.89
CA VAL A 67 -6.26 -0.98 2.07
C VAL A 67 -7.26 -1.83 2.87
N PHE A 68 -8.34 -2.25 2.23
CA PHE A 68 -9.29 -3.18 2.83
C PHE A 68 -9.99 -3.88 1.69
N ILE A 69 -10.70 -4.96 2.00
CA ILE A 69 -11.58 -5.60 1.04
C ILE A 69 -12.98 -5.28 1.58
N ALA A 70 -13.42 -4.06 1.30
CA ALA A 70 -14.71 -3.55 1.77
C ALA A 70 -15.20 -2.59 0.69
N GLY B 1 -6.87 14.94 -11.51
CA GLY B 1 -8.09 14.58 -10.80
C GLY B 1 -8.54 13.12 -10.91
N GLY B 2 -7.76 12.27 -11.56
CA GLY B 2 -8.15 10.86 -11.76
C GLY B 2 -8.27 9.97 -10.52
N VAL B 3 -9.37 10.07 -9.81
CA VAL B 3 -9.63 9.25 -8.62
C VAL B 3 -10.94 8.49 -8.78
N CYS B 4 -11.08 7.40 -8.04
CA CYS B 4 -12.27 6.55 -8.09
C CYS B 4 -12.78 6.41 -6.65
N PRO B 5 -14.09 6.15 -6.46
CA PRO B 5 -14.55 6.11 -5.07
C PRO B 5 -14.00 4.94 -4.25
N ASN B 6 -13.76 3.81 -4.90
CA ASN B 6 -13.23 2.62 -4.23
C ASN B 6 -11.77 2.45 -4.59
N LEU B 7 -11.01 3.54 -4.52
CA LEU B 7 -9.60 3.49 -4.88
C LEU B 7 -8.74 2.82 -3.80
N TYR B 8 -9.33 2.62 -2.63
CA TYR B 8 -8.62 2.02 -1.49
C TYR B 8 -8.82 0.50 -1.49
N LEU B 9 -8.40 -0.14 -2.58
CA LEU B 9 -8.53 -1.60 -2.73
C LEU B 9 -7.25 -2.18 -3.27
N LEU B 10 -7.00 -3.44 -2.97
CA LEU B 10 -5.85 -4.14 -3.53
C LEU B 10 -6.27 -4.62 -4.90
N CYS B 11 -5.53 -4.21 -5.92
CA CYS B 11 -5.85 -4.57 -7.29
C CYS B 11 -4.65 -5.28 -7.91
N ARG B 12 -4.93 -6.14 -8.88
CA ARG B 12 -3.90 -6.90 -9.60
C ARG B 12 -3.53 -6.26 -10.93
N ARG B 13 -4.45 -5.47 -11.48
CA ARG B 13 -4.26 -4.78 -12.75
C ARG B 13 -5.27 -3.64 -12.80
N ASP B 14 -5.21 -2.82 -13.83
CA ASP B 14 -6.12 -1.67 -13.97
C ASP B 14 -7.59 -2.13 -13.99
N SER B 15 -7.83 -3.21 -14.71
CA SER B 15 -9.18 -3.78 -14.86
C SER B 15 -9.68 -4.54 -13.63
N ASP B 16 -8.96 -4.39 -12.53
CA ASP B 16 -9.21 -5.10 -11.27
C ASP B 16 -9.76 -4.14 -10.21
N CYS B 17 -10.19 -2.97 -10.64
CA CYS B 17 -10.59 -1.88 -9.74
C CYS B 17 -11.57 -1.01 -10.54
N PRO B 18 -12.68 -0.58 -9.90
CA PRO B 18 -13.71 0.14 -10.65
C PRO B 18 -13.42 1.61 -10.94
N GLY B 19 -14.05 2.11 -12.00
CA GLY B 19 -13.90 3.50 -12.39
C GLY B 19 -12.74 3.67 -13.36
N ALA B 20 -12.52 4.89 -13.83
CA ALA B 20 -11.42 5.15 -14.76
C ALA B 20 -10.15 5.39 -13.93
N CYS B 21 -9.52 4.30 -13.51
CA CYS B 21 -8.33 4.36 -12.69
C CYS B 21 -7.34 3.29 -13.14
N ILE B 22 -6.09 3.44 -12.72
CA ILE B 22 -5.03 2.49 -13.02
C ILE B 22 -4.61 1.86 -11.69
N CYS B 23 -3.86 0.77 -11.74
CA CYS B 23 -3.44 0.08 -10.53
C CYS B 23 -1.92 0.07 -10.37
N ARG B 24 -1.45 0.41 -9.18
CA ARG B 24 -0.02 0.34 -8.87
C ARG B 24 0.24 -0.92 -8.05
N HIS B 25 1.47 -1.43 -8.11
CA HIS B 25 1.85 -2.65 -7.39
C HIS B 25 1.82 -2.46 -5.87
N ASP B 26 1.74 -1.22 -5.44
CA ASP B 26 1.75 -0.85 -4.04
C ASP B 26 0.34 -0.83 -3.44
N SER B 27 -0.58 -1.52 -4.12
CA SER B 27 -1.98 -1.67 -3.68
C SER B 27 -2.71 -0.33 -3.60
N TYR B 28 -2.42 0.52 -4.57
CA TYR B 28 -3.10 1.80 -4.71
C TYR B 28 -3.75 1.85 -6.08
N CYS B 29 -5.02 2.18 -6.11
CA CYS B 29 -5.74 2.33 -7.38
C CYS B 29 -5.90 3.84 -7.59
N GLY B 30 -5.79 4.29 -8.83
CA GLY B 30 -5.98 5.70 -9.15
C GLY B 30 -4.72 6.45 -9.56
N SER B 31 -4.94 7.60 -10.18
CA SER B 31 -3.87 8.47 -10.65
C SER B 31 -4.32 9.90 -10.42
N GLY B 32 -3.97 10.46 -9.27
CA GLY B 32 -4.42 11.78 -8.90
C GLY B 32 -4.03 12.94 -9.81
N SER B 33 -3.21 12.67 -10.82
CA SER B 33 -2.85 13.69 -11.80
C SER B 33 -4.16 14.03 -12.51
N ASP B 34 -4.40 15.31 -12.70
CA ASP B 34 -5.58 15.82 -13.41
C ASP B 34 -6.92 15.38 -12.76
N MET A 4 -0.84 -10.85 -5.89
CA MET A 4 -1.00 -11.25 -4.48
C MET A 4 -0.82 -12.75 -4.27
N TYR A 5 0.16 -13.24 -5.02
CA TYR A 5 0.71 -14.59 -4.95
C TYR A 5 -0.21 -15.82 -5.06
N SER A 6 -0.14 -16.47 -6.22
CA SER A 6 -0.86 -17.73 -6.45
C SER A 6 -0.03 -18.87 -5.86
N GLY A 7 0.19 -18.83 -4.56
CA GLY A 7 1.01 -19.80 -3.87
C GLY A 7 0.84 -19.54 -2.40
N GLU A 8 0.19 -20.47 -1.72
CA GLU A 8 -0.16 -20.33 -0.31
C GLU A 8 1.06 -20.20 0.60
N ASP A 9 2.18 -20.78 0.23
CA ASP A 9 3.41 -20.72 1.03
C ASP A 9 3.83 -19.28 1.32
N CYS A 10 3.53 -18.39 0.37
CA CYS A 10 3.87 -16.98 0.45
C CYS A 10 3.15 -16.27 1.61
N GLN A 11 2.20 -16.95 2.24
CA GLN A 11 1.50 -16.40 3.40
C GLN A 11 2.49 -15.98 4.48
N ASN A 12 3.66 -16.62 4.52
CA ASN A 12 4.66 -16.28 5.52
C ASN A 12 5.21 -14.87 5.25
N LEU A 13 5.30 -14.48 3.99
CA LEU A 13 5.70 -13.12 3.62
C LEU A 13 4.54 -12.15 3.81
N LEU A 14 3.31 -12.64 3.67
CA LEU A 14 2.09 -11.83 3.79
C LEU A 14 1.58 -11.74 5.24
N LYS A 15 2.42 -12.07 6.20
CA LYS A 15 2.00 -12.13 7.61
C LYS A 15 1.55 -10.77 8.17
N PRO A 16 0.65 -10.77 9.18
CA PRO A 16 0.09 -9.52 9.74
C PRO A 16 1.12 -8.61 10.40
N CYS A 17 0.64 -7.50 10.95
CA CYS A 17 1.52 -6.51 11.56
C CYS A 17 2.28 -7.21 12.68
N SER A 18 3.58 -7.06 12.71
CA SER A 18 4.43 -7.78 13.65
C SER A 18 4.43 -7.11 15.01
N LEU A 19 4.17 -5.81 15.00
CA LEU A 19 4.13 -5.04 16.23
C LEU A 19 2.79 -5.26 16.91
N CYS A 20 1.72 -5.29 16.12
CA CYS A 20 0.39 -5.48 16.67
C CYS A 20 -0.18 -6.88 16.69
N GLU A 21 -0.08 -7.57 15.55
CA GLU A 21 -0.79 -8.84 15.24
C GLU A 21 -2.30 -8.81 15.50
N LYS A 22 -2.82 -7.60 15.64
CA LYS A 22 -4.25 -7.38 15.88
C LYS A 22 -4.94 -6.93 14.62
N ARG A 23 -4.16 -6.84 13.55
CA ARG A 23 -4.66 -6.37 12.26
C ARG A 23 -3.71 -6.87 11.18
N PRO A 24 -4.21 -7.02 9.94
CA PRO A 24 -3.32 -7.48 8.87
C PRO A 24 -2.32 -6.40 8.49
N ARG A 25 -1.46 -6.70 7.51
CA ARG A 25 -0.48 -5.73 7.05
C ARG A 25 -1.18 -4.82 6.03
N ASP A 26 -1.90 -3.84 6.54
CA ASP A 26 -2.70 -2.92 5.72
C ASP A 26 -2.04 -1.55 5.57
N GLY A 27 -0.80 -1.47 6.01
CA GLY A 27 -0.02 -0.24 5.93
C GLY A 27 1.03 -0.38 4.88
N ASN A 28 0.79 0.24 3.75
CA ASN A 28 1.74 0.23 2.65
C ASN A 28 2.31 1.62 2.54
N ILE A 29 3.59 1.70 2.23
CA ILE A 29 4.29 2.98 2.16
C ILE A 29 4.68 3.27 0.70
N ILE A 30 4.01 4.24 0.09
CA ILE A 30 4.32 4.67 -1.29
C ILE A 30 5.45 5.69 -1.36
N HIS A 31 6.51 5.34 -2.08
CA HIS A 31 7.56 6.27 -2.44
C HIS A 31 7.85 6.26 -3.95
N GLY A 32 7.40 7.28 -4.66
CA GLY A 32 7.65 7.37 -6.08
C GLY A 32 6.68 6.52 -6.86
N ARG A 33 7.14 5.35 -7.30
CA ARG A 33 6.34 4.49 -8.16
C ARG A 33 6.11 3.12 -7.59
N THR A 34 6.65 2.90 -6.41
CA THR A 34 6.52 1.61 -5.73
C THR A 34 6.36 1.85 -4.25
N GLY A 35 5.94 0.82 -3.54
CA GLY A 35 5.83 0.90 -2.11
C GLY A 35 6.07 -0.41 -1.39
N HIS A 36 6.63 -0.31 -0.20
CA HIS A 36 6.88 -1.49 0.63
C HIS A 36 5.76 -1.68 1.66
N LEU A 37 5.19 -2.88 1.68
CA LEU A 37 4.15 -3.27 2.62
C LEU A 37 4.84 -3.85 3.83
N VAL A 38 4.88 -3.13 4.94
CA VAL A 38 5.67 -3.58 6.11
C VAL A 38 4.98 -3.66 7.47
N THR A 39 3.90 -2.92 7.69
CA THR A 39 3.23 -2.90 9.01
C THR A 39 1.77 -2.61 8.76
N CYS A 40 1.02 -2.34 9.82
CA CYS A 40 -0.35 -1.86 9.65
C CYS A 40 -0.28 -0.34 9.44
N PHE A 41 -1.36 0.24 8.94
CA PHE A 41 -1.47 1.68 8.65
C PHE A 41 -1.10 2.53 9.85
N HIS A 42 -1.56 2.13 11.02
CA HIS A 42 -1.32 2.86 12.25
C HIS A 42 0.18 2.99 12.55
N CYS A 43 0.92 1.89 12.40
CA CYS A 43 2.35 1.90 12.67
C CYS A 43 3.11 2.66 11.59
N ALA A 44 2.74 2.46 10.33
CA ALA A 44 3.41 3.11 9.22
C ALA A 44 3.24 4.64 9.32
N ARG A 45 2.05 5.09 9.70
CA ARG A 45 1.79 6.52 9.87
C ARG A 45 2.57 7.08 11.07
N ARG A 46 2.66 6.30 12.13
CA ARG A 46 3.42 6.68 13.34
C ARG A 46 4.91 6.84 13.03
N LEU A 47 5.41 6.02 12.11
CA LEU A 47 6.83 5.99 11.76
C LEU A 47 7.37 7.35 11.35
N LYS A 48 6.62 8.09 10.54
CA LYS A 48 7.04 9.43 10.10
C LYS A 48 7.21 10.39 11.26
N LYS A 49 6.43 10.25 12.33
CA LYS A 49 6.53 11.15 13.48
C LYS A 49 7.88 10.97 14.17
N ALA A 50 8.45 9.78 14.06
CA ALA A 50 9.75 9.48 14.64
C ALA A 50 10.88 9.99 13.71
N GLY A 51 10.49 10.58 12.59
CA GLY A 51 11.46 11.11 11.63
C GLY A 51 11.91 10.03 10.65
N ALA A 52 11.40 8.83 10.83
CA ALA A 52 11.82 7.70 10.01
C ALA A 52 11.01 7.56 8.71
N SER A 53 11.74 7.23 7.67
CA SER A 53 11.21 6.93 6.35
C SER A 53 11.08 5.41 6.29
N CYS A 54 10.83 4.84 5.11
CA CYS A 54 10.60 3.39 4.99
C CYS A 54 11.60 2.56 5.79
N PRO A 55 11.11 1.54 6.52
CA PRO A 55 12.13 0.81 7.28
C PRO A 55 13.07 0.01 6.39
N ILE A 56 12.62 -0.35 5.19
CA ILE A 56 13.45 -1.14 4.28
C ILE A 56 14.41 -0.30 3.47
N CYS A 57 13.90 0.63 2.69
CA CYS A 57 14.73 1.38 1.75
C CYS A 57 15.01 2.83 2.15
N LYS A 58 14.42 3.26 3.27
CA LYS A 58 14.59 4.63 3.81
C LYS A 58 14.24 5.78 2.85
N LYS A 59 13.53 5.45 1.78
CA LYS A 59 13.13 6.48 0.81
C LYS A 59 11.97 7.26 1.41
N GLU A 60 11.90 8.54 1.07
CA GLU A 60 10.89 9.44 1.63
C GLU A 60 9.47 8.97 1.39
N ILE A 61 8.68 8.98 2.45
CA ILE A 61 7.29 8.52 2.39
C ILE A 61 6.40 9.65 1.91
N GLN A 62 5.86 9.51 0.72
CA GLN A 62 4.95 10.51 0.18
C GLN A 62 3.59 10.33 0.85
N LEU A 63 3.13 9.09 0.93
CA LEU A 63 1.85 8.79 1.58
C LEU A 63 1.82 7.36 2.07
N VAL A 64 0.81 7.07 2.89
CA VAL A 64 0.55 5.75 3.42
C VAL A 64 -0.92 5.58 3.07
N ILE A 65 -1.35 4.36 2.81
CA ILE A 65 -2.71 4.10 2.36
C ILE A 65 -3.28 3.05 3.29
N LYS A 66 -4.59 3.08 3.48
CA LYS A 66 -5.28 2.15 4.37
C LYS A 66 -6.05 1.16 3.50
N VAL A 67 -5.50 -0.02 3.39
CA VAL A 67 -6.11 -1.10 2.60
C VAL A 67 -7.09 -1.93 3.45
N PHE A 68 -8.21 -2.34 2.86
CA PHE A 68 -9.11 -3.28 3.52
C PHE A 68 -9.83 -4.03 2.41
N ILE A 69 -10.46 -5.14 2.77
CA ILE A 69 -11.31 -5.90 1.86
C ILE A 69 -12.73 -5.78 2.45
N ALA A 70 -13.43 -4.73 2.06
CA ALA A 70 -14.77 -4.45 2.53
C ALA A 70 -15.49 -3.80 1.36
N GLY B 1 -7.31 14.82 -11.78
CA GLY B 1 -8.34 13.82 -11.98
C GLY B 1 -7.86 12.58 -11.26
N GLY B 2 -7.73 11.47 -11.97
CA GLY B 2 -7.18 10.26 -11.36
C GLY B 2 -7.95 9.70 -10.17
N VAL B 3 -9.27 9.77 -10.22
CA VAL B 3 -10.10 9.32 -9.10
C VAL B 3 -10.95 8.10 -9.44
N CYS B 4 -10.84 7.10 -8.58
CA CYS B 4 -11.61 5.86 -8.66
C CYS B 4 -12.27 5.64 -7.30
N PRO B 5 -13.39 4.90 -7.25
CA PRO B 5 -13.92 4.62 -5.91
C PRO B 5 -13.00 3.66 -5.14
N ASN B 6 -12.20 2.90 -5.87
CA ASN B 6 -11.24 1.95 -5.30
C ASN B 6 -9.94 2.66 -4.89
N LEU B 7 -10.05 3.87 -4.36
CA LEU B 7 -8.87 4.65 -4.00
C LEU B 7 -8.25 4.12 -2.71
N TYR B 8 -9.02 3.37 -1.95
CA TYR B 8 -8.51 2.69 -0.76
C TYR B 8 -8.96 1.23 -0.81
N LEU B 9 -8.59 0.53 -1.87
CA LEU B 9 -8.90 -0.89 -2.01
C LEU B 9 -7.74 -1.59 -2.68
N LEU B 10 -7.57 -2.87 -2.38
CA LEU B 10 -6.51 -3.67 -2.96
C LEU B 10 -6.88 -4.00 -4.41
N CYS B 11 -5.90 -3.91 -5.31
CA CYS B 11 -6.11 -4.25 -6.73
C CYS B 11 -4.90 -5.06 -7.18
N ARG B 12 -5.07 -5.82 -8.26
CA ARG B 12 -3.97 -6.66 -8.81
C ARG B 12 -3.60 -6.34 -10.26
N ARG B 13 -4.43 -5.57 -10.95
CA ARG B 13 -4.23 -5.22 -12.37
C ARG B 13 -4.93 -3.90 -12.53
N ASP B 14 -4.68 -3.17 -13.61
CA ASP B 14 -5.42 -1.94 -13.87
C ASP B 14 -6.90 -2.26 -14.08
N SER B 15 -7.17 -3.40 -14.71
CA SER B 15 -8.54 -3.88 -14.96
C SER B 15 -9.16 -4.52 -13.71
N ASP B 16 -8.49 -4.35 -12.59
CA ASP B 16 -8.88 -4.92 -11.30
C ASP B 16 -9.35 -3.80 -10.39
N CYS B 17 -9.57 -2.63 -10.98
CA CYS B 17 -9.87 -1.40 -10.24
C CYS B 17 -10.60 -0.43 -11.18
N PRO B 18 -11.94 -0.34 -11.04
CA PRO B 18 -12.69 0.57 -11.91
C PRO B 18 -12.52 2.04 -11.54
N GLY B 19 -12.82 2.92 -12.48
CA GLY B 19 -12.67 4.35 -12.28
C GLY B 19 -11.47 4.83 -13.07
N ALA B 20 -11.18 6.12 -13.02
CA ALA B 20 -10.05 6.66 -13.78
C ALA B 20 -8.78 6.54 -12.92
N CYS B 21 -8.18 5.37 -12.90
CA CYS B 21 -6.99 5.13 -12.08
C CYS B 21 -6.13 4.05 -12.71
N ILE B 22 -4.92 3.89 -12.17
CA ILE B 22 -4.02 2.80 -12.56
C ILE B 22 -3.67 2.06 -11.27
N CYS B 23 -3.25 0.81 -11.39
CA CYS B 23 -3.00 -0.06 -10.24
C CYS B 23 -1.54 -0.46 -10.21
N ARG B 24 -1.05 -0.83 -9.02
CA ARG B 24 0.33 -1.23 -8.84
C ARG B 24 0.40 -2.26 -7.72
N HIS B 25 1.52 -2.96 -7.62
CA HIS B 25 1.70 -4.04 -6.64
C HIS B 25 1.66 -3.58 -5.17
N ASP B 26 1.64 -2.27 -4.97
CA ASP B 26 1.64 -1.67 -3.62
C ASP B 26 0.26 -1.78 -2.96
N SER B 27 -0.64 -2.52 -3.61
CA SER B 27 -2.04 -2.67 -3.16
C SER B 27 -2.73 -1.32 -3.13
N TYR B 28 -2.26 -0.44 -4.01
CA TYR B 28 -2.78 0.91 -4.12
C TYR B 28 -3.29 1.14 -5.54
N CYS B 29 -4.46 1.74 -5.63
CA CYS B 29 -5.02 2.15 -6.91
C CYS B 29 -5.24 3.64 -6.71
N GLY B 30 -5.06 4.44 -7.75
CA GLY B 30 -5.18 5.88 -7.57
C GLY B 30 -4.29 6.65 -8.51
N SER B 31 -3.84 7.80 -8.00
CA SER B 31 -2.98 8.84 -8.65
C SER B 31 -3.88 10.05 -8.91
N GLY B 32 -4.43 10.61 -7.83
CA GLY B 32 -5.41 11.70 -7.89
C GLY B 32 -5.00 13.08 -8.39
N SER B 33 -3.97 13.17 -9.21
CA SER B 33 -3.52 14.43 -9.76
C SER B 33 -4.29 14.70 -11.06
N ASP B 34 -4.82 15.91 -11.19
CA ASP B 34 -5.54 16.35 -12.40
C ASP B 34 -6.68 15.40 -12.79
N MET A 4 -7.53 -20.41 -1.93
CA MET A 4 -7.55 -18.96 -1.93
C MET A 4 -6.09 -18.53 -1.94
N TYR A 5 -5.84 -17.29 -2.36
CA TYR A 5 -4.49 -16.71 -2.47
C TYR A 5 -3.49 -17.54 -3.27
N SER A 6 -3.85 -17.82 -4.53
CA SER A 6 -2.97 -18.57 -5.43
C SER A 6 -1.87 -17.67 -5.99
N GLY A 7 -0.88 -17.35 -5.16
CA GLY A 7 0.23 -16.50 -5.56
C GLY A 7 1.26 -16.49 -4.45
N GLU A 8 2.08 -17.52 -4.39
CA GLU A 8 3.08 -17.66 -3.32
C GLU A 8 4.14 -16.57 -3.36
N ASP A 9 4.42 -16.06 -4.54
CA ASP A 9 5.37 -14.95 -4.71
C ASP A 9 4.93 -13.73 -3.90
N CYS A 10 3.61 -13.58 -3.80
CA CYS A 10 2.98 -12.47 -3.12
C CYS A 10 2.77 -12.79 -1.64
N GLN A 11 2.97 -14.03 -1.23
CA GLN A 11 2.68 -14.48 0.13
C GLN A 11 3.45 -13.67 1.18
N ASN A 12 4.59 -13.14 0.80
CA ASN A 12 5.39 -12.33 1.72
C ASN A 12 4.66 -11.02 2.01
N LEU A 13 3.94 -10.49 1.02
CA LEU A 13 3.13 -9.28 1.18
C LEU A 13 1.82 -9.60 1.92
N LEU A 14 1.30 -10.81 1.71
CA LEU A 14 0.04 -11.24 2.31
C LEU A 14 0.12 -11.47 3.81
N LYS A 15 1.33 -11.60 4.35
CA LYS A 15 1.48 -11.83 5.78
C LYS A 15 0.98 -10.57 6.51
N PRO A 16 0.38 -10.71 7.70
CA PRO A 16 -0.21 -9.54 8.37
C PRO A 16 0.82 -8.53 8.88
N CYS A 17 0.34 -7.48 9.53
CA CYS A 17 1.21 -6.46 10.11
C CYS A 17 2.11 -7.19 11.09
N SER A 18 3.39 -6.88 11.06
CA SER A 18 4.38 -7.62 11.86
C SER A 18 4.39 -7.12 13.28
N LEU A 19 3.96 -5.89 13.45
CA LEU A 19 3.90 -5.26 14.76
C LEU A 19 2.59 -5.64 15.44
N CYS A 20 1.51 -5.62 14.68
CA CYS A 20 0.20 -5.90 15.23
C CYS A 20 -0.33 -7.33 15.15
N GLU A 21 -0.20 -7.95 13.97
CA GLU A 21 -0.85 -9.23 13.60
C GLU A 21 -2.38 -9.25 13.83
N LYS A 22 -2.96 -8.08 14.06
CA LYS A 22 -4.40 -7.98 14.35
C LYS A 22 -5.15 -7.52 13.13
N ARG A 23 -4.41 -7.23 12.09
CA ARG A 23 -4.97 -6.68 10.88
C ARG A 23 -4.03 -6.99 9.73
N PRO A 24 -4.53 -7.03 8.48
CA PRO A 24 -3.66 -7.33 7.36
C PRO A 24 -2.66 -6.22 7.08
N ARG A 25 -1.79 -6.44 6.11
CA ARG A 25 -0.78 -5.47 5.74
C ARG A 25 -1.35 -4.44 4.77
N ASP A 26 -2.03 -3.45 5.32
CA ASP A 26 -2.67 -2.41 4.52
C ASP A 26 -1.87 -1.11 4.50
N GLY A 27 -0.65 -1.19 4.99
CA GLY A 27 0.25 -0.06 5.00
C GLY A 27 1.28 -0.26 3.92
N ASN A 28 1.10 0.46 2.83
CA ASN A 28 1.99 0.39 1.70
C ASN A 28 2.83 1.64 1.78
N ILE A 29 4.12 1.56 1.48
CA ILE A 29 5.00 2.72 1.54
C ILE A 29 5.60 3.00 0.16
N ILE A 30 5.14 4.06 -0.49
CA ILE A 30 5.67 4.55 -1.76
C ILE A 30 6.89 5.46 -1.65
N HIS A 31 7.95 5.08 -2.36
CA HIS A 31 9.10 5.94 -2.57
C HIS A 31 9.39 6.10 -4.07
N GLY A 32 8.87 7.13 -4.70
CA GLY A 32 9.15 7.37 -6.09
C GLY A 32 8.30 6.52 -7.00
N ARG A 33 8.89 5.44 -7.49
CA ARG A 33 8.25 4.61 -8.51
C ARG A 33 8.01 3.19 -8.05
N THR A 34 8.39 2.90 -6.81
CA THR A 34 8.15 1.59 -6.19
C THR A 34 7.74 1.80 -4.75
N GLY A 35 7.23 0.75 -4.14
CA GLY A 35 6.89 0.79 -2.73
C GLY A 35 6.96 -0.56 -2.03
N HIS A 36 7.31 -0.56 -0.76
CA HIS A 36 7.30 -1.79 0.03
C HIS A 36 6.10 -1.85 0.97
N LEU A 37 5.39 -2.97 0.91
CA LEU A 37 4.26 -3.24 1.80
C LEU A 37 4.85 -3.95 3.00
N VAL A 38 4.89 -3.29 4.15
CA VAL A 38 5.54 -3.86 5.34
C VAL A 38 4.75 -3.90 6.65
N THR A 39 3.75 -3.05 6.81
CA THR A 39 3.01 -2.97 8.08
C THR A 39 1.56 -2.64 7.80
N CYS A 40 0.77 -2.37 8.84
CA CYS A 40 -0.57 -1.88 8.64
C CYS A 40 -0.47 -0.36 8.45
N PHE A 41 -1.53 0.25 7.94
CA PHE A 41 -1.55 1.70 7.68
C PHE A 41 -1.20 2.52 8.91
N HIS A 42 -1.75 2.13 10.06
CA HIS A 42 -1.53 2.87 11.30
C HIS A 42 -0.04 2.93 11.66
N CYS A 43 0.64 1.80 11.54
CA CYS A 43 2.07 1.75 11.84
C CYS A 43 2.86 2.54 10.80
N ALA A 44 2.52 2.40 9.54
CA ALA A 44 3.24 3.10 8.46
C ALA A 44 3.12 4.63 8.60
N ARG A 45 1.93 5.11 8.94
CA ARG A 45 1.70 6.55 9.11
C ARG A 45 2.51 7.07 10.30
N ARG A 46 2.57 6.28 11.37
CA ARG A 46 3.34 6.64 12.56
C ARG A 46 4.83 6.62 12.25
N LEU A 47 5.26 5.68 11.42
CA LEU A 47 6.67 5.48 11.13
C LEU A 47 7.40 6.68 10.54
N LYS A 48 6.88 7.28 9.46
CA LYS A 48 7.63 8.36 8.84
C LYS A 48 7.69 9.62 9.68
N LYS A 49 6.65 9.90 10.47
CA LYS A 49 6.67 11.09 11.32
C LYS A 49 7.65 10.93 12.48
N ALA A 50 8.02 9.68 12.77
CA ALA A 50 9.02 9.39 13.80
C ALA A 50 10.43 9.55 13.24
N GLY A 51 10.53 9.85 11.95
CA GLY A 51 11.82 10.05 11.30
C GLY A 51 12.40 8.78 10.72
N ALA A 52 11.69 7.68 10.90
CA ALA A 52 12.15 6.40 10.37
C ALA A 52 11.72 6.27 8.90
N SER A 53 12.63 5.74 8.09
CA SER A 53 12.41 5.58 6.67
C SER A 53 11.88 4.16 6.42
N CYS A 54 11.78 3.73 5.16
CA CYS A 54 11.27 2.38 4.85
C CYS A 54 12.04 1.34 5.67
N PRO A 55 11.34 0.38 6.31
CA PRO A 55 12.08 -0.62 7.06
C PRO A 55 13.01 -1.48 6.23
N ILE A 56 12.72 -1.62 4.93
CA ILE A 56 13.54 -2.46 4.07
C ILE A 56 14.67 -1.70 3.38
N CYS A 57 14.32 -0.67 2.62
CA CYS A 57 15.32 0.02 1.81
C CYS A 57 15.74 1.40 2.30
N LYS A 58 15.12 1.85 3.39
CA LYS A 58 15.38 3.18 3.99
C LYS A 58 15.26 4.37 2.99
N LYS A 59 14.56 4.16 1.88
CA LYS A 59 14.35 5.24 0.92
C LYS A 59 13.24 6.16 1.44
N GLU A 60 13.34 7.44 1.13
CA GLU A 60 12.42 8.47 1.64
C GLU A 60 10.96 8.14 1.40
N ILE A 61 10.14 8.26 2.43
CA ILE A 61 8.72 7.93 2.32
C ILE A 61 7.93 9.14 1.89
N GLN A 62 7.52 9.15 0.62
CA GLN A 62 6.74 10.27 0.10
C GLN A 62 5.34 10.19 0.68
N LEU A 63 4.73 9.02 0.58
CA LEU A 63 3.39 8.80 1.09
C LEU A 63 3.13 7.33 1.35
N VAL A 64 2.01 7.09 2.01
CA VAL A 64 1.58 5.74 2.37
C VAL A 64 0.08 5.81 2.08
N ILE A 65 -0.54 4.71 1.67
CA ILE A 65 -1.96 4.72 1.32
C ILE A 65 -2.67 3.66 2.14
N LYS A 66 -3.98 3.80 2.27
CA LYS A 66 -4.80 2.94 3.12
C LYS A 66 -5.60 1.95 2.29
N VAL A 67 -5.10 0.74 2.23
CA VAL A 67 -5.66 -0.35 1.43
C VAL A 67 -6.72 -1.17 2.19
N PHE A 68 -7.74 -1.67 1.50
CA PHE A 68 -8.71 -2.55 2.13
C PHE A 68 -9.28 -3.46 1.07
N ILE A 69 -9.91 -4.54 1.51
CA ILE A 69 -10.60 -5.45 0.61
C ILE A 69 -12.08 -5.22 0.92
N ALA A 70 -12.59 -4.13 0.37
CA ALA A 70 -13.97 -3.72 0.54
C ALA A 70 -14.28 -2.98 -0.74
N GLY B 1 -1.66 15.72 -4.26
CA GLY B 1 -2.99 16.24 -3.95
C GLY B 1 -4.10 15.68 -4.82
N GLY B 2 -3.74 14.87 -5.80
CA GLY B 2 -4.72 14.24 -6.66
C GLY B 2 -5.65 13.33 -5.87
N VAL B 3 -6.90 13.25 -6.27
CA VAL B 3 -7.87 12.39 -5.59
C VAL B 3 -8.78 11.77 -6.66
N CYS B 4 -9.10 10.49 -6.47
CA CYS B 4 -9.97 9.76 -7.38
C CYS B 4 -11.08 9.13 -6.54
N PRO B 5 -12.28 8.89 -7.10
CA PRO B 5 -13.39 8.31 -6.32
C PRO B 5 -13.34 6.77 -6.19
N ASN B 6 -12.15 6.19 -6.32
CA ASN B 6 -12.00 4.74 -6.31
C ASN B 6 -11.83 4.18 -4.91
N LEU B 7 -12.05 2.88 -4.79
CA LEU B 7 -11.77 2.16 -3.56
C LEU B 7 -10.30 1.78 -3.63
N TYR B 8 -9.58 1.91 -2.53
CA TYR B 8 -8.16 1.58 -2.49
C TYR B 8 -7.98 0.08 -2.26
N LEU B 9 -8.14 -0.68 -3.33
CA LEU B 9 -7.97 -2.13 -3.29
C LEU B 9 -6.60 -2.52 -3.82
N LEU B 10 -6.23 -3.79 -3.64
CA LEU B 10 -4.97 -4.31 -4.15
C LEU B 10 -5.10 -4.41 -5.67
N CYS B 11 -4.25 -3.70 -6.40
CA CYS B 11 -4.34 -3.67 -7.87
C CYS B 11 -2.96 -3.86 -8.50
N ARG B 12 -2.92 -4.25 -9.77
CA ARG B 12 -1.66 -4.42 -10.51
C ARG B 12 -1.65 -3.60 -11.80
N ARG B 13 -2.83 -3.44 -12.38
CA ARG B 13 -3.04 -2.72 -13.63
C ARG B 13 -4.09 -1.66 -13.39
N ASP B 14 -4.17 -0.67 -14.26
CA ASP B 14 -5.20 0.38 -14.15
C ASP B 14 -6.60 -0.22 -14.23
N SER B 15 -6.74 -1.29 -15.01
CA SER B 15 -8.01 -1.98 -15.19
C SER B 15 -8.44 -2.83 -13.99
N ASP B 16 -7.56 -2.90 -12.99
CA ASP B 16 -7.80 -3.69 -11.77
C ASP B 16 -8.47 -2.81 -10.71
N CYS B 17 -8.96 -1.64 -11.12
CA CYS B 17 -9.41 -0.63 -10.18
C CYS B 17 -10.42 0.31 -10.87
N PRO B 18 -11.50 0.69 -10.16
CA PRO B 18 -12.55 1.49 -10.81
C PRO B 18 -12.26 2.98 -11.00
N GLY B 19 -12.97 3.56 -11.97
CA GLY B 19 -12.85 4.98 -12.25
C GLY B 19 -11.67 5.29 -13.16
N ALA B 20 -11.56 6.53 -13.61
CA ALA B 20 -10.44 6.93 -14.44
C ALA B 20 -9.31 7.31 -13.46
N CYS B 21 -8.64 6.29 -12.96
CA CYS B 21 -7.59 6.46 -11.96
C CYS B 21 -6.40 5.64 -12.40
N ILE B 22 -5.24 5.91 -11.83
CA ILE B 22 -4.05 5.13 -12.17
C ILE B 22 -3.67 4.19 -11.03
N CYS B 23 -3.11 3.05 -11.39
CA CYS B 23 -2.69 2.02 -10.46
C CYS B 23 -1.24 1.66 -10.78
N ARG B 24 -0.55 1.05 -9.82
CA ARG B 24 0.82 0.59 -10.00
C ARG B 24 1.01 -0.67 -9.17
N HIS B 25 2.10 -1.39 -9.44
CA HIS B 25 2.39 -2.67 -8.79
C HIS B 25 2.59 -2.61 -7.26
N ASP B 26 2.65 -1.42 -6.69
CA ASP B 26 2.79 -1.24 -5.23
C ASP B 26 1.44 -1.47 -4.54
N SER B 27 0.48 -2.01 -5.29
CA SER B 27 -0.89 -2.25 -4.82
C SER B 27 -1.50 -0.92 -4.39
N TYR B 28 -1.20 0.07 -5.20
CA TYR B 28 -1.59 1.45 -4.95
C TYR B 28 -2.44 1.91 -6.13
N CYS B 29 -3.63 2.42 -5.86
CA CYS B 29 -4.54 2.95 -6.89
C CYS B 29 -5.21 4.18 -6.35
N GLY B 30 -5.47 5.15 -7.21
CA GLY B 30 -6.22 6.33 -6.80
C GLY B 30 -5.62 7.67 -7.12
N SER B 31 -4.54 7.68 -7.91
CA SER B 31 -3.90 8.93 -8.36
C SER B 31 -3.56 9.91 -7.22
N GLY B 32 -3.33 9.39 -6.02
CA GLY B 32 -3.07 10.20 -4.83
C GLY B 32 -1.76 10.97 -4.76
N SER B 33 -1.19 11.31 -5.90
CA SER B 33 0.08 12.02 -5.95
C SER B 33 -0.19 13.51 -6.03
N ASP B 34 0.58 14.28 -5.26
CA ASP B 34 0.54 15.76 -5.30
C ASP B 34 -0.85 16.37 -5.08
N MET A 4 -0.96 -14.47 -8.86
CA MET A 4 0.07 -14.01 -7.94
C MET A 4 -0.56 -14.23 -6.57
N TYR A 5 0.25 -14.33 -5.53
CA TYR A 5 -0.20 -14.62 -4.16
C TYR A 5 -1.05 -15.88 -4.06
N SER A 6 -0.48 -17.00 -4.51
CA SER A 6 -1.19 -18.29 -4.44
C SER A 6 -1.29 -18.67 -2.97
N GLY A 7 -0.24 -18.34 -2.22
CA GLY A 7 -0.26 -18.53 -0.78
C GLY A 7 1.09 -18.70 -0.14
N GLU A 8 1.63 -19.91 -0.19
CA GLU A 8 2.90 -20.20 0.48
C GLU A 8 4.09 -19.53 -0.20
N ASP A 9 4.05 -19.38 -1.51
CA ASP A 9 5.13 -18.72 -2.23
C ASP A 9 5.32 -17.27 -1.79
N CYS A 10 4.18 -16.60 -1.63
CA CYS A 10 4.11 -15.21 -1.23
C CYS A 10 4.04 -14.99 0.26
N GLN A 11 4.08 -16.04 1.07
CA GLN A 11 3.89 -15.91 2.53
C GLN A 11 4.79 -14.86 3.19
N ASN A 12 5.96 -14.62 2.61
CA ASN A 12 6.84 -13.57 3.10
C ASN A 12 6.33 -12.17 2.69
N LEU A 13 5.79 -12.06 1.48
CA LEU A 13 5.28 -10.78 0.96
C LEU A 13 3.91 -10.43 1.52
N LEU A 14 3.08 -11.45 1.71
CA LEU A 14 1.70 -11.27 2.19
C LEU A 14 1.62 -11.27 3.70
N LYS A 15 2.79 -11.23 4.34
CA LYS A 15 2.88 -11.29 5.79
C LYS A 15 2.15 -10.07 6.37
N PRO A 16 1.43 -10.24 7.50
CA PRO A 16 0.69 -9.11 8.09
C PRO A 16 1.58 -7.97 8.61
N CYS A 17 1.00 -7.08 9.40
CA CYS A 17 1.75 -5.97 9.97
C CYS A 17 2.91 -6.53 10.77
N SER A 18 4.09 -5.99 10.57
CA SER A 18 5.31 -6.52 11.17
C SER A 18 5.37 -6.23 12.66
N LEU A 19 4.75 -5.13 13.05
CA LEU A 19 4.74 -4.71 14.44
C LEU A 19 3.59 -5.37 15.20
N CYS A 20 2.44 -5.49 14.55
CA CYS A 20 1.26 -6.05 15.20
C CYS A 20 1.03 -7.54 15.02
N GLU A 21 1.18 -8.01 13.78
CA GLU A 21 0.74 -9.34 13.28
C GLU A 21 -0.72 -9.68 13.58
N LYS A 22 -1.43 -8.70 14.14
CA LYS A 22 -2.83 -8.85 14.54
C LYS A 22 -3.79 -8.28 13.53
N ARG A 23 -3.22 -7.77 12.44
CA ARG A 23 -3.99 -7.14 11.39
C ARG A 23 -3.12 -7.23 10.14
N PRO A 24 -3.73 -7.26 8.94
CA PRO A 24 -2.91 -7.42 7.73
C PRO A 24 -2.03 -6.20 7.47
N ARG A 25 -1.16 -6.33 6.48
CA ARG A 25 -0.29 -5.23 6.10
C ARG A 25 -1.10 -4.36 5.15
N ASP A 26 -1.95 -3.54 5.72
CA ASP A 26 -2.86 -2.68 4.96
C ASP A 26 -2.38 -1.23 4.93
N GLY A 27 -1.16 -1.02 5.40
CA GLY A 27 -0.54 0.28 5.38
C GLY A 27 0.53 0.27 4.33
N ASN A 28 0.24 0.89 3.21
CA ASN A 28 1.19 0.97 2.13
C ASN A 28 1.73 2.39 2.12
N ILE A 29 3.02 2.53 1.88
CA ILE A 29 3.66 3.84 1.89
C ILE A 29 4.09 4.24 0.48
N ILE A 30 3.39 5.20 -0.11
CA ILE A 30 3.72 5.75 -1.42
C ILE A 30 4.64 6.97 -1.33
N HIS A 31 5.76 6.88 -2.03
CA HIS A 31 6.64 8.02 -2.24
C HIS A 31 6.81 8.26 -3.74
N GLY A 32 6.06 9.20 -4.30
CA GLY A 32 6.17 9.51 -5.71
C GLY A 32 5.38 8.52 -6.54
N ARG A 33 6.10 7.59 -7.17
CA ARG A 33 5.49 6.61 -8.07
C ARG A 33 5.90 5.21 -7.68
N THR A 34 6.33 5.08 -6.43
CA THR A 34 6.78 3.80 -5.89
C THR A 34 6.31 3.70 -4.46
N GLY A 35 6.23 2.49 -3.93
CA GLY A 35 5.90 2.35 -2.53
C GLY A 35 6.37 1.07 -1.84
N HIS A 36 6.66 1.17 -0.56
CA HIS A 36 6.99 0.00 0.26
C HIS A 36 5.83 -0.47 1.15
N LEU A 37 5.66 -1.78 1.22
CA LEU A 37 4.62 -2.43 2.04
C LEU A 37 5.29 -2.89 3.33
N VAL A 38 5.03 -2.23 4.45
CA VAL A 38 5.72 -2.62 5.70
C VAL A 38 4.92 -2.81 6.99
N THR A 39 3.76 -2.16 7.15
CA THR A 39 3.02 -2.24 8.41
C THR A 39 1.53 -2.08 8.12
N CYS A 40 0.71 -2.01 9.16
CA CYS A 40 -0.69 -1.70 8.98
C CYS A 40 -0.83 -0.18 8.92
N PHE A 41 -1.95 0.29 8.39
CA PHE A 41 -2.25 1.72 8.22
C PHE A 41 -2.09 2.47 9.53
N HIS A 42 -2.50 1.84 10.61
CA HIS A 42 -2.42 2.43 11.94
C HIS A 42 -0.98 2.76 12.34
N CYS A 43 -0.07 1.84 12.06
CA CYS A 43 1.34 2.04 12.39
C CYS A 43 1.98 3.05 11.44
N ALA A 44 1.70 2.92 10.15
CA ALA A 44 2.27 3.82 9.15
C ALA A 44 1.85 5.29 9.41
N ARG A 45 0.59 5.50 9.76
CA ARG A 45 0.13 6.86 10.05
C ARG A 45 0.76 7.40 11.34
N ARG A 46 0.94 6.52 12.33
CA ARG A 46 1.60 6.92 13.59
C ARG A 46 3.06 7.29 13.31
N LEU A 47 3.69 6.57 12.40
CA LEU A 47 5.08 6.81 12.03
C LEU A 47 5.28 8.24 11.52
N LYS A 48 4.42 8.68 10.62
CA LYS A 48 4.49 10.05 10.11
C LYS A 48 4.20 11.09 11.18
N LYS A 49 3.36 10.78 12.17
CA LYS A 49 3.10 11.74 13.25
C LYS A 49 4.40 11.98 14.02
N ALA A 50 5.20 10.93 14.17
CA ALA A 50 6.50 11.01 14.82
C ALA A 50 7.55 11.71 13.92
N GLY A 51 7.14 12.13 12.74
CA GLY A 51 8.01 12.83 11.81
C GLY A 51 8.82 11.91 10.93
N ALA A 52 8.61 10.62 11.05
CA ALA A 52 9.40 9.65 10.28
C ALA A 52 8.85 9.30 8.90
N SER A 53 9.80 9.16 7.99
CA SER A 53 9.60 8.76 6.60
C SER A 53 9.57 7.23 6.50
N CYS A 54 9.61 6.68 5.28
CA CYS A 54 9.57 5.22 5.09
C CYS A 54 10.63 4.54 5.94
N PRO A 55 10.29 3.44 6.63
CA PRO A 55 11.36 2.82 7.42
C PRO A 55 12.37 2.08 6.55
N ILE A 56 12.03 1.85 5.29
CA ILE A 56 12.93 1.15 4.38
C ILE A 56 13.93 2.11 3.74
N CYS A 57 13.40 3.04 2.97
CA CYS A 57 14.22 3.91 2.15
C CYS A 57 14.33 5.34 2.65
N LYS A 58 13.63 5.65 3.72
CA LYS A 58 13.59 7.00 4.33
C LYS A 58 13.20 8.10 3.34
N LYS A 59 12.58 7.73 2.22
CA LYS A 59 12.12 8.70 1.25
C LYS A 59 10.85 9.28 1.83
N GLU A 60 10.60 10.55 1.60
CA GLU A 60 9.42 11.20 2.16
C GLU A 60 8.10 10.62 1.67
N ILE A 61 7.24 10.34 2.61
CA ILE A 61 5.95 9.71 2.36
C ILE A 61 4.98 10.75 1.84
N GLN A 62 4.53 10.55 0.61
CA GLN A 62 3.58 11.43 -0.03
C GLN A 62 2.19 11.12 0.52
N LEU A 63 1.88 9.84 0.66
CA LEU A 63 0.61 9.41 1.23
C LEU A 63 0.71 7.98 1.76
N VAL A 64 -0.25 7.61 2.58
CA VAL A 64 -0.40 6.25 3.09
C VAL A 64 -1.82 5.93 2.65
N ILE A 65 -2.10 4.69 2.32
CA ILE A 65 -3.45 4.31 1.89
C ILE A 65 -3.89 3.13 2.73
N LYS A 66 -5.20 3.01 2.88
CA LYS A 66 -5.83 1.96 3.66
C LYS A 66 -6.28 0.87 2.70
N VAL A 67 -5.57 -0.23 2.65
CA VAL A 67 -5.95 -1.34 1.77
C VAL A 67 -6.98 -2.28 2.44
N PHE A 68 -7.95 -2.78 1.68
CA PHE A 68 -8.89 -3.80 2.16
C PHE A 68 -9.48 -4.54 0.97
N ILE A 69 -10.07 -5.69 1.23
CA ILE A 69 -10.82 -6.45 0.25
C ILE A 69 -12.28 -6.43 0.72
N ALA A 70 -13.01 -5.40 0.29
CA ALA A 70 -14.40 -5.19 0.70
C ALA A 70 -15.10 -4.60 -0.51
N GLY B 1 -4.72 14.76 -12.60
CA GLY B 1 -5.74 15.41 -11.79
C GLY B 1 -7.06 14.67 -11.72
N GLY B 2 -7.22 13.61 -12.50
CA GLY B 2 -8.46 12.85 -12.50
C GLY B 2 -8.69 12.08 -11.22
N VAL B 3 -9.94 12.04 -10.78
CA VAL B 3 -10.32 11.35 -9.55
C VAL B 3 -11.52 10.45 -9.81
N CYS B 4 -11.43 9.19 -9.41
CA CYS B 4 -12.53 8.25 -9.55
C CYS B 4 -12.79 7.61 -8.19
N PRO B 5 -14.00 7.07 -7.94
CA PRO B 5 -14.27 6.40 -6.66
C PRO B 5 -13.75 4.95 -6.62
N ASN B 6 -12.44 4.77 -6.65
CA ASN B 6 -11.87 3.43 -6.68
C ASN B 6 -11.85 2.77 -5.30
N LEU B 7 -11.88 1.44 -5.32
CA LEU B 7 -11.80 0.65 -4.11
C LEU B 7 -10.31 0.47 -3.80
N TYR B 8 -9.92 0.63 -2.54
CA TYR B 8 -8.52 0.51 -2.16
C TYR B 8 -8.13 -0.96 -1.93
N LEU B 9 -8.04 -1.72 -3.01
CA LEU B 9 -7.68 -3.14 -2.91
C LEU B 9 -6.29 -3.43 -3.46
N LEU B 10 -5.80 -4.64 -3.23
CA LEU B 10 -4.51 -5.08 -3.74
C LEU B 10 -4.69 -5.28 -5.25
N CYS B 11 -3.96 -4.51 -6.04
CA CYS B 11 -4.06 -4.60 -7.49
C CYS B 11 -2.65 -4.64 -8.07
N ARG B 12 -2.53 -5.06 -9.32
CA ARG B 12 -1.23 -5.18 -9.98
C ARG B 12 -1.26 -4.32 -11.25
N ARG B 13 -2.42 -4.29 -11.87
CA ARG B 13 -2.69 -3.49 -13.05
C ARG B 13 -3.92 -2.68 -12.74
N ASP B 14 -4.11 -1.64 -13.51
CA ASP B 14 -5.23 -0.71 -13.36
C ASP B 14 -6.58 -1.42 -13.52
N SER B 15 -6.59 -2.46 -14.36
CA SER B 15 -7.82 -3.23 -14.63
C SER B 15 -8.19 -4.18 -13.50
N ASP B 16 -7.38 -4.22 -12.45
CA ASP B 16 -7.62 -5.07 -11.28
C ASP B 16 -8.43 -4.29 -10.25
N CYS B 17 -9.00 -3.16 -10.63
CA CYS B 17 -9.59 -2.23 -9.68
C CYS B 17 -10.63 -1.36 -10.39
N PRO B 18 -11.78 -1.09 -9.73
CA PRO B 18 -12.84 -0.33 -10.42
C PRO B 18 -12.60 1.17 -10.56
N GLY B 19 -13.20 1.73 -11.61
CA GLY B 19 -13.13 3.16 -11.86
C GLY B 19 -11.92 3.56 -12.68
N ALA B 20 -11.92 4.79 -13.19
CA ALA B 20 -10.80 5.29 -13.98
C ALA B 20 -9.73 5.82 -13.02
N CYS B 21 -8.93 4.90 -12.49
CA CYS B 21 -7.86 5.21 -11.55
C CYS B 21 -6.75 4.24 -11.93
N ILE B 22 -5.55 4.41 -11.36
CA ILE B 22 -4.41 3.58 -11.75
C ILE B 22 -3.82 2.79 -10.60
N CYS B 23 -3.01 1.78 -10.96
CA CYS B 23 -2.36 0.92 -9.98
C CYS B 23 -0.86 0.83 -10.25
N ARG B 24 -0.11 0.43 -9.23
CA ARG B 24 1.34 0.23 -9.36
C ARG B 24 1.73 -0.94 -8.46
N HIS B 25 3.02 -1.26 -8.45
CA HIS B 25 3.57 -2.38 -7.68
C HIS B 25 3.41 -2.25 -6.16
N ASP B 26 3.01 -1.08 -5.69
CA ASP B 26 2.85 -0.82 -4.26
C ASP B 26 1.51 -1.36 -3.75
N SER B 27 0.81 -2.12 -4.59
CA SER B 27 -0.49 -2.73 -4.24
C SER B 27 -1.46 -1.64 -3.82
N TYR B 28 -1.37 -0.52 -4.51
CA TYR B 28 -2.18 0.65 -4.24
C TYR B 28 -2.96 0.96 -5.51
N CYS B 29 -4.23 1.25 -5.34
CA CYS B 29 -5.10 1.67 -6.43
C CYS B 29 -5.47 3.09 -6.06
N GLY B 30 -5.42 4.03 -6.99
CA GLY B 30 -5.77 5.39 -6.66
C GLY B 30 -5.81 6.40 -7.78
N SER B 31 -6.40 7.53 -7.43
CA SER B 31 -6.59 8.66 -8.32
C SER B 31 -5.37 9.57 -8.36
N GLY B 32 -5.42 10.60 -9.18
CA GLY B 32 -4.33 11.58 -9.27
C GLY B 32 -3.69 11.68 -10.63
N SER B 33 -3.99 10.75 -11.53
CA SER B 33 -3.42 10.82 -12.88
C SER B 33 -4.00 12.02 -13.59
N ASP B 34 -3.12 12.95 -13.97
CA ASP B 34 -3.50 14.21 -14.64
C ASP B 34 -4.64 14.95 -13.91
N MET A 4 -6.78 -15.10 -2.30
CA MET A 4 -6.94 -14.69 -3.69
C MET A 4 -5.61 -14.78 -4.41
N TYR A 5 -4.59 -15.20 -3.69
CA TYR A 5 -3.22 -15.18 -4.20
C TYR A 5 -2.70 -16.52 -4.67
N SER A 6 -1.69 -16.48 -5.52
CA SER A 6 -1.03 -17.69 -6.01
C SER A 6 0.45 -17.35 -6.21
N GLY A 7 1.17 -17.16 -5.11
CA GLY A 7 2.56 -16.76 -5.18
C GLY A 7 3.18 -16.82 -3.80
N GLU A 8 3.77 -17.95 -3.46
CA GLU A 8 4.33 -18.17 -2.13
C GLU A 8 5.53 -17.26 -1.83
N ASP A 9 6.27 -16.88 -2.84
CA ASP A 9 7.38 -15.93 -2.66
C ASP A 9 6.85 -14.63 -2.04
N CYS A 10 5.63 -14.27 -2.43
CA CYS A 10 4.97 -13.07 -1.95
C CYS A 10 4.15 -13.31 -0.67
N GLN A 11 4.15 -14.55 -0.17
CA GLN A 11 3.39 -14.91 1.03
C GLN A 11 3.86 -14.04 2.20
N ASN A 12 5.10 -13.60 2.13
CA ASN A 12 5.68 -12.78 3.19
C ASN A 12 4.98 -11.41 3.23
N LEU A 13 4.51 -10.92 2.09
CA LEU A 13 3.76 -9.66 2.03
C LEU A 13 2.31 -9.88 2.50
N LEU A 14 1.80 -11.09 2.32
CA LEU A 14 0.42 -11.43 2.68
C LEU A 14 0.27 -11.64 4.19
N LYS A 15 1.37 -11.83 4.88
CA LYS A 15 1.37 -12.00 6.33
C LYS A 15 0.91 -10.70 6.99
N PRO A 16 0.33 -10.78 8.19
CA PRO A 16 -0.23 -9.57 8.82
C PRO A 16 0.84 -8.58 9.27
N CYS A 17 0.41 -7.51 9.93
CA CYS A 17 1.32 -6.49 10.43
C CYS A 17 2.29 -7.22 11.37
N SER A 18 3.58 -6.95 11.24
CA SER A 18 4.59 -7.69 12.00
C SER A 18 4.71 -7.14 13.40
N LEU A 19 4.27 -5.89 13.53
CA LEU A 19 4.32 -5.18 14.80
C LEU A 19 3.10 -5.54 15.61
N CYS A 20 1.95 -5.59 14.95
CA CYS A 20 0.69 -5.87 15.63
C CYS A 20 0.22 -7.31 15.63
N GLU A 21 0.27 -7.95 14.46
CA GLU A 21 -0.39 -9.24 14.12
C GLU A 21 -1.90 -9.28 14.46
N LYS A 22 -2.43 -8.13 14.86
CA LYS A 22 -3.83 -7.99 15.25
C LYS A 22 -4.64 -7.45 14.10
N ARG A 23 -3.98 -7.22 12.99
CA ARG A 23 -4.62 -6.64 11.80
C ARG A 23 -3.79 -7.01 10.59
N PRO A 24 -4.42 -7.05 9.39
CA PRO A 24 -3.65 -7.40 8.18
C PRO A 24 -2.67 -6.31 7.80
N ARG A 25 -1.88 -6.57 6.77
CA ARG A 25 -0.89 -5.61 6.30
C ARG A 25 -1.52 -4.68 5.28
N ASP A 26 -2.23 -3.68 5.77
CA ASP A 26 -2.92 -2.70 4.91
C ASP A 26 -2.14 -1.39 4.80
N GLY A 27 -0.91 -1.39 5.29
CA GLY A 27 -0.04 -0.23 5.24
C GLY A 27 1.06 -0.46 4.24
N ASN A 28 0.94 0.17 3.09
CA ASN A 28 1.94 0.06 2.06
C ASN A 28 2.60 1.41 1.92
N ILE A 29 3.91 1.40 1.69
CA ILE A 29 4.70 2.62 1.61
C ILE A 29 5.15 2.89 0.18
N ILE A 30 4.56 3.89 -0.46
CA ILE A 30 4.96 4.35 -1.79
C ILE A 30 6.14 5.34 -1.81
N HIS A 31 7.17 4.96 -2.53
CA HIS A 31 8.29 5.84 -2.84
C HIS A 31 8.53 5.90 -4.36
N GLY A 32 7.93 6.86 -5.03
CA GLY A 32 8.17 7.04 -6.45
C GLY A 32 7.34 6.09 -7.28
N ARG A 33 7.99 5.07 -7.81
CA ARG A 33 7.35 4.15 -8.73
C ARG A 33 7.22 2.75 -8.16
N THR A 34 7.60 2.58 -6.91
CA THR A 34 7.48 1.31 -6.22
C THR A 34 6.98 1.55 -4.82
N GLY A 35 6.51 0.49 -4.17
CA GLY A 35 6.16 0.58 -2.76
C GLY A 35 6.29 -0.75 -2.03
N HIS A 36 6.68 -0.71 -0.77
CA HIS A 36 6.78 -1.92 0.05
C HIS A 36 5.62 -2.07 1.05
N LEU A 37 4.97 -3.23 0.98
CA LEU A 37 3.90 -3.60 1.91
C LEU A 37 4.59 -4.17 3.15
N VAL A 38 4.62 -3.44 4.25
CA VAL A 38 5.37 -3.89 5.43
C VAL A 38 4.67 -3.93 6.79
N THR A 39 3.62 -3.14 6.99
CA THR A 39 2.96 -3.07 8.30
C THR A 39 1.48 -2.73 8.08
N CYS A 40 0.74 -2.48 9.14
CA CYS A 40 -0.64 -2.01 9.00
C CYS A 40 -0.59 -0.50 8.78
N PHE A 41 -1.68 0.06 8.30
CA PHE A 41 -1.78 1.47 7.95
C PHE A 41 -1.34 2.40 9.07
N HIS A 42 -1.75 2.10 10.30
CA HIS A 42 -1.41 2.93 11.44
C HIS A 42 0.09 2.93 11.73
N CYS A 43 0.72 1.77 11.65
CA CYS A 43 2.16 1.67 11.90
C CYS A 43 2.94 2.39 10.81
N ALA A 44 2.53 2.20 9.56
CA ALA A 44 3.22 2.84 8.43
C ALA A 44 3.16 4.37 8.53
N ARG A 45 2.02 4.92 8.90
CA ARG A 45 1.90 6.38 9.06
C ARG A 45 2.75 6.86 10.24
N ARG A 46 2.74 6.11 11.33
CA ARG A 46 3.54 6.44 12.51
C ARG A 46 5.02 6.43 12.16
N LEU A 47 5.42 5.52 11.29
CA LEU A 47 6.82 5.35 10.96
C LEU A 47 7.49 6.63 10.45
N LYS A 48 6.93 7.27 9.42
CA LYS A 48 7.55 8.51 8.94
C LYS A 48 7.40 9.67 9.91
N LYS A 49 6.33 9.68 10.69
CA LYS A 49 6.16 10.73 11.71
C LYS A 49 7.30 10.65 12.72
N ALA A 50 7.69 9.43 13.01
CA ALA A 50 8.82 9.15 13.93
C ALA A 50 10.18 9.39 13.27
N GLY A 51 10.19 9.76 11.99
CA GLY A 51 11.43 10.06 11.28
C GLY A 51 12.05 8.88 10.57
N ALA A 52 11.43 7.72 10.67
CA ALA A 52 11.98 6.52 10.04
C ALA A 52 11.47 6.37 8.60
N SER A 53 12.38 5.90 7.74
CA SER A 53 12.08 5.69 6.32
C SER A 53 11.61 4.23 6.12
N CYS A 54 11.43 3.80 4.87
CA CYS A 54 10.98 2.42 4.60
C CYS A 54 11.89 1.45 5.34
N PRO A 55 11.32 0.43 6.02
CA PRO A 55 12.24 -0.46 6.72
C PRO A 55 13.01 -1.38 5.78
N ILE A 56 12.57 -1.45 4.53
CA ILE A 56 13.23 -2.30 3.54
C ILE A 56 14.34 -1.56 2.83
N CYS A 57 13.95 -0.55 2.06
CA CYS A 57 14.88 0.12 1.17
C CYS A 57 15.29 1.52 1.62
N LYS A 58 14.73 1.97 2.73
CA LYS A 58 14.98 3.30 3.31
C LYS A 58 14.75 4.48 2.36
N LYS A 59 13.99 4.28 1.28
CA LYS A 59 13.74 5.36 0.33
C LYS A 59 12.68 6.32 0.87
N GLU A 60 12.79 7.59 0.52
CA GLU A 60 11.91 8.64 1.02
C GLU A 60 10.42 8.36 0.74
N ILE A 61 9.62 8.51 1.78
CA ILE A 61 8.20 8.14 1.72
C ILE A 61 7.31 9.30 1.33
N GLN A 62 6.75 9.22 0.13
CA GLN A 62 5.84 10.24 -0.36
C GLN A 62 4.52 10.11 0.38
N LEU A 63 3.99 8.88 0.43
CA LEU A 63 2.70 8.64 1.07
C LEU A 63 2.59 7.20 1.51
N VAL A 64 1.51 6.92 2.23
CA VAL A 64 1.18 5.58 2.68
C VAL A 64 -0.23 5.44 2.12
N ILE A 65 -0.62 4.25 1.73
CA ILE A 65 -1.94 4.02 1.15
C ILE A 65 -2.56 2.89 1.97
N LYS A 66 -3.87 2.88 2.05
CA LYS A 66 -4.60 1.88 2.83
C LYS A 66 -5.16 0.87 1.85
N VAL A 67 -4.56 -0.29 1.76
CA VAL A 67 -4.96 -1.30 0.76
C VAL A 67 -5.42 -2.59 1.40
N PHE A 68 -6.50 -3.13 0.86
CA PHE A 68 -7.08 -4.37 1.34
C PHE A 68 -7.91 -4.89 0.18
N ILE A 69 -8.31 -6.15 0.24
CA ILE A 69 -9.27 -6.71 -0.71
C ILE A 69 -10.54 -6.94 0.13
N ALA A 70 -11.27 -5.86 0.35
CA ALA A 70 -12.47 -5.87 1.17
C ALA A 70 -13.36 -4.77 0.60
N GLY B 1 -6.15 12.98 -16.10
CA GLY B 1 -7.12 13.78 -15.37
C GLY B 1 -8.16 12.95 -14.63
N GLY B 2 -7.99 11.64 -14.63
CA GLY B 2 -8.92 10.76 -13.96
C GLY B 2 -8.97 10.94 -12.46
N VAL B 3 -10.15 10.76 -11.88
CA VAL B 3 -10.40 10.93 -10.45
C VAL B 3 -11.01 9.64 -9.88
N CYS B 4 -10.56 9.27 -8.69
CA CYS B 4 -11.04 8.06 -8.01
C CYS B 4 -11.80 8.42 -6.74
N PRO B 5 -12.70 7.53 -6.27
CA PRO B 5 -13.36 7.81 -4.98
C PRO B 5 -12.39 7.50 -3.83
N ASN B 6 -12.85 7.65 -2.59
CA ASN B 6 -12.03 7.35 -1.42
C ASN B 6 -11.99 5.84 -1.14
N LEU B 7 -12.52 5.05 -2.05
CA LEU B 7 -12.56 3.60 -1.92
C LEU B 7 -11.30 2.99 -2.53
N TYR B 8 -10.27 2.85 -1.72
CA TYR B 8 -9.04 2.20 -2.18
C TYR B 8 -9.33 0.71 -2.24
N LEU B 9 -8.86 0.04 -3.29
CA LEU B 9 -9.10 -1.39 -3.43
C LEU B 9 -7.85 -2.03 -4.04
N LEU B 10 -7.51 -3.22 -3.58
CA LEU B 10 -6.37 -3.96 -4.13
C LEU B 10 -6.73 -4.32 -5.57
N CYS B 11 -5.95 -3.82 -6.52
CA CYS B 11 -6.24 -4.01 -7.93
C CYS B 11 -5.01 -4.56 -8.65
N ARG B 12 -5.24 -5.10 -9.85
CA ARG B 12 -4.18 -5.72 -10.65
C ARG B 12 -4.11 -5.03 -12.02
N ARG B 13 -5.27 -4.59 -12.48
CA ARG B 13 -5.43 -3.84 -13.71
C ARG B 13 -6.17 -2.59 -13.27
N ASP B 14 -6.07 -1.52 -14.03
CA ASP B 14 -6.71 -0.25 -13.69
C ASP B 14 -8.23 -0.36 -13.53
N SER B 15 -8.85 -1.24 -14.31
CA SER B 15 -10.30 -1.46 -14.28
C SER B 15 -10.75 -2.34 -13.10
N ASP B 16 -9.81 -2.73 -12.25
CA ASP B 16 -10.07 -3.62 -11.10
C ASP B 16 -10.42 -2.79 -9.85
N CYS B 17 -10.71 -1.52 -10.04
CA CYS B 17 -10.87 -0.57 -8.94
C CYS B 17 -11.77 0.54 -9.47
N PRO B 18 -12.73 1.03 -8.66
CA PRO B 18 -13.69 2.01 -9.19
C PRO B 18 -13.14 3.40 -9.43
N GLY B 19 -13.71 4.08 -10.41
CA GLY B 19 -13.29 5.44 -10.74
C GLY B 19 -12.36 5.45 -11.93
N ALA B 20 -11.94 6.63 -12.35
CA ALA B 20 -11.00 6.75 -13.46
C ALA B 20 -9.61 6.70 -12.83
N CYS B 21 -9.10 5.50 -12.66
CA CYS B 21 -7.86 5.27 -11.93
C CYS B 21 -6.79 4.56 -12.73
N ILE B 22 -5.60 4.52 -12.15
CA ILE B 22 -4.48 3.76 -12.69
C ILE B 22 -4.05 2.86 -11.53
N CYS B 23 -3.57 1.66 -11.83
CA CYS B 23 -3.16 0.72 -10.80
C CYS B 23 -1.69 0.37 -10.90
N ARG B 24 -1.10 0.00 -9.77
CA ARG B 24 0.33 -0.28 -9.69
C ARG B 24 0.61 -1.52 -8.84
N HIS B 25 1.80 -2.07 -9.00
CA HIS B 25 2.22 -3.32 -8.33
C HIS B 25 2.35 -3.22 -6.80
N ASP B 26 2.34 -2.01 -6.26
CA ASP B 26 2.39 -1.81 -4.80
C ASP B 26 0.97 -1.98 -4.24
N SER B 27 0.10 -2.57 -5.07
CA SER B 27 -1.31 -2.80 -4.75
C SER B 27 -1.94 -1.45 -4.46
N TYR B 28 -1.63 -0.51 -5.33
CA TYR B 28 -2.08 0.87 -5.20
C TYR B 28 -3.03 1.19 -6.33
N CYS B 29 -4.13 1.85 -5.98
CA CYS B 29 -5.12 2.34 -6.95
C CYS B 29 -5.11 3.84 -6.72
N GLY B 30 -5.05 4.64 -7.79
CA GLY B 30 -5.01 6.08 -7.60
C GLY B 30 -5.36 6.91 -8.81
N SER B 31 -5.61 8.18 -8.57
CA SER B 31 -6.02 9.14 -9.58
C SER B 31 -4.84 9.86 -10.24
N GLY B 32 -5.15 10.73 -11.21
CA GLY B 32 -4.15 11.57 -11.85
C GLY B 32 -3.91 11.31 -13.32
N SER B 33 -3.90 10.05 -13.73
CA SER B 33 -3.64 9.72 -15.13
C SER B 33 -4.76 10.28 -16.01
N ASP B 34 -4.37 11.05 -17.01
CA ASP B 34 -5.29 11.68 -17.98
C ASP B 34 -6.41 12.50 -17.30
N MET A 4 -8.27 -14.26 4.82
CA MET A 4 -8.57 -13.24 3.82
C MET A 4 -7.71 -13.52 2.58
N TYR A 5 -6.96 -14.61 2.64
CA TYR A 5 -6.01 -14.96 1.60
C TYR A 5 -6.42 -16.23 0.87
N SER A 6 -6.13 -16.31 -0.42
CA SER A 6 -6.49 -17.49 -1.22
C SER A 6 -5.23 -18.12 -1.84
N GLY A 7 -4.22 -18.31 -1.01
CA GLY A 7 -2.98 -18.90 -1.45
C GLY A 7 -2.13 -19.16 -0.23
N GLU A 8 -1.90 -20.42 0.10
CA GLU A 8 -1.10 -20.77 1.27
C GLU A 8 0.38 -20.42 1.04
N ASP A 9 0.81 -20.47 -0.20
CA ASP A 9 2.20 -20.11 -0.58
C ASP A 9 2.49 -18.67 -0.16
N CYS A 10 1.46 -17.85 -0.21
CA CYS A 10 1.49 -16.44 0.16
C CYS A 10 1.72 -16.22 1.64
N GLN A 11 1.85 -17.28 2.42
CA GLN A 11 2.05 -17.17 3.87
C GLN A 11 3.20 -16.23 4.25
N ASN A 12 4.18 -16.07 3.37
CA ASN A 12 5.27 -15.13 3.62
C ASN A 12 4.81 -13.68 3.38
N LEU A 13 3.95 -13.48 2.39
CA LEU A 13 3.44 -12.13 2.07
C LEU A 13 2.34 -11.66 3.01
N LEU A 14 1.49 -12.58 3.45
CA LEU A 14 0.32 -12.26 4.27
C LEU A 14 0.63 -12.03 5.74
N LYS A 15 1.91 -12.01 6.10
CA LYS A 15 2.30 -11.81 7.49
C LYS A 15 1.84 -10.40 7.89
N PRO A 16 1.44 -10.22 9.16
CA PRO A 16 0.88 -8.94 9.58
C PRO A 16 1.90 -7.81 9.66
N CYS A 17 1.47 -6.67 10.21
CA CYS A 17 2.34 -5.53 10.41
C CYS A 17 3.50 -6.00 11.29
N SER A 18 4.71 -5.63 10.91
CA SER A 18 5.91 -6.13 11.59
C SER A 18 6.09 -5.51 12.96
N LEU A 19 5.58 -4.30 13.11
CA LEU A 19 5.68 -3.57 14.37
C LEU A 19 4.52 -3.92 15.30
N CYS A 20 3.33 -4.05 14.73
CA CYS A 20 2.15 -4.33 15.53
C CYS A 20 1.77 -5.79 15.72
N GLU A 21 1.83 -6.56 14.64
CA GLU A 21 1.25 -7.91 14.48
C GLU A 21 -0.23 -8.02 14.88
N LYS A 22 -0.85 -6.87 15.18
CA LYS A 22 -2.22 -6.79 15.65
C LYS A 22 -3.17 -6.41 14.54
N ARG A 23 -2.61 -6.25 13.35
CA ARG A 23 -3.37 -5.82 12.19
C ARG A 23 -2.58 -6.29 10.98
N PRO A 24 -3.24 -6.50 9.83
CA PRO A 24 -2.50 -7.00 8.68
C PRO A 24 -1.53 -5.98 8.12
N ARG A 25 -0.73 -6.39 7.14
CA ARG A 25 0.22 -5.51 6.50
C ARG A 25 -0.54 -4.78 5.39
N ASP A 26 -1.27 -3.75 5.81
CA ASP A 26 -2.13 -2.98 4.91
C ASP A 26 -1.55 -1.61 4.58
N GLY A 27 -0.29 -1.42 4.93
CA GLY A 27 0.42 -0.18 4.67
C GLY A 27 1.44 -0.41 3.59
N ASN A 28 1.11 0.07 2.41
CA ASN A 28 2.00 -0.06 1.28
C ASN A 28 2.67 1.29 1.10
N ILE A 29 3.98 1.32 0.97
CA ILE A 29 4.71 2.58 0.85
C ILE A 29 5.18 2.81 -0.58
N ILE A 30 4.55 3.75 -1.28
CA ILE A 30 4.98 4.16 -2.63
C ILE A 30 6.08 5.21 -2.64
N HIS A 31 7.16 4.89 -3.33
CA HIS A 31 8.19 5.85 -3.65
C HIS A 31 8.45 5.88 -5.17
N GLY A 32 7.78 6.78 -5.88
CA GLY A 32 7.92 6.87 -7.32
C GLY A 32 7.09 5.85 -8.04
N ARG A 33 7.72 4.81 -8.56
CA ARG A 33 7.02 3.81 -9.37
C ARG A 33 7.09 2.41 -8.78
N THR A 34 7.53 2.34 -7.53
CA THR A 34 7.60 1.07 -6.80
C THR A 34 7.22 1.31 -5.36
N GLY A 35 6.85 0.26 -4.64
CA GLY A 35 6.58 0.37 -3.23
C GLY A 35 6.86 -0.86 -2.40
N HIS A 36 7.28 -0.65 -1.16
CA HIS A 36 7.51 -1.76 -0.22
C HIS A 36 6.35 -1.89 0.77
N LEU A 37 5.78 -3.09 0.83
CA LEU A 37 4.70 -3.40 1.76
C LEU A 37 5.35 -4.00 3.01
N VAL A 38 5.40 -3.24 4.08
CA VAL A 38 6.12 -3.67 5.29
C VAL A 38 5.42 -3.55 6.64
N THR A 39 4.46 -2.65 6.76
CA THR A 39 3.81 -2.37 8.05
C THR A 39 2.34 -2.10 7.77
N CYS A 40 1.60 -1.73 8.79
CA CYS A 40 0.22 -1.32 8.59
C CYS A 40 0.22 0.16 8.20
N PHE A 41 -0.91 0.62 7.66
CA PHE A 41 -1.10 1.99 7.21
C PHE A 41 -0.75 3.00 8.30
N HIS A 42 -1.15 2.69 9.51
CA HIS A 42 -0.93 3.59 10.64
C HIS A 42 0.57 3.82 10.91
N CYS A 43 1.36 2.76 10.85
CA CYS A 43 2.80 2.89 11.08
C CYS A 43 3.47 3.60 9.92
N ALA A 44 3.13 3.21 8.70
CA ALA A 44 3.76 3.79 7.51
C ALA A 44 3.46 5.29 7.40
N ARG A 45 2.24 5.70 7.68
CA ARG A 45 1.87 7.12 7.61
C ARG A 45 2.58 7.91 8.71
N ARG A 46 2.70 7.30 9.89
CA ARG A 46 3.38 7.94 11.01
C ARG A 46 4.87 8.09 10.70
N LEU A 47 5.43 7.12 9.99
CA LEU A 47 6.85 7.11 9.68
C LEU A 47 7.29 8.37 8.94
N LYS A 48 6.61 8.74 7.86
CA LYS A 48 6.96 9.95 7.16
C LYS A 48 6.65 11.22 7.95
N LYS A 49 5.61 11.20 8.78
CA LYS A 49 5.32 12.38 9.61
C LYS A 49 6.47 12.61 10.58
N ALA A 50 7.07 11.53 11.03
CA ALA A 50 8.24 11.57 11.92
C ALA A 50 9.53 11.90 11.13
N GLY A 51 9.42 12.05 9.82
CA GLY A 51 10.55 12.41 8.99
C GLY A 51 11.31 11.24 8.39
N ALA A 52 10.98 10.01 8.79
CA ALA A 52 11.70 8.84 8.32
C ALA A 52 11.17 8.31 6.98
N SER A 53 12.09 7.74 6.22
CA SER A 53 11.80 7.17 4.90
C SER A 53 11.53 5.66 5.01
N CYS A 54 11.37 4.98 3.87
CA CYS A 54 11.09 3.52 3.87
C CYS A 54 12.03 2.74 4.79
N PRO A 55 11.52 1.79 5.57
CA PRO A 55 12.49 1.08 6.41
C PRO A 55 13.42 0.15 5.62
N ILE A 56 13.04 -0.24 4.41
CA ILE A 56 13.90 -1.12 3.60
C ILE A 56 14.91 -0.33 2.78
N CYS A 57 14.42 0.53 1.91
CA CYS A 57 15.31 1.20 0.96
C CYS A 57 15.59 2.66 1.29
N LYS A 58 14.97 3.16 2.35
CA LYS A 58 15.10 4.57 2.80
C LYS A 58 14.84 5.59 1.70
N LYS A 59 14.11 5.20 0.66
CA LYS A 59 13.75 6.13 -0.39
C LYS A 59 12.57 6.92 0.18
N GLU A 60 12.47 8.18 -0.21
CA GLU A 60 11.44 9.05 0.34
C GLU A 60 10.01 8.63 0.01
N ILE A 61 9.19 8.61 1.04
CA ILE A 61 7.80 8.17 0.94
C ILE A 61 6.94 9.30 0.39
N GLN A 62 6.29 9.06 -0.74
CA GLN A 62 5.38 10.06 -1.30
C GLN A 62 4.00 9.90 -0.70
N LEU A 63 3.52 8.66 -0.62
CA LEU A 63 2.19 8.39 -0.09
C LEU A 63 2.06 6.94 0.35
N VAL A 64 0.97 6.67 1.06
CA VAL A 64 0.68 5.35 1.61
C VAL A 64 -0.82 5.15 1.39
N ILE A 65 -1.25 3.92 1.22
CA ILE A 65 -2.66 3.61 1.01
C ILE A 65 -3.07 2.55 2.02
N LYS A 66 -4.36 2.53 2.31
CA LYS A 66 -4.93 1.60 3.28
C LYS A 66 -5.56 0.45 2.51
N VAL A 67 -4.92 -0.70 2.51
CA VAL A 67 -5.44 -1.88 1.81
C VAL A 67 -6.42 -2.68 2.68
N PHE A 68 -7.47 -3.20 2.05
CA PHE A 68 -8.44 -4.07 2.74
C PHE A 68 -9.16 -4.88 1.69
N ILE A 69 -9.88 -5.90 2.10
CA ILE A 69 -10.78 -6.64 1.21
C ILE A 69 -12.18 -6.18 1.64
N ALA A 70 -12.54 -5.00 1.16
CA ALA A 70 -13.83 -4.38 1.46
C ALA A 70 -14.13 -3.53 0.24
N GLY B 1 -2.82 13.31 -11.22
CA GLY B 1 -4.26 13.18 -11.16
C GLY B 1 -4.60 11.71 -11.19
N GLY B 2 -5.65 11.33 -11.91
CA GLY B 2 -6.01 9.94 -12.04
C GLY B 2 -6.43 9.29 -10.73
N VAL B 3 -7.41 9.89 -10.07
CA VAL B 3 -7.94 9.35 -8.81
C VAL B 3 -9.46 9.24 -8.97
N CYS B 4 -9.97 8.06 -8.67
CA CYS B 4 -11.39 7.74 -8.77
C CYS B 4 -11.77 7.17 -7.40
N PRO B 5 -13.07 7.07 -7.07
CA PRO B 5 -13.44 6.48 -5.78
C PRO B 5 -13.34 4.93 -5.77
N ASN B 6 -12.15 4.41 -5.98
CA ASN B 6 -11.95 2.97 -6.02
C ASN B 6 -11.82 2.37 -4.64
N LEU B 7 -12.15 1.09 -4.53
CA LEU B 7 -11.93 0.35 -3.30
C LEU B 7 -10.44 0.05 -3.30
N TYR B 8 -9.81 0.10 -2.13
CA TYR B 8 -8.37 -0.09 -2.04
C TYR B 8 -8.02 -1.58 -1.90
N LEU B 9 -8.38 -2.33 -2.92
CA LEU B 9 -8.13 -3.76 -2.96
C LEU B 9 -6.71 -4.04 -3.46
N LEU B 10 -6.23 -5.25 -3.21
CA LEU B 10 -4.94 -5.67 -3.76
C LEU B 10 -5.21 -5.81 -5.25
N CYS B 11 -4.39 -5.19 -6.08
CA CYS B 11 -4.63 -5.21 -7.52
C CYS B 11 -3.38 -5.58 -8.30
N ARG B 12 -3.61 -6.10 -9.50
CA ARG B 12 -2.54 -6.47 -10.44
C ARG B 12 -2.80 -5.76 -11.76
N ARG B 13 -4.07 -5.61 -12.09
CA ARG B 13 -4.51 -4.91 -13.30
C ARG B 13 -5.58 -3.91 -12.91
N ASP B 14 -5.83 -2.96 -13.79
CA ASP B 14 -6.76 -1.85 -13.52
C ASP B 14 -8.19 -2.31 -13.20
N SER B 15 -8.59 -3.43 -13.77
CA SER B 15 -9.95 -3.97 -13.58
C SER B 15 -10.14 -4.70 -12.24
N ASP B 16 -9.13 -4.68 -11.39
CA ASP B 16 -9.19 -5.40 -10.11
C ASP B 16 -9.75 -4.49 -9.00
N CYS B 17 -10.34 -3.37 -9.41
CA CYS B 17 -10.89 -2.39 -8.48
C CYS B 17 -11.86 -1.53 -9.30
N PRO B 18 -12.93 -1.03 -8.65
CA PRO B 18 -13.93 -0.26 -9.42
C PRO B 18 -13.54 1.17 -9.76
N GLY B 19 -14.20 1.74 -10.76
CA GLY B 19 -13.96 3.11 -11.15
C GLY B 19 -12.87 3.25 -12.19
N ALA B 20 -12.72 4.44 -12.76
CA ALA B 20 -11.71 4.70 -13.77
C ALA B 20 -10.37 5.02 -13.07
N CYS B 21 -9.66 3.98 -12.69
CA CYS B 21 -8.38 4.12 -11.99
C CYS B 21 -7.33 3.24 -12.67
N ILE B 22 -6.08 3.45 -12.28
CA ILE B 22 -4.95 2.71 -12.85
C ILE B 22 -4.36 1.91 -11.69
N CYS B 23 -3.84 0.72 -11.96
CA CYS B 23 -3.27 -0.13 -10.94
C CYS B 23 -1.79 -0.39 -11.23
N ARG B 24 -1.00 -0.48 -10.17
CA ARG B 24 0.44 -0.73 -10.27
C ARG B 24 0.79 -1.91 -9.36
N HIS B 25 1.92 -2.54 -9.64
CA HIS B 25 2.36 -3.76 -8.94
C HIS B 25 2.58 -3.63 -7.43
N ASP B 26 2.51 -2.41 -6.93
CA ASP B 26 2.65 -2.13 -5.50
C ASP B 26 1.35 -2.46 -4.76
N SER B 27 0.45 -3.16 -5.46
CA SER B 27 -0.88 -3.51 -4.97
C SER B 27 -1.64 -2.25 -4.61
N TYR B 28 -1.47 -1.25 -5.47
CA TYR B 28 -2.06 0.07 -5.29
C TYR B 28 -2.95 0.37 -6.48
N CYS B 29 -4.24 0.56 -6.23
CA CYS B 29 -5.18 0.98 -7.27
C CYS B 29 -5.46 2.48 -7.03
N GLY B 30 -5.32 3.28 -8.08
CA GLY B 30 -5.55 4.71 -7.99
C GLY B 30 -4.26 5.51 -8.02
N SER B 31 -4.38 6.82 -7.88
CA SER B 31 -3.24 7.76 -7.86
C SER B 31 -2.34 7.65 -9.09
N GLY B 32 -2.87 8.10 -10.21
CA GLY B 32 -2.12 8.14 -11.46
C GLY B 32 -1.16 9.32 -11.49
N SER B 33 -0.65 9.64 -12.67
CA SER B 33 0.29 10.75 -12.81
C SER B 33 -0.47 12.07 -12.87
N ASP B 34 -0.14 12.97 -11.93
CA ASP B 34 -0.70 14.33 -11.87
C ASP B 34 -2.25 14.33 -11.83
N MET A 4 -8.47 -19.97 -2.96
CA MET A 4 -8.16 -18.57 -2.80
C MET A 4 -6.70 -18.45 -2.36
N TYR A 5 -6.14 -17.26 -2.58
CA TYR A 5 -4.74 -16.92 -2.26
C TYR A 5 -3.73 -17.90 -2.85
N SER A 6 -3.77 -18.06 -4.17
CA SER A 6 -2.80 -18.91 -4.86
C SER A 6 -1.62 -18.04 -5.24
N GLY A 7 -0.59 -17.99 -4.40
CA GLY A 7 0.55 -17.13 -4.66
C GLY A 7 1.45 -17.07 -3.46
N GLU A 8 2.26 -18.10 -3.27
CA GLU A 8 3.09 -18.23 -2.08
C GLU A 8 4.17 -17.16 -2.02
N ASP A 9 4.61 -16.69 -3.17
CA ASP A 9 5.58 -15.60 -3.25
C ASP A 9 5.00 -14.34 -2.60
N CYS A 10 3.68 -14.19 -2.72
CA CYS A 10 2.95 -13.05 -2.18
C CYS A 10 2.49 -13.31 -0.74
N GLN A 11 2.63 -14.54 -0.27
CA GLN A 11 2.17 -14.93 1.08
C GLN A 11 2.83 -14.07 2.16
N ASN A 12 4.02 -13.58 1.87
CA ASN A 12 4.74 -12.74 2.82
C ASN A 12 4.04 -11.36 2.96
N LEU A 13 3.41 -10.88 1.91
CA LEU A 13 2.64 -9.64 1.96
C LEU A 13 1.29 -9.88 2.61
N LEU A 14 0.76 -11.10 2.46
CA LEU A 14 -0.53 -11.47 3.07
C LEU A 14 -0.37 -11.62 4.58
N LYS A 15 0.87 -11.74 5.03
CA LYS A 15 1.18 -11.87 6.44
C LYS A 15 0.78 -10.53 7.09
N PRO A 16 0.22 -10.57 8.32
CA PRO A 16 -0.23 -9.32 8.94
C PRO A 16 0.88 -8.30 9.26
N CYS A 17 0.50 -7.22 9.91
CA CYS A 17 1.45 -6.18 10.28
C CYS A 17 2.54 -6.81 11.12
N SER A 18 3.78 -6.52 10.79
CA SER A 18 4.94 -7.17 11.41
C SER A 18 5.19 -6.69 12.83
N LEU A 19 4.69 -5.50 13.13
CA LEU A 19 4.84 -4.91 14.46
C LEU A 19 3.66 -5.27 15.33
N CYS A 20 2.47 -5.29 14.74
CA CYS A 20 1.25 -5.57 15.50
C CYS A 20 0.80 -7.01 15.54
N GLU A 21 0.84 -7.68 14.38
CA GLU A 21 0.23 -8.99 14.11
C GLU A 21 -1.23 -9.12 14.59
N LYS A 22 -1.86 -7.97 14.83
CA LYS A 22 -3.22 -7.92 15.34
C LYS A 22 -4.16 -7.46 14.26
N ARG A 23 -3.58 -7.11 13.13
CA ARG A 23 -4.35 -6.54 12.03
C ARG A 23 -3.57 -6.75 10.74
N PRO A 24 -4.26 -6.76 9.58
CA PRO A 24 -3.54 -7.02 8.32
C PRO A 24 -2.57 -5.92 7.91
N ARG A 25 -1.83 -6.20 6.86
CA ARG A 25 -0.84 -5.27 6.33
C ARG A 25 -1.52 -4.29 5.37
N ASP A 26 -2.14 -3.26 5.93
CA ASP A 26 -2.88 -2.25 5.16
C ASP A 26 -2.09 -0.95 5.02
N GLY A 27 -0.81 -0.99 5.39
CA GLY A 27 0.06 0.15 5.32
C GLY A 27 1.11 -0.02 4.26
N ASN A 28 0.93 0.67 3.15
CA ASN A 28 1.89 0.62 2.08
C ASN A 28 2.63 1.95 2.07
N ILE A 29 3.94 1.89 1.85
CA ILE A 29 4.77 3.09 1.84
C ILE A 29 5.19 3.42 0.41
N ILE A 30 4.64 4.48 -0.16
CA ILE A 30 5.05 5.00 -1.48
C ILE A 30 6.22 5.97 -1.40
N HIS A 31 7.28 5.63 -2.10
CA HIS A 31 8.41 6.52 -2.31
C HIS A 31 8.73 6.67 -3.80
N GLY A 32 8.38 7.81 -4.37
CA GLY A 32 8.62 8.04 -5.78
C GLY A 32 7.58 7.32 -6.61
N ARG A 33 7.99 6.24 -7.26
CA ARG A 33 7.09 5.48 -8.13
C ARG A 33 7.01 4.00 -7.74
N THR A 34 7.50 3.68 -6.56
CA THR A 34 7.41 2.32 -6.03
C THR A 34 7.05 2.38 -4.56
N GLY A 35 6.58 1.28 -4.01
CA GLY A 35 6.30 1.21 -2.60
C GLY A 35 6.45 -0.15 -1.95
N HIS A 36 6.89 -0.15 -0.69
CA HIS A 36 7.00 -1.39 0.09
C HIS A 36 5.85 -1.56 1.08
N LEU A 37 5.20 -2.73 1.00
CA LEU A 37 4.11 -3.12 1.90
C LEU A 37 4.76 -3.82 3.09
N VAL A 38 4.82 -3.16 4.25
CA VAL A 38 5.51 -3.75 5.41
C VAL A 38 4.80 -3.79 6.76
N THR A 39 3.82 -2.92 6.98
CA THR A 39 3.16 -2.83 8.28
C THR A 39 1.71 -2.43 8.07
N CYS A 40 1.01 -2.13 9.14
CA CYS A 40 -0.34 -1.59 9.03
C CYS A 40 -0.20 -0.07 8.81
N PHE A 41 -1.28 0.54 8.35
CA PHE A 41 -1.31 1.97 8.04
C PHE A 41 -0.86 2.83 9.21
N HIS A 42 -1.30 2.47 10.40
CA HIS A 42 -0.99 3.24 11.60
C HIS A 42 0.52 3.26 11.88
N CYS A 43 1.18 2.12 11.74
CA CYS A 43 2.62 2.05 11.98
C CYS A 43 3.37 2.84 10.91
N ALA A 44 2.99 2.66 9.65
CA ALA A 44 3.66 3.33 8.56
C ALA A 44 3.49 4.87 8.63
N ARG A 45 2.30 5.33 8.99
CA ARG A 45 2.04 6.77 9.13
C ARG A 45 2.89 7.34 10.27
N ARG A 46 2.97 6.60 11.35
CA ARG A 46 3.79 6.97 12.52
C ARG A 46 5.27 7.00 12.17
N LEU A 47 5.68 6.15 11.26
CA LEU A 47 7.10 5.95 10.99
C LEU A 47 7.88 7.20 10.61
N LYS A 48 7.44 7.98 9.61
CA LYS A 48 8.19 9.20 9.29
C LYS A 48 8.10 10.27 10.37
N LYS A 49 7.00 10.32 11.11
CA LYS A 49 6.88 11.26 12.22
C LYS A 49 7.96 10.95 13.27
N ALA A 50 8.21 9.67 13.45
CA ALA A 50 9.24 9.19 14.36
C ALA A 50 10.66 9.32 13.77
N GLY A 51 10.76 9.85 12.55
CA GLY A 51 12.05 10.07 11.92
C GLY A 51 12.57 8.89 11.12
N ALA A 52 11.86 7.78 11.16
CA ALA A 52 12.27 6.59 10.45
C ALA A 52 11.75 6.57 9.00
N SER A 53 12.60 6.14 8.10
CA SER A 53 12.26 6.02 6.67
C SER A 53 11.80 4.58 6.43
N CYS A 54 11.60 4.18 5.17
CA CYS A 54 11.17 2.80 4.86
C CYS A 54 12.07 1.81 5.59
N PRO A 55 11.50 0.78 6.22
CA PRO A 55 12.43 -0.13 6.91
C PRO A 55 13.26 -0.97 5.96
N ILE A 56 12.83 -1.09 4.71
CA ILE A 56 13.58 -1.89 3.73
C ILE A 56 14.61 -1.06 2.98
N CYS A 57 14.18 -0.04 2.27
CA CYS A 57 15.08 0.69 1.39
C CYS A 57 15.46 2.09 1.87
N LYS A 58 14.90 2.49 3.01
CA LYS A 58 15.14 3.82 3.62
C LYS A 58 14.90 5.03 2.70
N LYS A 59 14.21 4.84 1.59
CA LYS A 59 13.92 5.96 0.68
C LYS A 59 12.80 6.78 1.31
N GLU A 60 12.81 8.09 1.10
CA GLU A 60 11.87 8.98 1.80
C GLU A 60 10.41 8.68 1.48
N ILE A 61 9.62 8.60 2.53
CA ILE A 61 8.20 8.27 2.44
C ILE A 61 7.43 9.52 2.00
N GLN A 62 6.91 9.50 0.78
CA GLN A 62 6.14 10.65 0.30
C GLN A 62 4.80 10.60 1.01
N LEU A 63 4.19 9.42 1.00
CA LEU A 63 2.87 9.22 1.58
C LEU A 63 2.70 7.75 1.95
N VAL A 64 1.64 7.48 2.68
CA VAL A 64 1.27 6.13 3.09
C VAL A 64 -0.19 6.04 2.68
N ILE A 65 -0.65 4.87 2.29
CA ILE A 65 -2.05 4.70 1.89
C ILE A 65 -2.65 3.55 2.68
N LYS A 66 -3.96 3.64 2.88
CA LYS A 66 -4.74 2.65 3.63
C LYS A 66 -5.36 1.70 2.61
N VAL A 67 -4.77 0.53 2.41
CA VAL A 67 -5.27 -0.38 1.38
C VAL A 67 -5.67 -1.73 1.96
N PHE A 68 -6.78 -2.26 1.46
CA PHE A 68 -7.33 -3.51 1.93
C PHE A 68 -8.07 -4.07 0.74
N ILE A 69 -8.47 -5.33 0.79
CA ILE A 69 -9.37 -5.85 -0.23
C ILE A 69 -10.67 -6.15 0.56
N ALA A 70 -11.41 -5.08 0.81
CA ALA A 70 -12.64 -5.13 1.61
C ALA A 70 -13.52 -4.01 1.07
N GLY B 1 -9.37 16.70 -12.52
CA GLY B 1 -10.79 16.48 -12.29
C GLY B 1 -11.10 15.04 -11.96
N GLY B 2 -10.18 14.14 -12.23
CA GLY B 2 -10.36 12.75 -11.86
C GLY B 2 -10.32 12.60 -10.36
N VAL B 3 -11.33 11.94 -9.79
CA VAL B 3 -11.43 11.77 -8.35
C VAL B 3 -11.50 10.29 -8.01
N CYS B 4 -11.09 9.95 -6.80
CA CYS B 4 -11.04 8.58 -6.33
C CYS B 4 -11.80 8.53 -5.00
N PRO B 5 -12.49 7.41 -4.67
CA PRO B 5 -13.21 7.38 -3.40
C PRO B 5 -12.27 7.31 -2.19
N ASN B 6 -12.85 7.33 -0.99
CA ASN B 6 -12.06 7.30 0.24
C ASN B 6 -11.64 5.88 0.64
N LEU B 7 -11.85 4.93 -0.24
CA LEU B 7 -11.49 3.53 -0.01
C LEU B 7 -10.47 3.19 -1.09
N TYR B 8 -9.51 2.34 -0.75
CA TYR B 8 -8.43 2.02 -1.66
C TYR B 8 -8.21 0.51 -1.66
N LEU B 9 -8.16 -0.08 -2.85
CA LEU B 9 -8.09 -1.53 -2.99
C LEU B 9 -6.75 -2.03 -3.52
N LEU B 10 -6.41 -3.26 -3.15
CA LEU B 10 -5.21 -3.90 -3.68
C LEU B 10 -5.51 -4.11 -5.16
N CYS B 11 -4.68 -3.55 -6.02
CA CYS B 11 -4.94 -3.58 -7.45
C CYS B 11 -3.72 -4.07 -8.22
N ARG B 12 -3.97 -4.56 -9.43
CA ARG B 12 -2.93 -5.00 -10.37
C ARG B 12 -3.12 -4.19 -11.64
N ARG B 13 -4.37 -3.91 -11.94
CA ARG B 13 -4.77 -3.06 -13.07
C ARG B 13 -5.65 -1.98 -12.49
N ASP B 14 -5.79 -0.89 -13.22
CA ASP B 14 -6.60 0.25 -12.78
C ASP B 14 -8.07 -0.12 -12.57
N SER B 15 -8.56 -1.08 -13.34
CA SER B 15 -9.95 -1.52 -13.26
C SER B 15 -10.24 -2.38 -12.02
N ASP B 16 -9.23 -2.60 -11.18
CA ASP B 16 -9.36 -3.42 -9.98
C ASP B 16 -9.76 -2.55 -8.79
N CYS B 17 -10.18 -1.33 -9.06
CA CYS B 17 -10.48 -0.35 -8.02
C CYS B 17 -11.39 0.71 -8.63
N PRO B 18 -12.46 1.12 -7.92
CA PRO B 18 -13.39 2.09 -8.52
C PRO B 18 -12.91 3.54 -8.50
N GLY B 19 -13.48 4.35 -9.38
CA GLY B 19 -13.16 5.77 -9.45
C GLY B 19 -12.21 6.08 -10.59
N ALA B 20 -11.92 7.36 -10.81
CA ALA B 20 -11.00 7.78 -11.84
C ALA B 20 -9.63 7.86 -11.17
N CYS B 21 -8.98 6.71 -11.06
CA CYS B 21 -7.71 6.58 -10.38
C CYS B 21 -6.74 5.79 -11.22
N ILE B 22 -5.48 5.76 -10.82
CA ILE B 22 -4.47 4.96 -11.50
C ILE B 22 -4.04 3.90 -10.48
N CYS B 23 -3.48 2.80 -10.97
CA CYS B 23 -3.07 1.69 -10.11
C CYS B 23 -1.57 1.47 -10.23
N ARG B 24 -0.97 1.00 -9.15
CA ARG B 24 0.47 0.72 -9.11
C ARG B 24 0.67 -0.63 -8.43
N HIS B 25 1.79 -1.27 -8.71
CA HIS B 25 2.13 -2.57 -8.13
C HIS B 25 2.36 -2.47 -6.62
N ASP B 26 2.39 -1.24 -6.11
CA ASP B 26 2.56 -0.97 -4.69
C ASP B 26 1.25 -1.22 -3.95
N SER B 27 0.27 -1.80 -4.65
CA SER B 27 -1.09 -2.00 -4.14
C SER B 27 -1.63 -0.63 -3.77
N TYR B 28 -1.45 0.29 -4.70
CA TYR B 28 -1.87 1.67 -4.51
C TYR B 28 -2.91 2.02 -5.57
N CYS B 29 -4.02 2.57 -5.12
CA CYS B 29 -5.10 3.03 -5.99
C CYS B 29 -5.32 4.48 -5.59
N GLY B 30 -5.34 5.37 -6.56
CA GLY B 30 -5.53 6.79 -6.27
C GLY B 30 -4.83 7.64 -7.29
N SER B 31 -4.43 8.84 -6.90
CA SER B 31 -3.66 9.76 -7.77
C SER B 31 -4.32 10.06 -9.13
N GLY B 32 -5.56 10.52 -9.12
CA GLY B 32 -6.19 10.96 -10.35
C GLY B 32 -5.66 12.34 -10.67
N SER B 33 -6.09 12.95 -11.77
CA SER B 33 -5.60 14.26 -12.17
C SER B 33 -6.67 15.00 -12.96
N ASP B 34 -6.56 16.33 -12.99
CA ASP B 34 -7.39 17.20 -13.83
C ASP B 34 -8.90 16.96 -13.74
N MET A 4 -8.11 -13.72 -3.15
CA MET A 4 -7.28 -14.86 -2.75
C MET A 4 -5.98 -14.82 -3.53
N TYR A 5 -4.93 -15.35 -2.92
CA TYR A 5 -3.61 -15.39 -3.54
C TYR A 5 -3.24 -16.78 -4.03
N SER A 6 -2.23 -16.85 -4.90
CA SER A 6 -1.74 -18.13 -5.42
C SER A 6 -0.22 -18.04 -5.60
N GLY A 7 0.51 -18.22 -4.51
CA GLY A 7 1.97 -18.15 -4.54
C GLY A 7 2.51 -18.26 -3.14
N GLU A 8 3.22 -19.34 -2.85
CA GLU A 8 3.79 -19.57 -1.53
C GLU A 8 4.92 -18.60 -1.23
N ASP A 9 5.63 -18.16 -2.26
CA ASP A 9 6.72 -17.20 -2.12
C ASP A 9 6.17 -15.88 -1.56
N CYS A 10 5.01 -15.49 -2.08
CA CYS A 10 4.33 -14.26 -1.73
C CYS A 10 3.86 -14.26 -0.28
N GLN A 11 3.94 -15.39 0.40
CA GLN A 11 3.53 -15.47 1.81
C GLN A 11 4.26 -14.43 2.64
N ASN A 12 5.45 -14.03 2.21
CA ASN A 12 6.23 -13.05 2.96
C ASN A 12 5.55 -11.68 2.88
N LEU A 13 4.89 -11.37 1.76
CA LEU A 13 4.12 -10.13 1.63
C LEU A 13 2.75 -10.26 2.30
N LEU A 14 2.17 -11.45 2.23
CA LEU A 14 0.84 -11.72 2.77
C LEU A 14 0.83 -11.86 4.29
N LYS A 15 2.03 -11.95 4.87
CA LYS A 15 2.15 -12.07 6.32
C LYS A 15 1.63 -10.74 6.90
N PRO A 16 0.93 -10.77 8.04
CA PRO A 16 0.39 -9.51 8.58
C PRO A 16 1.45 -8.49 8.99
N CYS A 17 1.00 -7.38 9.56
CA CYS A 17 1.90 -6.32 9.98
C CYS A 17 2.88 -6.93 10.96
N SER A 18 4.16 -6.69 10.76
CA SER A 18 5.22 -7.32 11.55
C SER A 18 5.28 -6.74 12.95
N LEU A 19 4.89 -5.50 13.08
CA LEU A 19 4.89 -4.81 14.36
C LEU A 19 3.65 -5.15 15.16
N CYS A 20 2.51 -5.24 14.48
CA CYS A 20 1.24 -5.50 15.15
C CYS A 20 0.76 -6.95 15.20
N GLU A 21 0.86 -7.64 14.07
CA GLU A 21 0.20 -8.95 13.76
C GLU A 21 -1.30 -9.00 14.07
N LYS A 22 -1.85 -7.84 14.41
CA LYS A 22 -3.25 -7.70 14.76
C LYS A 22 -4.08 -7.22 13.59
N ARG A 23 -3.40 -7.01 12.47
CA ARG A 23 -4.04 -6.46 11.28
C ARG A 23 -3.19 -6.87 10.08
N PRO A 24 -3.81 -7.00 8.89
CA PRO A 24 -3.03 -7.40 7.72
C PRO A 24 -2.07 -6.33 7.27
N ARG A 25 -1.29 -6.62 6.25
CA ARG A 25 -0.33 -5.67 5.71
C ARG A 25 -1.02 -4.75 4.70
N ASP A 26 -1.70 -3.74 5.21
CA ASP A 26 -2.44 -2.78 4.39
C ASP A 26 -1.69 -1.46 4.25
N GLY A 27 -0.43 -1.46 4.68
CA GLY A 27 0.41 -0.30 4.60
C GLY A 27 1.43 -0.49 3.51
N ASN A 28 1.20 0.16 2.39
CA ASN A 28 2.12 0.11 1.27
C ASN A 28 2.75 1.48 1.18
N ILE A 29 4.05 1.52 0.89
CA ILE A 29 4.78 2.77 0.79
C ILE A 29 5.14 3.03 -0.67
N ILE A 30 4.49 4.00 -1.30
CA ILE A 30 4.81 4.41 -2.67
C ILE A 30 5.96 5.39 -2.73
N HIS A 31 7.03 4.98 -3.40
CA HIS A 31 8.12 5.89 -3.74
C HIS A 31 8.42 5.81 -5.25
N GLY A 32 7.99 6.81 -6.00
CA GLY A 32 8.19 6.82 -7.43
C GLY A 32 7.16 5.98 -8.14
N ARG A 33 7.56 4.81 -8.61
CA ARG A 33 6.68 3.99 -9.45
C ARG A 33 6.35 2.63 -8.86
N THR A 34 6.95 2.32 -7.72
CA THR A 34 6.69 1.05 -7.02
C THR A 34 6.64 1.32 -5.53
N GLY A 35 6.20 0.33 -4.79
CA GLY A 35 6.16 0.43 -3.35
C GLY A 35 6.41 -0.86 -2.60
N HIS A 36 6.99 -0.73 -1.42
CA HIS A 36 7.25 -1.86 -0.54
C HIS A 36 6.15 -2.01 0.51
N LEU A 37 5.42 -3.11 0.41
CA LEU A 37 4.38 -3.49 1.38
C LEU A 37 5.10 -4.08 2.58
N VAL A 38 5.16 -3.35 3.69
CA VAL A 38 5.92 -3.82 4.86
C VAL A 38 5.20 -3.84 6.23
N THR A 39 4.16 -3.05 6.41
CA THR A 39 3.49 -2.95 7.72
C THR A 39 2.01 -2.64 7.47
N CYS A 40 1.26 -2.36 8.52
CA CYS A 40 -0.12 -1.92 8.33
C CYS A 40 -0.12 -0.41 8.07
N PHE A 41 -1.23 0.11 7.54
CA PHE A 41 -1.35 1.54 7.21
C PHE A 41 -1.00 2.43 8.38
N HIS A 42 -1.45 2.03 9.56
CA HIS A 42 -1.22 2.82 10.78
C HIS A 42 0.26 2.97 11.09
N CYS A 43 1.03 1.90 10.89
CA CYS A 43 2.46 1.95 11.15
C CYS A 43 3.17 2.72 10.06
N ALA A 44 2.78 2.51 8.80
CA ALA A 44 3.39 3.21 7.67
C ALA A 44 3.19 4.73 7.80
N ARG A 45 2.00 5.16 8.20
CA ARG A 45 1.72 6.59 8.38
C ARG A 45 2.54 7.15 9.55
N ARG A 46 2.67 6.38 10.62
CA ARG A 46 3.46 6.80 11.79
C ARG A 46 4.94 6.92 11.43
N LEU A 47 5.41 6.07 10.54
CA LEU A 47 6.82 6.03 10.17
C LEU A 47 7.31 7.38 9.66
N LYS A 48 6.61 7.98 8.70
CA LYS A 48 6.99 9.29 8.19
C LYS A 48 6.83 10.39 9.20
N LYS A 49 5.87 10.28 10.12
CA LYS A 49 5.72 11.29 11.17
C LYS A 49 6.98 11.29 12.03
N ALA A 50 7.52 10.11 12.26
CA ALA A 50 8.78 9.93 12.99
C ALA A 50 10.00 10.29 12.12
N GLY A 51 9.76 10.71 10.88
CA GLY A 51 10.80 11.13 9.97
C GLY A 51 11.36 10.01 9.11
N ALA A 52 11.22 8.77 9.56
CA ALA A 52 11.78 7.63 8.86
C ALA A 52 11.10 7.34 7.51
N SER A 53 11.93 6.99 6.54
CA SER A 53 11.48 6.60 5.21
C SER A 53 11.36 5.08 5.14
N CYS A 54 11.17 4.51 3.96
CA CYS A 54 10.94 3.06 3.82
C CYS A 54 11.93 2.25 4.64
N PRO A 55 11.47 1.22 5.39
CA PRO A 55 12.49 0.51 6.16
C PRO A 55 13.39 -0.34 5.28
N ILE A 56 12.94 -0.60 4.05
CA ILE A 56 13.72 -1.42 3.13
C ILE A 56 14.76 -0.58 2.40
N CYS A 57 14.29 0.36 1.60
CA CYS A 57 15.16 1.10 0.73
C CYS A 57 15.43 2.56 1.12
N LYS A 58 14.79 3.00 2.21
CA LYS A 58 14.91 4.38 2.75
C LYS A 58 14.67 5.49 1.72
N LYS A 59 13.99 5.16 0.62
CA LYS A 59 13.67 6.15 -0.39
C LYS A 59 12.51 6.94 0.17
N GLU A 60 12.43 8.21 -0.17
CA GLU A 60 11.41 9.09 0.39
C GLU A 60 9.99 8.67 0.04
N ILE A 61 9.17 8.65 1.07
CA ILE A 61 7.79 8.22 0.96
C ILE A 61 6.94 9.35 0.40
N GLN A 62 6.47 9.19 -0.82
CA GLN A 62 5.61 10.21 -1.43
C GLN A 62 4.23 10.11 -0.81
N LEU A 63 3.76 8.88 -0.65
CA LEU A 63 2.48 8.63 -0.01
C LEU A 63 2.41 7.20 0.48
N VAL A 64 1.45 6.95 1.35
CA VAL A 64 1.16 5.62 1.86
C VAL A 64 -0.34 5.57 1.62
N ILE A 65 -0.89 4.40 1.32
CA ILE A 65 -2.29 4.29 0.89
C ILE A 65 -3.00 3.27 1.79
N LYS A 66 -4.30 3.45 1.97
CA LYS A 66 -5.08 2.62 2.88
C LYS A 66 -5.82 1.54 2.10
N VAL A 67 -5.28 0.34 2.11
CA VAL A 67 -5.85 -0.81 1.40
C VAL A 67 -6.82 -1.61 2.26
N PHE A 68 -7.90 -2.12 1.68
CA PHE A 68 -8.76 -3.07 2.37
C PHE A 68 -9.45 -3.95 1.36
N ILE A 69 -9.94 -5.09 1.83
CA ILE A 69 -10.74 -6.01 1.03
C ILE A 69 -12.12 -6.06 1.67
N ALA A 70 -12.99 -5.18 1.21
CA ALA A 70 -14.35 -5.11 1.71
C ALA A 70 -15.20 -4.74 0.50
N GLY B 1 -7.47 13.23 -14.48
CA GLY B 1 -7.97 13.85 -13.25
C GLY B 1 -7.63 13.04 -12.02
N GLY B 2 -7.73 11.72 -12.13
CA GLY B 2 -7.38 10.86 -11.02
C GLY B 2 -8.44 10.77 -9.95
N VAL B 3 -9.71 10.77 -10.35
CA VAL B 3 -10.82 10.74 -9.40
C VAL B 3 -11.54 9.39 -9.38
N CYS B 4 -11.34 8.69 -8.28
CA CYS B 4 -12.02 7.44 -7.98
C CYS B 4 -12.64 7.59 -6.58
N PRO B 5 -13.60 6.73 -6.21
CA PRO B 5 -14.11 6.84 -4.83
C PRO B 5 -13.10 6.27 -3.84
N ASN B 6 -13.44 6.24 -2.57
CA ASN B 6 -12.55 5.75 -1.53
C ASN B 6 -12.52 4.20 -1.44
N LEU B 7 -12.72 3.53 -2.56
CA LEU B 7 -12.72 2.07 -2.61
C LEU B 7 -11.31 1.60 -3.01
N TYR B 8 -10.45 1.44 -2.03
CA TYR B 8 -9.06 1.08 -2.28
C TYR B 8 -8.79 -0.42 -2.08
N LEU B 9 -9.00 -1.17 -3.14
CA LEU B 9 -8.79 -2.62 -3.11
C LEU B 9 -7.39 -2.95 -3.65
N LEU B 10 -6.97 -4.19 -3.51
CA LEU B 10 -5.71 -4.63 -4.13
C LEU B 10 -6.06 -4.78 -5.60
N CYS B 11 -5.18 -4.32 -6.48
CA CYS B 11 -5.45 -4.33 -7.91
C CYS B 11 -4.16 -4.49 -8.70
N ARG B 12 -4.31 -4.83 -9.96
CA ARG B 12 -3.19 -5.03 -10.89
C ARG B 12 -3.33 -4.19 -12.16
N ARG B 13 -4.55 -3.85 -12.53
CA ARG B 13 -4.84 -3.03 -13.71
C ARG B 13 -5.69 -1.85 -13.29
N ASP B 14 -5.65 -0.79 -14.08
CA ASP B 14 -6.45 0.42 -13.80
C ASP B 14 -7.94 0.10 -13.76
N SER B 15 -8.36 -0.88 -14.55
CA SER B 15 -9.76 -1.29 -14.63
C SER B 15 -10.27 -2.09 -13.43
N ASP B 16 -9.41 -2.29 -12.45
CA ASP B 16 -9.73 -3.09 -11.26
C ASP B 16 -10.26 -2.18 -10.14
N CYS B 17 -10.61 -0.96 -10.48
CA CYS B 17 -10.99 0.05 -9.50
C CYS B 17 -11.86 1.04 -10.27
N PRO B 18 -13.11 1.26 -9.81
CA PRO B 18 -14.02 2.09 -10.63
C PRO B 18 -13.73 3.59 -10.58
N GLY B 19 -13.87 4.26 -11.71
CA GLY B 19 -13.64 5.68 -11.80
C GLY B 19 -12.47 5.95 -12.72
N ALA B 20 -11.98 7.18 -12.74
CA ALA B 20 -10.86 7.55 -13.61
C ALA B 20 -9.56 7.65 -12.79
N CYS B 21 -8.91 6.53 -12.55
CA CYS B 21 -7.66 6.49 -11.78
C CYS B 21 -6.80 5.32 -12.23
N ILE B 22 -5.57 5.26 -11.77
CA ILE B 22 -4.65 4.19 -12.12
C ILE B 22 -4.45 3.25 -10.95
N CYS B 23 -3.97 2.06 -11.23
CA CYS B 23 -3.70 1.06 -10.22
C CYS B 23 -2.28 0.55 -10.37
N ARG B 24 -1.74 -0.01 -9.30
CA ARG B 24 -0.36 -0.54 -9.30
C ARG B 24 -0.30 -1.83 -8.50
N HIS B 25 0.72 -2.62 -8.77
CA HIS B 25 0.94 -3.89 -8.06
C HIS B 25 1.27 -3.64 -6.58
N ASP B 26 1.47 -2.37 -6.24
CA ASP B 26 1.75 -1.93 -4.88
C ASP B 26 0.47 -1.92 -4.04
N SER B 27 -0.58 -2.57 -4.54
CA SER B 27 -1.91 -2.61 -3.90
C SER B 27 -2.40 -1.17 -3.75
N TYR B 28 -2.21 -0.40 -4.80
CA TYR B 28 -2.56 1.01 -4.80
C TYR B 28 -3.56 1.31 -5.90
N CYS B 29 -4.61 2.04 -5.57
CA CYS B 29 -5.57 2.55 -6.52
C CYS B 29 -5.57 4.04 -6.20
N GLY B 30 -5.45 4.89 -7.21
CA GLY B 30 -5.43 6.32 -6.97
C GLY B 30 -5.04 7.16 -8.16
N SER B 31 -4.98 8.47 -7.95
CA SER B 31 -4.71 9.42 -9.02
C SER B 31 -3.43 9.18 -9.82
N GLY B 32 -3.43 9.70 -11.05
CA GLY B 32 -2.29 9.54 -11.94
C GLY B 32 -2.58 9.87 -13.40
N SER B 33 -3.83 9.71 -13.82
CA SER B 33 -4.24 10.02 -15.19
C SER B 33 -5.68 10.46 -15.16
N ASP B 34 -6.09 11.21 -16.18
CA ASP B 34 -7.48 11.67 -16.35
C ASP B 34 -8.13 12.25 -15.07
N MET A 4 -6.01 -19.01 1.33
CA MET A 4 -6.60 -18.08 0.38
C MET A 4 -5.52 -17.63 -0.61
N TYR A 5 -4.32 -18.18 -0.46
CA TYR A 5 -3.19 -17.72 -1.27
C TYR A 5 -2.67 -18.74 -2.26
N SER A 6 -2.19 -18.27 -3.40
CA SER A 6 -1.66 -19.14 -4.46
C SER A 6 -0.27 -18.69 -4.93
N GLY A 7 0.51 -18.14 -4.02
CA GLY A 7 1.85 -17.67 -4.34
C GLY A 7 2.63 -17.43 -3.07
N GLU A 8 3.52 -18.36 -2.74
CA GLU A 8 4.25 -18.30 -1.47
C GLU A 8 5.26 -17.17 -1.35
N ASP A 9 5.90 -16.77 -2.43
CA ASP A 9 6.86 -15.66 -2.39
C ASP A 9 6.16 -14.36 -1.98
N CYS A 10 4.98 -14.13 -2.52
CA CYS A 10 4.21 -12.92 -2.24
C CYS A 10 3.50 -13.07 -0.91
N GLN A 11 3.40 -14.29 -0.41
CA GLN A 11 2.70 -14.58 0.85
C GLN A 11 3.30 -13.80 2.01
N ASN A 12 4.57 -13.47 1.93
CA ASN A 12 5.20 -12.71 3.01
C ASN A 12 4.59 -11.29 3.06
N LEU A 13 4.15 -10.75 1.92
CA LEU A 13 3.46 -9.47 1.88
C LEU A 13 1.99 -9.64 2.32
N LEU A 14 1.44 -10.82 2.06
CA LEU A 14 0.04 -11.14 2.40
C LEU A 14 -0.08 -11.44 3.89
N LYS A 15 1.05 -11.63 4.53
CA LYS A 15 1.13 -11.86 5.97
C LYS A 15 0.65 -10.56 6.63
N PRO A 16 -0.01 -10.64 7.79
CA PRO A 16 -0.48 -9.39 8.42
C PRO A 16 0.65 -8.43 8.85
N CYS A 17 0.26 -7.34 9.49
CA CYS A 17 1.23 -6.33 9.94
C CYS A 17 2.21 -7.03 10.86
N SER A 18 3.49 -6.78 10.66
CA SER A 18 4.54 -7.49 11.39
C SER A 18 4.65 -7.04 12.83
N LEU A 19 4.28 -5.79 13.06
CA LEU A 19 4.32 -5.21 14.39
C LEU A 19 3.07 -5.57 15.17
N CYS A 20 1.93 -5.57 14.50
CA CYS A 20 0.66 -5.85 15.15
C CYS A 20 0.15 -7.27 15.11
N GLU A 21 0.22 -7.89 13.94
CA GLU A 21 -0.45 -9.15 13.54
C GLU A 21 -1.96 -9.19 13.83
N LYS A 22 -2.49 -8.04 14.25
CA LYS A 22 -3.90 -7.88 14.60
C LYS A 22 -4.69 -7.25 13.49
N ARG A 23 -4.02 -7.00 12.38
CA ARG A 23 -4.64 -6.37 11.21
C ARG A 23 -3.82 -6.74 10.00
N PRO A 24 -4.45 -6.79 8.81
CA PRO A 24 -3.68 -7.16 7.61
C PRO A 24 -2.69 -6.08 7.22
N ARG A 25 -1.87 -6.37 6.22
CA ARG A 25 -0.89 -5.41 5.75
C ARG A 25 -1.55 -4.47 4.74
N ASP A 26 -2.25 -3.48 5.27
CA ASP A 26 -3.00 -2.52 4.45
C ASP A 26 -2.25 -1.19 4.33
N GLY A 27 -1.02 -1.18 4.80
CA GLY A 27 -0.17 -0.01 4.72
C GLY A 27 0.91 -0.25 3.71
N ASN A 28 0.76 0.35 2.55
CA ASN A 28 1.75 0.22 1.50
C ASN A 28 2.35 1.60 1.30
N ILE A 29 3.64 1.64 1.04
CA ILE A 29 4.36 2.90 0.91
C ILE A 29 4.81 3.13 -0.53
N ILE A 30 4.17 4.07 -1.23
CA ILE A 30 4.56 4.44 -2.59
C ILE A 30 5.69 5.47 -2.62
N HIS A 31 6.78 5.09 -3.27
CA HIS A 31 7.84 6.03 -3.60
C HIS A 31 8.18 5.98 -5.10
N GLY A 32 7.68 6.95 -5.85
CA GLY A 32 7.87 6.99 -7.28
C GLY A 32 6.84 6.11 -7.98
N ARG A 33 7.26 4.95 -8.47
CA ARG A 33 6.35 4.07 -9.20
C ARG A 33 6.35 2.66 -8.67
N THR A 34 6.90 2.48 -7.48
CA THR A 34 6.90 1.20 -6.80
C THR A 34 6.65 1.48 -5.34
N GLY A 35 6.20 0.46 -4.62
CA GLY A 35 6.00 0.58 -3.20
C GLY A 35 6.22 -0.68 -2.41
N HIS A 36 6.73 -0.52 -1.20
CA HIS A 36 6.95 -1.67 -0.31
C HIS A 36 5.79 -1.84 0.67
N LEU A 37 5.18 -3.02 0.65
CA LEU A 37 4.10 -3.39 1.56
C LEU A 37 4.76 -3.94 2.82
N VAL A 38 4.75 -3.18 3.91
CA VAL A 38 5.48 -3.60 5.12
C VAL A 38 4.74 -3.66 6.45
N THR A 39 3.69 -2.87 6.64
CA THR A 39 2.98 -2.82 7.91
C THR A 39 1.53 -2.47 7.65
N CYS A 40 0.75 -2.23 8.68
CA CYS A 40 -0.60 -1.74 8.49
C CYS A 40 -0.53 -0.22 8.33
N PHE A 41 -1.59 0.37 7.79
CA PHE A 41 -1.68 1.81 7.54
C PHE A 41 -1.37 2.64 8.77
N HIS A 42 -1.79 2.14 9.92
CA HIS A 42 -1.58 2.84 11.18
C HIS A 42 -0.09 2.97 11.51
N CYS A 43 0.67 1.91 11.27
CA CYS A 43 2.11 1.94 11.53
C CYS A 43 2.84 2.72 10.46
N ALA A 44 2.51 2.50 9.20
CA ALA A 44 3.17 3.17 8.09
C ALA A 44 2.99 4.69 8.18
N ARG A 45 1.80 5.15 8.53
CA ARG A 45 1.54 6.58 8.65
C ARG A 45 2.28 7.17 9.86
N ARG A 46 2.37 6.41 10.94
CA ARG A 46 3.10 6.84 12.14
C ARG A 46 4.57 7.04 11.82
N LEU A 47 5.10 6.21 10.93
CA LEU A 47 6.51 6.24 10.58
C LEU A 47 6.96 7.61 10.08
N LYS A 48 6.20 8.25 9.21
CA LYS A 48 6.54 9.59 8.75
C LYS A 48 6.49 10.63 9.85
N LYS A 49 5.62 10.45 10.84
CA LYS A 49 5.55 11.40 11.96
C LYS A 49 6.83 11.30 12.80
N ALA A 50 7.48 10.14 12.74
CA ALA A 50 8.76 9.94 13.43
C ALA A 50 9.91 10.42 12.55
N GLY A 51 9.58 10.93 11.37
CA GLY A 51 10.58 11.44 10.43
C GLY A 51 11.17 10.38 9.52
N ALA A 52 10.77 9.13 9.74
CA ALA A 52 11.34 8.02 8.98
C ALA A 52 10.60 7.72 7.67
N SER A 53 11.40 7.42 6.66
CA SER A 53 10.96 7.01 5.34
C SER A 53 10.82 5.48 5.34
N CYS A 54 10.66 4.86 4.17
CA CYS A 54 10.43 3.40 4.07
C CYS A 54 11.39 2.59 4.95
N PRO A 55 10.89 1.59 5.69
CA PRO A 55 11.86 0.88 6.52
C PRO A 55 12.80 -0.02 5.71
N ILE A 56 12.43 -0.33 4.47
CA ILE A 56 13.29 -1.17 3.63
C ILE A 56 14.32 -0.36 2.86
N CYS A 57 13.86 0.58 2.06
CA CYS A 57 14.76 1.31 1.17
C CYS A 57 15.05 2.75 1.58
N LYS A 58 14.41 3.20 2.66
CA LYS A 58 14.55 4.58 3.20
C LYS A 58 14.31 5.70 2.18
N LYS A 59 13.67 5.38 1.07
CA LYS A 59 13.38 6.36 0.04
C LYS A 59 12.20 7.19 0.54
N GLU A 60 12.18 8.46 0.21
CA GLU A 60 11.12 9.35 0.69
C GLU A 60 9.76 8.93 0.13
N ILE A 61 8.77 9.02 1.00
CA ILE A 61 7.41 8.56 0.77
C ILE A 61 6.55 9.66 0.16
N GLN A 62 5.97 9.40 -1.00
CA GLN A 62 5.05 10.37 -1.62
C GLN A 62 3.71 10.24 -0.93
N LEU A 63 3.29 9.00 -0.73
CA LEU A 63 2.02 8.71 -0.08
C LEU A 63 2.04 7.30 0.48
N VAL A 64 1.06 7.04 1.32
CA VAL A 64 0.85 5.73 1.92
C VAL A 64 -0.57 5.52 1.45
N ILE A 65 -0.98 4.30 1.18
CA ILE A 65 -2.30 4.06 0.63
C ILE A 65 -2.95 3.18 1.67
N LYS A 66 -4.27 3.29 1.75
CA LYS A 66 -5.05 2.58 2.75
C LYS A 66 -5.85 1.56 1.99
N VAL A 67 -5.41 0.32 1.99
CA VAL A 67 -6.12 -0.73 1.28
C VAL A 67 -7.23 -1.34 2.14
N PHE A 68 -8.35 -1.66 1.52
CA PHE A 68 -9.40 -2.40 2.18
C PHE A 68 -10.06 -3.11 1.03
N ILE A 69 -10.73 -4.20 1.33
CA ILE A 69 -11.53 -4.89 0.33
C ILE A 69 -12.96 -4.83 0.85
N ALA A 70 -13.54 -3.64 0.77
CA ALA A 70 -14.89 -3.36 1.22
C ALA A 70 -15.33 -2.21 0.33
N GLY B 1 -0.57 13.26 -5.90
CA GLY B 1 -1.86 13.83 -5.57
C GLY B 1 -2.78 13.61 -6.76
N GLY B 2 -3.97 14.20 -6.73
CA GLY B 2 -4.90 14.07 -7.84
C GLY B 2 -5.46 12.66 -8.03
N VAL B 3 -5.71 11.96 -6.95
CA VAL B 3 -6.26 10.61 -7.03
C VAL B 3 -7.74 10.65 -7.41
N CYS B 4 -8.22 9.56 -8.01
CA CYS B 4 -9.63 9.45 -8.37
C CYS B 4 -10.39 9.03 -7.09
N PRO B 5 -11.72 9.23 -7.05
CA PRO B 5 -12.49 8.84 -5.85
C PRO B 5 -12.82 7.34 -5.79
N ASN B 6 -11.82 6.50 -5.99
CA ASN B 6 -12.02 5.05 -6.02
C ASN B 6 -11.79 4.40 -4.66
N LEU B 7 -12.29 3.19 -4.51
CA LEU B 7 -12.02 2.39 -3.33
C LEU B 7 -10.63 1.81 -3.55
N TYR B 8 -9.78 1.92 -2.54
CA TYR B 8 -8.40 1.47 -2.65
C TYR B 8 -8.33 -0.04 -2.37
N LEU B 9 -8.28 -0.83 -3.42
CA LEU B 9 -8.26 -2.28 -3.31
C LEU B 9 -7.04 -2.83 -4.05
N LEU B 10 -6.76 -4.11 -3.86
CA LEU B 10 -5.63 -4.75 -4.53
C LEU B 10 -6.04 -4.97 -5.98
N CYS B 11 -5.32 -4.35 -6.90
CA CYS B 11 -5.67 -4.41 -8.32
C CYS B 11 -4.51 -4.97 -9.15
N ARG B 12 -4.84 -5.35 -10.38
CA ARG B 12 -3.85 -5.85 -11.35
C ARG B 12 -3.92 -5.05 -12.65
N ARG B 13 -5.08 -4.48 -12.94
CA ARG B 13 -5.28 -3.66 -14.14
C ARG B 13 -5.83 -2.32 -13.70
N ASP B 14 -5.61 -1.30 -14.52
CA ASP B 14 -6.08 0.05 -14.21
C ASP B 14 -7.60 0.13 -14.12
N SER B 15 -8.27 -0.70 -14.90
CA SER B 15 -9.74 -0.75 -14.95
C SER B 15 -10.39 -1.53 -13.79
N ASP B 16 -9.59 -1.87 -12.79
CA ASP B 16 -10.08 -2.66 -11.64
C ASP B 16 -10.73 -1.78 -10.57
N CYS B 17 -11.04 -0.54 -10.93
CA CYS B 17 -11.52 0.45 -9.96
C CYS B 17 -12.31 1.51 -10.72
N PRO B 18 -13.38 2.06 -10.12
CA PRO B 18 -14.21 3.03 -10.86
C PRO B 18 -13.59 4.41 -11.01
N GLY B 19 -13.86 5.03 -12.16
CA GLY B 19 -13.35 6.37 -12.44
C GLY B 19 -12.10 6.33 -13.29
N ALA B 20 -11.53 7.49 -13.56
CA ALA B 20 -10.30 7.57 -14.34
C ALA B 20 -9.12 7.28 -13.41
N CYS B 21 -8.81 5.99 -13.25
CA CYS B 21 -7.79 5.55 -12.32
C CYS B 21 -6.69 4.74 -13.01
N ILE B 22 -5.61 4.52 -12.29
CA ILE B 22 -4.48 3.71 -12.72
C ILE B 22 -4.18 2.73 -11.60
N CYS B 23 -3.46 1.67 -11.91
CA CYS B 23 -3.13 0.64 -10.93
C CYS B 23 -1.64 0.35 -10.91
N ARG B 24 -1.13 -0.06 -9.76
CA ARG B 24 0.26 -0.48 -9.62
C ARG B 24 0.32 -1.75 -8.80
N HIS B 25 1.39 -2.52 -9.01
CA HIS B 25 1.60 -3.79 -8.33
C HIS B 25 1.80 -3.63 -6.81
N ASP B 26 1.92 -2.39 -6.37
CA ASP B 26 2.09 -2.04 -4.96
C ASP B 26 0.76 -2.14 -4.21
N SER B 27 -0.22 -2.80 -4.83
CA SER B 27 -1.59 -2.91 -4.30
C SER B 27 -2.13 -1.50 -4.13
N TYR B 28 -1.90 -0.69 -5.15
CA TYR B 28 -2.33 0.69 -5.19
C TYR B 28 -3.25 0.90 -6.35
N CYS B 29 -4.37 1.54 -6.11
CA CYS B 29 -5.28 1.94 -7.15
C CYS B 29 -5.59 3.39 -6.80
N GLY B 30 -5.59 4.27 -7.78
CA GLY B 30 -5.79 5.69 -7.52
C GLY B 30 -5.48 6.39 -8.82
N SER B 31 -5.16 7.67 -8.81
CA SER B 31 -4.86 8.38 -10.06
C SER B 31 -3.85 9.49 -9.82
N GLY B 32 -3.47 10.16 -10.90
CA GLY B 32 -2.53 11.25 -10.80
C GLY B 32 -1.14 10.84 -10.36
N SER B 33 -0.39 11.80 -9.84
CA SER B 33 0.94 11.57 -9.32
C SER B 33 1.12 12.63 -8.24
N ASP B 34 1.62 12.19 -7.08
CA ASP B 34 1.86 13.07 -5.92
C ASP B 34 0.57 13.78 -5.45
N MET A 4 -9.36 -17.05 2.29
CA MET A 4 -9.73 -16.07 1.28
C MET A 4 -8.57 -15.83 0.32
N TYR A 5 -7.46 -16.54 0.53
CA TYR A 5 -6.26 -16.29 -0.27
C TYR A 5 -5.90 -17.43 -1.19
N SER A 6 -5.16 -17.12 -2.24
CA SER A 6 -4.68 -18.11 -3.20
C SER A 6 -3.23 -17.77 -3.44
N GLY A 7 -2.35 -18.75 -3.24
CA GLY A 7 -0.92 -18.52 -3.33
C GLY A 7 -0.35 -18.51 -1.93
N GLU A 8 0.43 -19.54 -1.61
CA GLU A 8 1.02 -19.70 -0.28
C GLU A 8 2.02 -18.59 0.03
N ASP A 9 2.67 -18.06 -0.98
CA ASP A 9 3.67 -17.00 -0.82
C ASP A 9 3.09 -15.79 -0.10
N CYS A 10 1.80 -15.54 -0.31
CA CYS A 10 1.08 -14.42 0.28
C CYS A 10 1.01 -14.51 1.80
N GLN A 11 1.42 -15.65 2.36
CA GLN A 11 1.42 -15.86 3.82
C GLN A 11 2.24 -14.77 4.52
N ASN A 12 3.23 -14.20 3.85
CA ASN A 12 4.03 -13.14 4.45
C ASN A 12 3.21 -11.84 4.58
N LEU A 13 2.31 -11.60 3.64
CA LEU A 13 1.44 -10.41 3.70
C LEU A 13 0.30 -10.60 4.69
N LEU A 14 -0.11 -11.85 4.90
CA LEU A 14 -1.21 -12.16 5.83
C LEU A 14 -0.81 -11.87 7.28
N LYS A 15 0.48 -11.73 7.53
CA LYS A 15 0.93 -11.44 8.90
C LYS A 15 0.56 -9.99 9.21
N PRO A 16 0.13 -9.71 10.45
CA PRO A 16 -0.27 -8.34 10.80
C PRO A 16 0.91 -7.37 10.91
N CYS A 17 0.65 -6.18 11.41
CA CYS A 17 1.71 -5.20 11.62
C CYS A 17 2.75 -5.81 12.53
N SER A 18 4.00 -5.71 12.15
CA SER A 18 5.10 -6.37 12.86
C SER A 18 5.43 -5.69 14.18
N LEU A 19 5.11 -4.41 14.26
CA LEU A 19 5.37 -3.63 15.46
C LEU A 19 4.17 -3.68 16.40
N CYS A 20 2.98 -3.61 15.82
CA CYS A 20 1.75 -3.57 16.61
C CYS A 20 1.05 -4.89 16.88
N GLU A 21 0.95 -5.73 15.86
CA GLU A 21 0.09 -6.95 15.80
C GLU A 21 -1.39 -6.69 16.15
N LYS A 22 -1.74 -5.42 16.32
CA LYS A 22 -3.07 -4.99 16.70
C LYS A 22 -3.85 -4.49 15.51
N ARG A 23 -3.23 -4.57 14.34
CA ARG A 23 -3.83 -4.08 13.10
C ARG A 23 -3.19 -4.84 11.95
N PRO A 24 -3.90 -4.99 10.82
CA PRO A 24 -3.33 -5.71 9.67
C PRO A 24 -2.21 -4.92 8.99
N ARG A 25 -1.62 -5.53 7.99
CA ARG A 25 -0.55 -4.89 7.22
C ARG A 25 -1.18 -3.95 6.19
N ASP A 26 -1.57 -2.77 6.65
CA ASP A 26 -2.21 -1.75 5.81
C ASP A 26 -1.25 -0.59 5.52
N GLY A 27 0.02 -0.81 5.84
CA GLY A 27 1.03 0.20 5.67
C GLY A 27 1.82 -0.14 4.45
N ASN A 28 1.52 0.61 3.41
CA ASN A 28 2.13 0.44 2.12
C ASN A 28 3.23 1.48 2.02
N ILE A 29 4.30 1.14 1.31
CA ILE A 29 5.38 2.10 1.09
C ILE A 29 5.74 2.04 -0.39
N ILE A 30 5.40 3.06 -1.15
CA ILE A 30 5.77 3.17 -2.57
C ILE A 30 7.07 3.92 -2.80
N HIS A 31 8.02 3.24 -3.43
CA HIS A 31 9.24 3.88 -3.93
C HIS A 31 9.43 3.59 -5.43
N GLY A 32 8.98 4.50 -6.28
CA GLY A 32 9.05 4.32 -7.71
C GLY A 32 7.92 3.47 -8.22
N ARG A 33 8.21 2.22 -8.59
CA ARG A 33 7.18 1.37 -9.19
C ARG A 33 6.82 0.15 -8.36
N THR A 34 7.47 -0.01 -7.23
CA THR A 34 7.22 -1.13 -6.32
C THR A 34 7.19 -0.62 -4.90
N GLY A 35 6.66 -1.45 -4.01
CA GLY A 35 6.62 -1.13 -2.61
C GLY A 35 6.70 -2.30 -1.65
N HIS A 36 7.27 -2.04 -0.49
CA HIS A 36 7.35 -3.05 0.57
C HIS A 36 6.29 -2.85 1.65
N LEU A 37 5.29 -3.72 1.65
CA LEU A 37 4.24 -3.73 2.68
C LEU A 37 4.82 -4.39 3.92
N VAL A 38 5.11 -3.60 4.95
CA VAL A 38 5.80 -4.12 6.14
C VAL A 38 5.20 -3.86 7.52
N THR A 39 4.36 -2.85 7.66
CA THR A 39 3.80 -2.48 8.97
C THR A 39 2.40 -1.95 8.73
N CYS A 40 1.77 -1.38 9.75
CA CYS A 40 0.49 -0.72 9.57
C CYS A 40 0.70 0.71 9.07
N PHE A 41 -0.34 1.32 8.52
CA PHE A 41 -0.28 2.70 7.99
C PHE A 41 0.26 3.68 9.02
N HIS A 42 -0.20 3.52 10.25
CA HIS A 42 0.22 4.40 11.35
C HIS A 42 1.74 4.34 11.56
N CYS A 43 2.31 3.15 11.48
CA CYS A 43 3.75 2.98 11.64
C CYS A 43 4.50 3.53 10.43
N ALA A 44 3.99 3.28 9.23
CA ALA A 44 4.64 3.77 8.01
C ALA A 44 4.73 5.31 8.03
N ARG A 45 3.65 5.96 8.46
CA ARG A 45 3.65 7.43 8.55
C ARG A 45 4.62 7.90 9.64
N ARG A 46 4.65 7.19 10.77
CA ARG A 46 5.55 7.54 11.88
C ARG A 46 7.01 7.38 11.45
N LEU A 47 7.28 6.38 10.64
CA LEU A 47 8.62 6.10 10.15
C LEU A 47 9.18 7.28 9.36
N LYS A 48 8.42 7.79 8.41
CA LYS A 48 8.85 8.93 7.63
C LYS A 48 8.94 10.19 8.47
N LYS A 49 8.10 10.31 9.49
CA LYS A 49 8.16 11.47 10.39
C LYS A 49 9.50 11.47 11.15
N ALA A 50 10.06 10.29 11.37
CA ALA A 50 11.35 10.16 12.04
C ALA A 50 12.50 10.37 11.02
N GLY A 51 12.14 10.61 9.77
CA GLY A 51 13.12 10.85 8.72
C GLY A 51 13.58 9.58 8.03
N ALA A 52 13.06 8.44 8.48
CA ALA A 52 13.49 7.16 7.94
C ALA A 52 12.73 6.76 6.66
N SER A 53 13.47 6.07 5.80
CA SER A 53 12.98 5.54 4.54
C SER A 53 12.57 4.08 4.80
N CYS A 54 12.29 3.32 3.74
CA CYS A 54 11.84 1.92 3.88
C CYS A 54 12.71 1.12 4.84
N PRO A 55 12.10 0.33 5.75
CA PRO A 55 13.02 -0.40 6.63
C PRO A 55 13.71 -1.56 5.92
N ILE A 56 13.22 -1.92 4.75
CA ILE A 56 13.82 -3.01 3.97
C ILE A 56 14.98 -2.51 3.14
N CYS A 57 14.67 -1.60 2.21
CA CYS A 57 15.63 -1.18 1.23
C CYS A 57 16.18 0.25 1.42
N LYS A 58 15.67 0.96 2.44
CA LYS A 58 16.08 2.35 2.76
C LYS A 58 15.92 3.32 1.56
N LYS A 59 15.17 2.90 0.56
CA LYS A 59 14.94 3.74 -0.61
C LYS A 59 13.94 4.81 -0.22
N GLU A 60 14.07 5.99 -0.81
CA GLU A 60 13.22 7.13 -0.47
C GLU A 60 11.76 6.83 -0.72
N ILE A 61 10.93 7.14 0.28
CA ILE A 61 9.51 6.88 0.20
C ILE A 61 8.82 8.08 -0.41
N GLN A 62 8.18 7.87 -1.55
CA GLN A 62 7.46 8.94 -2.23
C GLN A 62 6.11 9.14 -1.56
N LEU A 63 5.43 8.03 -1.30
CA LEU A 63 4.12 8.08 -0.66
C LEU A 63 3.86 6.75 0.04
N VAL A 64 2.86 6.78 0.90
CA VAL A 64 2.41 5.61 1.64
C VAL A 64 0.90 5.73 1.41
N ILE A 65 0.20 4.61 1.32
CA ILE A 65 -1.23 4.62 1.02
C ILE A 65 -1.93 3.88 2.14
N LYS A 66 -3.18 4.24 2.39
CA LYS A 66 -3.97 3.65 3.45
C LYS A 66 -4.95 2.70 2.78
N VAL A 67 -4.63 1.42 2.81
CA VAL A 67 -5.47 0.38 2.19
C VAL A 67 -6.33 -0.29 3.26
N PHE A 68 -7.56 -0.62 2.92
CA PHE A 68 -8.43 -1.32 3.85
C PHE A 68 -9.44 -2.14 3.07
N ILE A 69 -10.05 -3.09 3.77
CA ILE A 69 -11.15 -3.87 3.24
C ILE A 69 -12.34 -3.45 4.09
N ALA A 70 -13.00 -2.40 3.64
CA ALA A 70 -14.17 -1.87 4.30
C ALA A 70 -15.04 -1.28 3.19
N GLY B 1 -7.36 14.71 -13.17
CA GLY B 1 -8.42 14.04 -13.92
C GLY B 1 -8.66 12.66 -13.35
N GLY B 2 -7.72 12.20 -12.55
CA GLY B 2 -7.81 10.91 -11.89
C GLY B 2 -8.73 10.92 -10.69
N VAL B 3 -9.99 11.25 -10.90
CA VAL B 3 -10.96 11.35 -9.83
C VAL B 3 -11.35 9.95 -9.35
N CYS B 4 -10.93 9.61 -8.14
CA CYS B 4 -11.26 8.34 -7.52
C CYS B 4 -11.85 8.59 -6.13
N PRO B 5 -12.79 7.75 -5.69
CA PRO B 5 -13.29 7.96 -4.33
C PRO B 5 -12.27 7.46 -3.30
N ASN B 6 -12.51 7.73 -2.03
CA ASN B 6 -11.58 7.33 -0.96
C ASN B 6 -11.72 5.86 -0.57
N LEU B 7 -12.01 5.00 -1.55
CA LEU B 7 -12.16 3.57 -1.30
C LEU B 7 -10.89 2.90 -1.78
N TYR B 8 -9.91 2.85 -0.89
CA TYR B 8 -8.61 2.28 -1.21
C TYR B 8 -8.56 0.83 -0.77
N LEU B 9 -8.81 -0.08 -1.70
CA LEU B 9 -8.81 -1.51 -1.42
C LEU B 9 -7.70 -2.19 -2.22
N LEU B 10 -7.41 -3.44 -1.88
CA LEU B 10 -6.38 -4.20 -2.58
C LEU B 10 -6.97 -4.53 -3.95
N CYS B 11 -6.17 -4.38 -5.00
CA CYS B 11 -6.64 -4.60 -6.36
C CYS B 11 -5.58 -5.33 -7.18
N ARG B 12 -6.01 -5.85 -8.32
CA ARG B 12 -5.14 -6.61 -9.23
C ARG B 12 -4.79 -5.88 -10.53
N ARG B 13 -5.62 -4.91 -10.91
CA ARG B 13 -5.44 -4.19 -12.18
C ARG B 13 -6.09 -2.83 -12.01
N ASP B 14 -5.85 -1.92 -12.94
CA ASP B 14 -6.38 -0.55 -12.85
C ASP B 14 -7.90 -0.48 -12.70
N SER B 15 -8.61 -1.24 -13.54
CA SER B 15 -10.08 -1.29 -13.50
C SER B 15 -10.63 -2.19 -12.38
N ASP B 16 -9.74 -2.60 -11.49
CA ASP B 16 -10.06 -3.54 -10.41
C ASP B 16 -10.29 -2.78 -9.09
N CYS B 17 -10.43 -1.45 -9.20
CA CYS B 17 -10.68 -0.58 -8.05
C CYS B 17 -11.33 0.69 -8.65
N PRO B 18 -12.12 1.43 -7.84
CA PRO B 18 -12.94 2.49 -8.45
C PRO B 18 -12.26 3.81 -8.81
N GLY B 19 -12.85 4.48 -9.78
CA GLY B 19 -12.38 5.79 -10.23
C GLY B 19 -11.37 5.68 -11.35
N ALA B 20 -10.92 6.81 -11.86
CA ALA B 20 -9.90 6.81 -12.92
C ALA B 20 -8.54 6.72 -12.23
N CYS B 21 -8.18 5.50 -11.84
CA CYS B 21 -6.97 5.24 -11.08
C CYS B 21 -6.18 4.10 -11.69
N ILE B 22 -4.96 3.91 -11.22
CA ILE B 22 -4.13 2.79 -11.66
C ILE B 22 -3.82 1.95 -10.44
N CYS B 23 -3.46 0.69 -10.65
CA CYS B 23 -3.24 -0.26 -9.55
C CYS B 23 -1.96 -1.06 -9.72
N ARG B 24 -1.41 -1.51 -8.60
CA ARG B 24 -0.20 -2.33 -8.60
C ARG B 24 -0.18 -3.22 -7.36
N HIS B 25 0.66 -4.24 -7.41
CA HIS B 25 0.76 -5.28 -6.37
C HIS B 25 1.14 -4.79 -4.97
N ASP B 26 1.51 -3.52 -4.84
CA ASP B 26 1.88 -2.94 -3.54
C ASP B 26 0.62 -2.63 -2.71
N SER B 27 -0.51 -3.22 -3.11
CA SER B 27 -1.82 -2.96 -2.51
C SER B 27 -2.12 -1.48 -2.61
N TYR B 28 -1.89 -0.95 -3.80
CA TYR B 28 -2.08 0.46 -4.10
C TYR B 28 -3.08 0.64 -5.22
N CYS B 29 -3.99 1.59 -5.03
CA CYS B 29 -4.92 2.04 -6.05
C CYS B 29 -4.81 3.56 -5.89
N GLY B 30 -4.62 4.27 -6.99
CA GLY B 30 -4.48 5.73 -6.92
C GLY B 30 -4.05 6.26 -8.27
N SER B 31 -4.28 7.52 -8.56
CA SER B 31 -3.93 8.08 -9.86
C SER B 31 -2.76 9.06 -9.78
N GLY B 32 -1.84 8.93 -10.72
CA GLY B 32 -0.67 9.80 -10.79
C GLY B 32 -0.88 11.15 -11.44
N SER B 33 -2.10 11.47 -11.86
CA SER B 33 -2.35 12.69 -12.63
C SER B 33 -3.71 13.30 -12.41
N ASP B 34 -3.82 14.60 -12.69
CA ASP B 34 -5.08 15.33 -12.64
C ASP B 34 -6.09 14.68 -13.57
N MET A 4 -5.49 -19.77 0.23
CA MET A 4 -6.36 -19.28 -0.84
C MET A 4 -5.48 -18.52 -1.83
N TYR A 5 -4.18 -18.63 -1.64
CA TYR A 5 -3.21 -17.90 -2.43
C TYR A 5 -2.47 -18.82 -3.37
N SER A 6 -1.83 -18.26 -4.38
CA SER A 6 -1.09 -19.04 -5.35
C SER A 6 0.33 -18.48 -5.45
N GLY A 7 0.90 -18.16 -4.31
CA GLY A 7 2.23 -17.60 -4.23
C GLY A 7 2.74 -17.71 -2.80
N GLU A 8 3.58 -18.71 -2.56
CA GLU A 8 4.12 -18.94 -1.22
C GLU A 8 5.09 -17.85 -0.80
N ASP A 9 5.77 -17.25 -1.78
CA ASP A 9 6.71 -16.15 -1.54
C ASP A 9 5.96 -14.92 -1.02
N CYS A 10 4.76 -14.73 -1.55
CA CYS A 10 3.86 -13.64 -1.21
C CYS A 10 3.46 -13.66 0.26
N GLN A 11 3.78 -14.74 0.97
CA GLN A 11 3.46 -14.84 2.38
C GLN A 11 4.00 -13.65 3.18
N ASN A 12 5.05 -13.01 2.69
CA ASN A 12 5.60 -11.85 3.38
C ASN A 12 4.61 -10.68 3.28
N LEU A 13 3.90 -10.56 2.16
CA LEU A 13 2.86 -9.53 2.01
C LEU A 13 1.57 -9.93 2.74
N LEU A 14 1.28 -11.23 2.71
CA LEU A 14 0.06 -11.80 3.34
C LEU A 14 0.14 -11.76 4.86
N LYS A 15 1.34 -11.56 5.39
CA LYS A 15 1.54 -11.47 6.84
C LYS A 15 0.91 -10.14 7.30
N PRO A 16 0.26 -10.11 8.48
CA PRO A 16 -0.38 -8.87 8.92
C PRO A 16 0.63 -7.76 9.31
N CYS A 17 0.14 -6.73 9.99
CA CYS A 17 1.02 -5.66 10.46
C CYS A 17 2.08 -6.31 11.33
N SER A 18 3.32 -5.95 11.11
CA SER A 18 4.46 -6.60 11.76
C SER A 18 4.63 -6.14 13.19
N LEU A 19 4.10 -4.97 13.48
CA LEU A 19 4.18 -4.40 14.81
C LEU A 19 2.91 -4.73 15.60
N CYS A 20 1.77 -4.66 14.94
CA CYS A 20 0.49 -4.90 15.61
C CYS A 20 -0.04 -6.32 15.57
N GLU A 21 0.04 -6.97 14.41
CA GLU A 21 -0.61 -8.27 14.12
C GLU A 21 -2.12 -8.32 14.45
N LYS A 22 -2.76 -7.15 14.58
CA LYS A 22 -4.16 -7.10 15.00
C LYS A 22 -5.01 -6.76 13.83
N ARG A 23 -4.36 -6.48 12.72
CA ARG A 23 -5.03 -6.07 11.51
C ARG A 23 -4.10 -6.38 10.35
N PRO A 24 -4.63 -6.47 9.12
CA PRO A 24 -3.75 -6.79 7.99
C PRO A 24 -2.75 -5.68 7.68
N ARG A 25 -1.90 -5.96 6.71
CA ARG A 25 -0.88 -5.02 6.29
C ARG A 25 -1.48 -4.01 5.31
N ASP A 26 -2.14 -2.99 5.85
CA ASP A 26 -2.80 -1.96 5.05
C ASP A 26 -1.99 -0.67 4.98
N GLY A 27 -0.74 -0.73 5.45
CA GLY A 27 0.16 0.40 5.39
C GLY A 27 1.23 0.17 4.34
N ASN A 28 1.08 0.84 3.22
CA ASN A 28 2.04 0.76 2.13
C ASN A 28 2.73 2.12 2.04
N ILE A 29 4.02 2.12 1.78
CA ILE A 29 4.80 3.35 1.67
C ILE A 29 5.28 3.50 0.22
N ILE A 30 4.70 4.44 -0.52
CA ILE A 30 5.12 4.73 -1.90
C ILE A 30 6.31 5.68 -1.97
N HIS A 31 7.38 5.23 -2.60
CA HIS A 31 8.50 6.11 -2.95
C HIS A 31 8.86 5.96 -4.44
N GLY A 32 8.57 6.95 -5.26
CA GLY A 32 8.94 6.87 -6.65
C GLY A 32 7.94 6.05 -7.45
N ARG A 33 8.32 4.82 -7.73
CA ARG A 33 7.51 3.95 -8.59
C ARG A 33 7.13 2.63 -7.93
N THR A 34 7.61 2.41 -6.72
CA THR A 34 7.29 1.20 -5.97
C THR A 34 7.08 1.56 -4.52
N GLY A 35 6.58 0.61 -3.76
CA GLY A 35 6.40 0.80 -2.34
C GLY A 35 6.57 -0.45 -1.52
N HIS A 36 7.05 -0.26 -0.30
CA HIS A 36 7.21 -1.37 0.65
C HIS A 36 6.02 -1.48 1.60
N LEU A 37 5.26 -2.56 1.43
CA LEU A 37 4.15 -2.90 2.32
C LEU A 37 4.77 -3.53 3.56
N VAL A 38 4.78 -2.81 4.67
CA VAL A 38 5.45 -3.31 5.89
C VAL A 38 4.67 -3.31 7.19
N THR A 39 3.64 -2.50 7.32
CA THR A 39 2.92 -2.35 8.59
C THR A 39 1.49 -2.00 8.27
N CYS A 40 0.71 -1.63 9.28
CA CYS A 40 -0.65 -1.14 9.07
C CYS A 40 -0.61 0.36 8.75
N PHE A 41 -1.71 0.88 8.22
CA PHE A 41 -1.84 2.30 7.87
C PHE A 41 -1.49 3.19 9.05
N HIS A 42 -1.94 2.81 10.24
CA HIS A 42 -1.69 3.59 11.45
C HIS A 42 -0.19 3.71 11.75
N CYS A 43 0.54 2.61 11.62
CA CYS A 43 1.97 2.62 11.91
C CYS A 43 2.72 3.41 10.84
N ALA A 44 2.41 3.18 9.58
CA ALA A 44 3.10 3.86 8.48
C ALA A 44 2.89 5.38 8.56
N ARG A 45 1.67 5.78 8.87
CA ARG A 45 1.35 7.21 8.99
C ARG A 45 2.09 7.84 10.17
N ARG A 46 2.17 7.12 11.28
CA ARG A 46 2.88 7.58 12.49
C ARG A 46 4.40 7.67 12.26
N LEU A 47 4.94 6.75 11.48
CA LEU A 47 6.38 6.62 11.29
C LEU A 47 7.05 7.90 10.80
N LYS A 48 6.45 8.56 9.82
CA LYS A 48 7.04 9.78 9.27
C LYS A 48 7.08 10.92 10.29
N LYS A 49 6.12 10.96 11.20
CA LYS A 49 6.08 12.03 12.21
C LYS A 49 7.24 11.85 13.19
N ALA A 50 7.61 10.61 13.39
CA ALA A 50 8.75 10.26 14.24
C ALA A 50 10.09 10.56 13.54
N GLY A 51 10.02 11.08 12.31
CA GLY A 51 11.21 11.43 11.56
C GLY A 51 11.81 10.28 10.78
N ALA A 52 11.20 9.10 10.90
CA ALA A 52 11.71 7.93 10.24
C ALA A 52 11.17 7.76 8.83
N SER A 53 12.07 7.36 7.95
CA SER A 53 11.78 7.07 6.56
C SER A 53 11.42 5.59 6.46
N CYS A 54 11.26 5.04 5.25
CA CYS A 54 10.88 3.62 5.08
C CYS A 54 11.72 2.72 5.97
N PRO A 55 11.10 1.75 6.68
CA PRO A 55 11.99 0.97 7.53
C PRO A 55 12.91 0.04 6.73
N ILE A 56 12.54 -0.22 5.48
CA ILE A 56 13.35 -1.09 4.63
C ILE A 56 14.47 -0.35 3.94
N CYS A 57 14.11 0.62 3.11
CA CYS A 57 15.07 1.27 2.25
C CYS A 57 15.42 2.70 2.66
N LYS A 58 14.82 3.16 3.75
CA LYS A 58 15.02 4.52 4.29
C LYS A 58 14.78 5.64 3.29
N LYS A 59 14.04 5.35 2.24
CA LYS A 59 13.67 6.33 1.25
C LYS A 59 12.50 7.15 1.81
N GLU A 60 12.38 8.38 1.35
CA GLU A 60 11.32 9.30 1.81
C GLU A 60 9.94 8.72 1.49
N ILE A 61 9.00 8.91 2.42
CA ILE A 61 7.63 8.46 2.21
C ILE A 61 6.89 9.59 1.51
N GLN A 62 6.62 9.43 0.23
CA GLN A 62 5.89 10.45 -0.52
C GLN A 62 4.43 10.40 -0.10
N LEU A 63 3.89 9.19 0.02
CA LEU A 63 2.53 9.01 0.51
C LEU A 63 2.35 7.62 1.11
N VAL A 64 1.26 7.48 1.82
CA VAL A 64 0.86 6.22 2.44
C VAL A 64 -0.52 6.04 1.83
N ILE A 65 -0.97 4.82 1.62
CA ILE A 65 -2.25 4.58 0.99
C ILE A 65 -2.98 3.74 2.01
N LYS A 66 -4.30 3.85 2.01
CA LYS A 66 -5.14 3.15 2.96
C LYS A 66 -5.91 2.13 2.16
N VAL A 67 -5.46 0.89 2.20
CA VAL A 67 -6.04 -0.18 1.38
C VAL A 67 -6.86 -1.19 2.19
N PHE A 68 -7.97 -1.64 1.63
CA PHE A 68 -8.79 -2.66 2.27
C PHE A 68 -9.52 -3.43 1.19
N ILE A 69 -10.06 -4.57 1.56
CA ILE A 69 -10.86 -5.39 0.67
C ILE A 69 -12.28 -5.26 1.21
N ALA A 70 -12.96 -4.23 0.72
CA ALA A 70 -14.33 -3.95 1.08
C ALA A 70 -14.94 -3.30 -0.15
N GLY B 1 -8.12 15.44 -10.11
CA GLY B 1 -9.45 14.89 -10.25
C GLY B 1 -9.46 13.43 -10.64
N GLY B 2 -10.51 13.02 -11.36
CA GLY B 2 -10.66 11.64 -11.78
C GLY B 2 -10.89 10.70 -10.61
N VAL B 3 -11.65 11.16 -9.62
CA VAL B 3 -11.90 10.35 -8.43
C VAL B 3 -12.71 9.10 -8.80
N CYS B 4 -12.24 7.94 -8.34
CA CYS B 4 -12.90 6.69 -8.62
C CYS B 4 -14.00 6.48 -7.58
N PRO B 5 -15.13 5.86 -7.95
CA PRO B 5 -16.18 5.65 -6.95
C PRO B 5 -15.90 4.46 -6.02
N ASN B 6 -14.92 3.65 -6.39
CA ASN B 6 -14.59 2.45 -5.63
C ASN B 6 -13.66 2.72 -4.45
N LEU B 7 -13.67 1.83 -3.49
CA LEU B 7 -12.79 1.92 -2.33
C LEU B 7 -11.39 1.50 -2.77
N TYR B 8 -10.38 1.95 -2.04
CA TYR B 8 -8.99 1.60 -2.36
C TYR B 8 -8.77 0.13 -2.06
N LEU B 9 -8.61 -0.67 -3.12
CA LEU B 9 -8.40 -2.11 -2.98
C LEU B 9 -7.08 -2.50 -3.63
N LEU B 10 -6.65 -3.74 -3.39
CA LEU B 10 -5.41 -4.23 -3.99
C LEU B 10 -5.71 -4.52 -5.45
N CYS B 11 -5.03 -3.82 -6.35
CA CYS B 11 -5.24 -4.02 -7.78
C CYS B 11 -3.92 -4.37 -8.47
N ARG B 12 -4.04 -5.15 -9.53
CA ARG B 12 -2.87 -5.64 -10.29
C ARG B 12 -2.57 -4.77 -11.50
N ARG B 13 -3.56 -4.06 -12.00
CA ARG B 13 -3.42 -3.19 -13.18
C ARG B 13 -4.52 -2.15 -13.10
N ASP B 14 -4.50 -1.17 -13.98
CA ASP B 14 -5.47 -0.07 -13.94
C ASP B 14 -6.93 -0.53 -14.05
N SER B 15 -7.19 -1.50 -14.92
CA SER B 15 -8.56 -2.02 -15.13
C SER B 15 -8.98 -3.01 -14.05
N ASP B 16 -8.19 -3.09 -12.98
CA ASP B 16 -8.39 -4.03 -11.87
C ASP B 16 -8.97 -3.27 -10.66
N CYS B 17 -9.43 -2.05 -10.92
CA CYS B 17 -9.94 -1.13 -9.89
C CYS B 17 -10.88 -0.22 -10.68
N PRO B 18 -12.21 -0.39 -10.49
CA PRO B 18 -13.14 0.32 -11.38
C PRO B 18 -13.27 1.82 -11.18
N GLY B 19 -13.36 2.50 -12.32
CA GLY B 19 -13.45 3.95 -12.37
C GLY B 19 -12.35 4.39 -13.29
N ALA B 20 -12.10 5.68 -13.40
CA ALA B 20 -10.98 6.17 -14.21
C ALA B 20 -9.79 6.19 -13.24
N CYS B 21 -9.14 5.05 -13.07
CA CYS B 21 -8.08 4.91 -12.07
C CYS B 21 -6.75 4.46 -12.67
N ILE B 22 -5.71 4.60 -11.86
CA ILE B 22 -4.36 4.15 -12.21
C ILE B 22 -3.87 3.31 -11.03
N CYS B 23 -3.22 2.20 -11.29
CA CYS B 23 -2.81 1.26 -10.25
C CYS B 23 -1.32 0.96 -10.20
N ARG B 24 -0.90 0.32 -9.12
CA ARG B 24 0.48 -0.12 -8.93
C ARG B 24 0.45 -1.35 -8.04
N HIS B 25 1.48 -2.18 -8.15
CA HIS B 25 1.57 -3.43 -7.39
C HIS B 25 1.72 -3.19 -5.88
N ASP B 26 1.93 -1.94 -5.51
CA ASP B 26 2.11 -1.51 -4.13
C ASP B 26 0.78 -1.45 -3.37
N SER B 27 -0.21 -2.23 -3.82
CA SER B 27 -1.58 -2.22 -3.26
C SER B 27 -2.13 -0.80 -3.37
N TYR B 28 -1.85 -0.19 -4.50
CA TYR B 28 -2.19 1.21 -4.74
C TYR B 28 -3.16 1.34 -5.91
N CYS B 29 -4.28 1.99 -5.65
CA CYS B 29 -5.21 2.39 -6.70
C CYS B 29 -5.35 3.89 -6.43
N GLY B 30 -5.20 4.70 -7.47
CA GLY B 30 -5.27 6.13 -7.33
C GLY B 30 -6.05 6.73 -8.47
N SER B 31 -6.40 8.01 -8.33
CA SER B 31 -7.19 8.72 -9.33
C SER B 31 -6.32 9.29 -10.45
N GLY B 32 -5.74 10.46 -10.23
CA GLY B 32 -4.94 11.12 -11.24
C GLY B 32 -4.75 12.55 -10.82
N SER B 33 -4.23 13.38 -11.72
CA SER B 33 -3.97 14.77 -11.38
C SER B 33 -5.26 15.59 -11.31
N ASP B 34 -5.40 16.31 -10.20
CA ASP B 34 -6.49 17.28 -9.98
C ASP B 34 -7.93 16.76 -10.13
N MET A 4 -7.32 -15.48 -2.83
CA MET A 4 -7.34 -16.12 -4.15
C MET A 4 -6.05 -15.88 -4.93
N TYR A 5 -5.01 -15.58 -4.18
CA TYR A 5 -3.72 -15.25 -4.76
C TYR A 5 -3.06 -16.48 -5.36
N SER A 6 -2.42 -16.30 -6.51
CA SER A 6 -1.75 -17.41 -7.20
C SER A 6 -0.34 -16.97 -7.60
N GLY A 7 0.53 -16.88 -6.60
CA GLY A 7 1.90 -16.48 -6.80
C GLY A 7 2.52 -16.69 -5.45
N GLU A 8 3.51 -17.56 -5.37
CA GLU A 8 4.09 -17.92 -4.07
C GLU A 8 4.74 -16.76 -3.34
N ASP A 9 5.43 -15.86 -4.04
CA ASP A 9 6.07 -14.70 -3.38
C ASP A 9 5.04 -13.84 -2.66
N CYS A 10 3.81 -13.84 -3.15
CA CYS A 10 2.75 -13.02 -2.58
C CYS A 10 2.48 -13.41 -1.12
N GLN A 11 2.96 -14.58 -0.69
CA GLN A 11 2.80 -15.00 0.70
C GLN A 11 3.40 -13.97 1.67
N ASN A 12 4.39 -13.22 1.22
CA ASN A 12 5.00 -12.19 2.06
C ASN A 12 4.04 -11.01 2.24
N LEU A 13 3.25 -10.73 1.22
CA LEU A 13 2.28 -9.63 1.25
C LEU A 13 1.04 -10.01 2.06
N LEU A 14 0.67 -11.28 1.96
CA LEU A 14 -0.51 -11.83 2.68
C LEU A 14 -0.22 -11.98 4.17
N LYS A 15 1.06 -11.90 4.52
CA LYS A 15 1.50 -12.07 5.90
C LYS A 15 0.93 -10.90 6.71
N PRO A 16 0.50 -11.13 7.96
CA PRO A 16 -0.06 -9.99 8.70
C PRO A 16 0.99 -8.94 9.09
N CYS A 17 0.55 -7.94 9.85
CA CYS A 17 1.44 -6.88 10.31
C CYS A 17 2.56 -7.54 11.10
N SER A 18 3.76 -7.02 10.93
CA SER A 18 4.95 -7.62 11.52
C SER A 18 5.11 -7.21 12.96
N LEU A 19 4.60 -6.04 13.29
CA LEU A 19 4.64 -5.52 14.65
C LEU A 19 3.43 -5.97 15.44
N CYS A 20 2.27 -5.97 14.80
CA CYS A 20 1.04 -6.36 15.50
C CYS A 20 0.62 -7.81 15.39
N GLU A 21 0.73 -8.37 14.18
CA GLU A 21 0.13 -9.67 13.75
C GLU A 21 -1.38 -9.80 14.01
N LYS A 22 -2.02 -8.73 14.46
CA LYS A 22 -3.43 -8.78 14.83
C LYS A 22 -4.30 -8.21 13.73
N ARG A 23 -3.66 -7.84 12.64
CA ARG A 23 -4.32 -7.18 11.53
C ARG A 23 -3.44 -7.44 10.32
N PRO A 24 -4.02 -7.37 9.10
CA PRO A 24 -3.21 -7.65 7.92
C PRO A 24 -2.17 -6.57 7.64
N ARG A 25 -1.36 -6.82 6.63
CA ARG A 25 -0.34 -5.87 6.19
C ARG A 25 -1.02 -4.93 5.19
N ASP A 26 -1.72 -3.95 5.73
CA ASP A 26 -2.48 -2.99 4.93
C ASP A 26 -1.81 -1.62 4.84
N GLY A 27 -0.56 -1.56 5.27
CA GLY A 27 0.22 -0.34 5.19
C GLY A 27 1.18 -0.55 4.06
N ASN A 28 0.89 0.06 2.94
CA ASN A 28 1.71 -0.08 1.75
C ASN A 28 2.43 1.24 1.56
N ILE A 29 3.75 1.20 1.62
CA ILE A 29 4.57 2.41 1.59
C ILE A 29 5.12 2.71 0.18
N ILE A 30 4.59 3.73 -0.47
CA ILE A 30 5.11 4.22 -1.75
C ILE A 30 6.18 5.30 -1.62
N HIS A 31 7.31 5.03 -2.24
CA HIS A 31 8.37 6.01 -2.40
C HIS A 31 8.70 6.17 -3.89
N GLY A 32 8.12 7.19 -4.52
CA GLY A 32 8.34 7.42 -5.94
C GLY A 32 7.44 6.52 -6.76
N ARG A 33 8.02 5.47 -7.33
CA ARG A 33 7.28 4.58 -8.24
C ARG A 33 7.35 3.14 -7.79
N THR A 34 7.75 2.95 -6.54
CA THR A 34 7.88 1.63 -5.97
C THR A 34 7.34 1.65 -4.57
N GLY A 35 6.99 0.49 -4.03
CA GLY A 35 6.54 0.43 -2.66
C GLY A 35 6.79 -0.88 -1.94
N HIS A 36 7.07 -0.78 -0.64
CA HIS A 36 7.20 -1.95 0.22
C HIS A 36 6.04 -2.10 1.21
N LEU A 37 5.33 -3.21 1.11
CA LEU A 37 4.27 -3.58 2.04
C LEU A 37 4.94 -4.24 3.23
N VAL A 38 4.97 -3.58 4.38
CA VAL A 38 5.69 -4.12 5.55
C VAL A 38 4.96 -4.18 6.89
N THR A 39 3.92 -3.38 7.09
CA THR A 39 3.23 -3.31 8.38
C THR A 39 1.78 -2.98 8.12
N CYS A 40 1.01 -2.78 9.17
CA CYS A 40 -0.38 -2.34 9.01
C CYS A 40 -0.38 -0.82 8.80
N PHE A 41 -1.47 -0.29 8.29
CA PHE A 41 -1.60 1.14 7.98
C PHE A 41 -1.27 2.01 9.19
N HIS A 42 -1.75 1.61 10.36
CA HIS A 42 -1.54 2.38 11.57
C HIS A 42 -0.05 2.49 11.92
N CYS A 43 0.68 1.40 11.75
CA CYS A 43 2.11 1.41 12.03
C CYS A 43 2.84 2.26 10.99
N ALA A 44 2.50 2.07 9.72
CA ALA A 44 3.16 2.80 8.64
C ALA A 44 2.99 4.32 8.78
N ARG A 45 1.80 4.78 9.14
CA ARG A 45 1.58 6.21 9.33
C ARG A 45 2.33 6.72 10.56
N ARG A 46 2.36 5.91 11.61
CA ARG A 46 3.07 6.27 12.85
C ARG A 46 4.58 6.35 12.61
N LEU A 47 5.08 5.50 11.72
CA LEU A 47 6.50 5.43 11.41
C LEU A 47 7.08 6.77 10.96
N LYS A 48 6.35 7.49 10.11
CA LYS A 48 6.82 8.80 9.65
C LYS A 48 6.89 9.81 10.78
N LYS A 49 5.98 9.73 11.74
CA LYS A 49 5.98 10.66 12.88
C LYS A 49 7.23 10.45 13.71
N ALA A 50 7.65 9.20 13.80
CA ALA A 50 8.87 8.83 14.51
C ALA A 50 10.13 9.22 13.70
N GLY A 51 9.94 9.81 12.53
CA GLY A 51 11.06 10.27 11.71
C GLY A 51 11.61 9.20 10.79
N ALA A 52 11.06 7.99 10.88
CA ALA A 52 11.54 6.89 10.08
C ALA A 52 10.86 6.79 8.70
N SER A 53 11.69 6.48 7.72
CA SER A 53 11.28 6.23 6.35
C SER A 53 11.11 4.70 6.25
N CYS A 54 10.98 4.16 5.04
CA CYS A 54 10.73 2.71 4.87
C CYS A 54 11.67 1.86 5.72
N PRO A 55 11.14 0.83 6.41
CA PRO A 55 12.11 0.05 7.18
C PRO A 55 13.00 -0.83 6.31
N ILE A 56 12.62 -1.02 5.06
CA ILE A 56 13.42 -1.82 4.14
C ILE A 56 14.53 -1.01 3.52
N CYS A 57 14.14 -0.02 2.74
CA CYS A 57 15.09 0.74 1.96
C CYS A 57 15.39 2.15 2.46
N LYS A 58 14.75 2.55 3.55
CA LYS A 58 14.91 3.87 4.18
C LYS A 58 14.69 5.06 3.23
N LYS A 59 14.08 4.80 2.07
CA LYS A 59 13.81 5.86 1.11
C LYS A 59 12.60 6.63 1.63
N GLU A 60 12.57 7.93 1.40
CA GLU A 60 11.51 8.77 1.94
C GLU A 60 10.12 8.44 1.39
N ILE A 61 9.19 8.34 2.31
CA ILE A 61 7.82 7.92 2.05
C ILE A 61 6.96 9.07 1.55
N GLN A 62 6.40 8.92 0.36
CA GLN A 62 5.52 9.95 -0.19
C GLN A 62 4.12 9.78 0.38
N LEU A 63 3.64 8.55 0.41
CA LEU A 63 2.30 8.28 0.88
C LEU A 63 2.17 6.82 1.31
N VAL A 64 1.08 6.56 2.03
CA VAL A 64 0.74 5.22 2.49
C VAL A 64 -0.76 5.14 2.19
N ILE A 65 -1.26 3.96 1.85
CA ILE A 65 -2.68 3.80 1.53
C ILE A 65 -3.26 2.73 2.43
N LYS A 66 -4.56 2.85 2.70
CA LYS A 66 -5.28 1.95 3.58
C LYS A 66 -5.91 0.83 2.76
N VAL A 67 -5.27 -0.33 2.74
CA VAL A 67 -5.73 -1.48 1.96
C VAL A 67 -6.69 -2.40 2.73
N PHE A 68 -7.68 -2.97 2.06
CA PHE A 68 -8.46 -4.02 2.68
C PHE A 68 -8.96 -4.95 1.59
N ILE A 69 -9.22 -6.20 1.97
CA ILE A 69 -9.74 -7.21 1.07
C ILE A 69 -11.09 -7.66 1.55
N ALA A 70 -12.12 -6.95 1.10
CA ALA A 70 -13.48 -7.33 1.43
C ALA A 70 -14.31 -6.94 0.22
N GLY B 1 -8.20 14.38 -10.42
CA GLY B 1 -8.61 14.24 -9.03
C GLY B 1 -8.56 12.80 -8.57
N GLY B 2 -8.37 11.89 -9.52
CA GLY B 2 -8.27 10.48 -9.21
C GLY B 2 -9.51 9.91 -8.58
N VAL B 3 -10.68 10.24 -9.14
CA VAL B 3 -11.92 9.78 -8.52
C VAL B 3 -12.05 8.26 -8.69
N CYS B 4 -11.89 7.59 -7.57
CA CYS B 4 -12.08 6.16 -7.45
C CYS B 4 -13.06 6.04 -6.28
N PRO B 5 -13.81 4.94 -6.19
CA PRO B 5 -14.54 4.81 -4.92
C PRO B 5 -13.52 4.50 -3.83
N ASN B 6 -13.92 4.53 -2.57
CA ASN B 6 -12.97 4.29 -1.47
C ASN B 6 -12.69 2.79 -1.26
N LEU B 7 -12.66 2.04 -2.36
CA LEU B 7 -12.42 0.61 -2.32
C LEU B 7 -10.95 0.39 -2.66
N TYR B 8 -10.11 0.45 -1.65
CA TYR B 8 -8.67 0.31 -1.82
C TYR B 8 -8.23 -1.14 -1.65
N LEU B 9 -8.01 -1.81 -2.77
CA LEU B 9 -7.55 -3.19 -2.75
C LEU B 9 -6.28 -3.32 -3.59
N LEU B 10 -5.61 -4.45 -3.46
CA LEU B 10 -4.36 -4.70 -4.18
C LEU B 10 -4.67 -4.93 -5.67
N CYS B 11 -3.90 -4.30 -6.53
CA CYS B 11 -4.08 -4.43 -7.97
C CYS B 11 -2.78 -4.88 -8.65
N ARG B 12 -2.90 -5.35 -9.88
CA ARG B 12 -1.74 -5.75 -10.70
C ARG B 12 -1.82 -4.99 -12.03
N ARG B 13 -3.05 -4.79 -12.47
CA ARG B 13 -3.41 -4.09 -13.69
C ARG B 13 -4.43 -3.06 -13.21
N ASP B 14 -4.53 -1.96 -13.91
CA ASP B 14 -5.43 -0.86 -13.55
C ASP B 14 -6.89 -1.31 -13.43
N SER B 15 -7.26 -2.31 -14.23
CA SER B 15 -8.61 -2.85 -14.24
C SER B 15 -8.94 -3.78 -13.07
N ASP B 16 -8.02 -3.95 -12.13
CA ASP B 16 -8.24 -4.83 -10.97
C ASP B 16 -8.99 -4.10 -9.85
N CYS B 17 -9.48 -2.90 -10.13
CA CYS B 17 -10.20 -2.11 -9.15
C CYS B 17 -11.02 -1.06 -9.92
N PRO B 18 -12.23 -0.74 -9.42
CA PRO B 18 -13.09 0.20 -10.15
C PRO B 18 -12.73 1.67 -9.97
N GLY B 19 -13.22 2.51 -10.87
CA GLY B 19 -12.99 3.95 -10.79
C GLY B 19 -11.97 4.43 -11.81
N ALA B 20 -11.69 5.72 -11.84
CA ALA B 20 -10.68 6.26 -12.74
C ALA B 20 -9.36 6.16 -12.00
N CYS B 21 -8.76 4.98 -12.04
CA CYS B 21 -7.56 4.68 -11.27
C CYS B 21 -6.44 4.15 -12.16
N ILE B 22 -5.22 4.15 -11.65
CA ILE B 22 -4.07 3.58 -12.36
C ILE B 22 -3.41 2.66 -11.33
N CYS B 23 -2.69 1.65 -11.79
CA CYS B 23 -2.05 0.69 -10.90
C CYS B 23 -0.53 0.67 -11.11
N ARG B 24 0.19 0.19 -10.11
CA ARG B 24 1.64 0.05 -10.16
C ARG B 24 1.94 -1.28 -9.48
N HIS B 25 3.18 -1.74 -9.54
CA HIS B 25 3.56 -3.02 -8.93
C HIS B 25 3.53 -2.97 -7.40
N ASP B 26 3.35 -1.79 -6.83
CA ASP B 26 3.20 -1.62 -5.37
C ASP B 26 1.73 -1.83 -4.99
N SER B 27 0.94 -2.28 -5.97
CA SER B 27 -0.47 -2.63 -5.81
C SER B 27 -1.38 -1.52 -5.27
N TYR B 28 -0.97 -0.28 -5.46
CA TYR B 28 -1.77 0.88 -5.10
C TYR B 28 -2.78 1.14 -6.21
N CYS B 29 -4.04 1.30 -5.83
CA CYS B 29 -5.10 1.66 -6.77
C CYS B 29 -5.50 3.12 -6.47
N GLY B 30 -5.55 3.94 -7.51
CA GLY B 30 -5.92 5.36 -7.38
C GLY B 30 -5.22 6.10 -8.49
N SER B 31 -5.54 7.36 -8.75
CA SER B 31 -4.87 8.09 -9.86
C SER B 31 -4.50 9.51 -9.48
N GLY B 32 -3.44 10.02 -10.10
CA GLY B 32 -3.05 11.42 -9.91
C GLY B 32 -3.83 12.38 -10.78
N SER B 33 -4.40 11.88 -11.87
CA SER B 33 -5.06 12.72 -12.87
C SER B 33 -6.53 12.88 -12.58
N ASP B 34 -7.07 14.05 -12.92
CA ASP B 34 -8.51 14.35 -12.82
C ASP B 34 -9.07 14.20 -11.41
N MET A 4 -8.56 -14.78 -0.64
CA MET A 4 -9.73 -14.16 -1.26
C MET A 4 -9.28 -13.30 -2.43
N TYR A 5 -8.01 -13.42 -2.77
CA TYR A 5 -7.38 -12.63 -3.80
C TYR A 5 -6.88 -13.59 -4.83
N SER A 6 -7.20 -13.34 -6.08
CA SER A 6 -6.75 -14.21 -7.15
C SER A 6 -5.32 -13.88 -7.52
N GLY A 7 -4.40 -14.40 -6.73
CA GLY A 7 -2.97 -14.18 -6.91
C GLY A 7 -2.31 -14.73 -5.67
N GLU A 8 -1.75 -15.92 -5.76
CA GLU A 8 -1.16 -16.60 -4.60
C GLU A 8 0.05 -15.85 -4.07
N ASP A 9 0.74 -15.17 -4.98
CA ASP A 9 1.94 -14.40 -4.65
C ASP A 9 1.64 -13.35 -3.59
N CYS A 10 0.44 -12.78 -3.67
CA CYS A 10 0.01 -11.71 -2.79
C CYS A 10 -0.12 -12.13 -1.33
N GLN A 11 -0.01 -13.42 -1.05
CA GLN A 11 -0.07 -13.90 0.33
C GLN A 11 0.99 -13.24 1.20
N ASN A 12 2.10 -12.81 0.60
CA ASN A 12 3.17 -12.14 1.34
C ASN A 12 2.74 -10.74 1.79
N LEU A 13 1.88 -10.09 1.02
CA LEU A 13 1.37 -8.76 1.37
C LEU A 13 0.28 -8.91 2.43
N LEU A 14 -0.44 -10.02 2.36
CA LEU A 14 -1.55 -10.32 3.26
C LEU A 14 -1.13 -10.63 4.68
N LYS A 15 0.17 -10.84 4.86
CA LYS A 15 0.72 -11.14 6.18
C LYS A 15 0.47 -9.93 7.10
N PRO A 16 0.38 -10.17 8.42
CA PRO A 16 0.04 -9.03 9.26
C PRO A 16 1.15 -8.00 9.45
N CYS A 17 0.80 -6.88 10.06
CA CYS A 17 1.76 -5.82 10.38
C CYS A 17 2.86 -6.42 11.23
N SER A 18 4.10 -6.11 10.91
CA SER A 18 5.26 -6.73 11.56
C SER A 18 5.47 -6.24 12.98
N LEU A 19 4.94 -5.07 13.28
CA LEU A 19 5.07 -4.48 14.61
C LEU A 19 3.85 -4.79 15.47
N CYS A 20 2.68 -4.78 14.85
CA CYS A 20 1.43 -5.01 15.58
C CYS A 20 0.94 -6.44 15.65
N GLU A 21 1.00 -7.14 14.52
CA GLU A 21 0.39 -8.47 14.29
C GLU A 21 -1.09 -8.56 14.71
N LYS A 22 -1.75 -7.41 14.77
CA LYS A 22 -3.15 -7.36 15.20
C LYS A 22 -4.05 -7.07 14.04
N ARG A 23 -3.42 -6.75 12.92
CA ARG A 23 -4.14 -6.33 11.73
C ARG A 23 -3.25 -6.57 10.51
N PRO A 24 -3.83 -6.65 9.30
CA PRO A 24 -2.99 -6.84 8.11
C PRO A 24 -2.12 -5.62 7.80
N ARG A 25 -1.29 -5.74 6.76
CA ARG A 25 -0.46 -4.62 6.32
C ARG A 25 -1.30 -3.70 5.45
N ASP A 26 -2.06 -2.84 6.11
CA ASP A 26 -2.97 -1.93 5.42
C ASP A 26 -2.32 -0.55 5.28
N GLY A 27 -1.03 -0.51 5.60
CA GLY A 27 -0.22 0.68 5.38
C GLY A 27 0.77 0.33 4.31
N ASN A 28 0.55 0.81 3.11
CA ASN A 28 1.47 0.53 2.04
C ASN A 28 2.38 1.74 1.96
N ILE A 29 3.67 1.55 1.75
CA ILE A 29 4.60 2.68 1.71
C ILE A 29 5.13 2.90 0.29
N ILE A 30 4.69 3.96 -0.37
CA ILE A 30 5.20 4.37 -1.69
C ILE A 30 6.47 5.22 -1.66
N HIS A 31 7.49 4.73 -2.35
CA HIS A 31 8.69 5.51 -2.63
C HIS A 31 9.00 5.50 -4.14
N GLY A 32 8.85 6.64 -4.80
CA GLY A 32 9.17 6.69 -6.22
C GLY A 32 8.02 6.15 -7.03
N ARG A 33 8.16 4.92 -7.50
CA ARG A 33 7.17 4.31 -8.38
C ARG A 33 6.62 2.99 -7.87
N THR A 34 7.16 2.51 -6.75
CA THR A 34 6.76 1.23 -6.15
C THR A 34 6.63 1.41 -4.66
N GLY A 35 6.02 0.44 -4.00
CA GLY A 35 5.90 0.48 -2.56
C GLY A 35 5.90 -0.87 -1.86
N HIS A 36 6.47 -0.90 -0.66
CA HIS A 36 6.50 -2.13 0.14
C HIS A 36 5.36 -2.15 1.17
N LEU A 37 4.66 -3.28 1.22
CA LEU A 37 3.59 -3.49 2.20
C LEU A 37 4.22 -4.28 3.34
N VAL A 38 4.47 -3.60 4.44
CA VAL A 38 5.19 -4.18 5.58
C VAL A 38 4.57 -3.86 6.94
N THR A 39 3.78 -2.80 7.00
CA THR A 39 3.26 -2.28 8.25
C THR A 39 1.80 -1.91 8.12
N CYS A 40 1.13 -1.67 9.24
CA CYS A 40 -0.24 -1.20 9.19
C CYS A 40 -0.17 0.32 8.97
N PHE A 41 -1.27 0.94 8.57
CA PHE A 41 -1.32 2.38 8.32
C PHE A 41 -0.83 3.20 9.51
N HIS A 42 -1.22 2.80 10.71
CA HIS A 42 -0.82 3.52 11.92
C HIS A 42 0.70 3.54 12.07
N CYS A 43 1.33 2.38 11.87
CA CYS A 43 2.79 2.28 11.97
C CYS A 43 3.45 3.02 10.81
N ALA A 44 2.89 2.92 9.62
CA ALA A 44 3.46 3.57 8.45
C ALA A 44 3.51 5.10 8.64
N ARG A 45 2.45 5.67 9.18
CA ARG A 45 2.42 7.12 9.45
C ARG A 45 3.41 7.48 10.57
N ARG A 46 3.48 6.64 11.59
CA ARG A 46 4.41 6.85 12.72
C ARG A 46 5.86 6.77 12.25
N LEU A 47 6.13 5.92 11.29
CA LEU A 47 7.49 5.64 10.82
C LEU A 47 8.24 6.89 10.39
N LYS A 48 7.65 7.70 9.52
CA LYS A 48 8.32 8.93 9.08
C LYS A 48 8.52 9.92 10.22
N LYS A 49 7.61 9.94 11.18
CA LYS A 49 7.75 10.86 12.32
C LYS A 49 8.96 10.46 13.16
N ALA A 50 9.22 9.16 13.22
CA ALA A 50 10.37 8.63 13.93
C ALA A 50 11.67 8.86 13.12
N GLY A 51 11.55 9.42 11.92
CA GLY A 51 12.70 9.69 11.07
C GLY A 51 13.05 8.50 10.20
N ALA A 52 12.30 7.43 10.35
CA ALA A 52 12.57 6.21 9.62
C ALA A 52 11.90 6.15 8.24
N SER A 53 12.66 5.62 7.31
CA SER A 53 12.23 5.37 5.94
C SER A 53 11.75 3.92 5.89
N CYS A 54 11.46 3.39 4.69
CA CYS A 54 10.95 2.01 4.56
C CYS A 54 11.79 1.03 5.37
N PRO A 55 11.14 0.11 6.12
CA PRO A 55 12.01 -0.80 6.87
C PRO A 55 12.78 -1.76 5.97
N ILE A 56 12.34 -1.92 4.72
CA ILE A 56 13.03 -2.79 3.78
C ILE A 56 14.18 -2.08 3.12
N CYS A 57 13.85 -1.15 2.25
CA CYS A 57 14.84 -0.54 1.38
C CYS A 57 15.33 0.83 1.81
N LYS A 58 14.76 1.34 2.91
CA LYS A 58 15.11 2.64 3.49
C LYS A 58 15.05 3.82 2.51
N LYS A 59 14.29 3.66 1.44
CA LYS A 59 14.13 4.73 0.47
C LYS A 59 13.15 5.74 1.06
N GLU A 60 13.32 7.01 0.70
CA GLU A 60 12.50 8.10 1.23
C GLU A 60 11.03 7.86 0.95
N ILE A 61 10.21 8.00 1.98
CA ILE A 61 8.78 7.75 1.86
C ILE A 61 8.10 9.02 1.42
N GLN A 62 7.42 8.98 0.28
CA GLN A 62 6.68 10.15 -0.16
C GLN A 62 5.36 10.19 0.61
N LEU A 63 4.67 9.05 0.63
CA LEU A 63 3.40 8.91 1.32
C LEU A 63 3.11 7.47 1.56
N VAL A 64 2.07 7.24 2.34
CA VAL A 64 1.61 5.90 2.65
C VAL A 64 0.12 5.99 2.37
N ILE A 65 -0.51 4.88 2.05
CA ILE A 65 -1.95 4.88 1.71
C ILE A 65 -2.64 3.85 2.59
N LYS A 66 -3.94 4.03 2.76
CA LYS A 66 -4.77 3.12 3.54
C LYS A 66 -5.34 2.09 2.58
N VAL A 67 -4.82 0.87 2.65
CA VAL A 67 -5.28 -0.24 1.82
C VAL A 67 -6.44 -0.99 2.48
N PHE A 68 -7.42 -1.41 1.68
CA PHE A 68 -8.49 -2.28 2.13
C PHE A 68 -9.06 -2.87 0.86
N ILE A 69 -9.88 -3.90 0.95
CA ILE A 69 -10.62 -4.37 -0.21
C ILE A 69 -12.07 -3.94 0.10
N ALA A 70 -12.32 -2.66 -0.13
CA ALA A 70 -13.61 -2.03 0.10
C ALA A 70 -13.68 -0.91 -0.92
N GLY B 1 -4.35 15.82 -5.77
CA GLY B 1 -4.59 15.83 -4.33
C GLY B 1 -4.79 14.45 -3.74
N GLY B 2 -4.88 13.44 -4.58
CA GLY B 2 -5.07 12.07 -4.11
C GLY B 2 -6.52 11.79 -3.75
N VAL B 3 -7.43 12.35 -4.52
CA VAL B 3 -8.86 12.15 -4.32
C VAL B 3 -9.44 11.61 -5.62
N CYS B 4 -10.11 10.48 -5.54
CA CYS B 4 -10.72 9.83 -6.71
C CYS B 4 -12.18 9.56 -6.36
N PRO B 5 -13.05 9.29 -7.37
CA PRO B 5 -14.44 8.99 -7.02
C PRO B 5 -14.64 7.57 -6.48
N ASN B 6 -13.56 6.81 -6.39
CA ASN B 6 -13.61 5.43 -5.93
C ASN B 6 -12.63 5.24 -4.78
N LEU B 7 -12.80 4.13 -4.07
CA LEU B 7 -12.04 3.84 -2.86
C LEU B 7 -10.61 3.37 -3.16
N TYR B 8 -9.77 3.37 -2.12
CA TYR B 8 -8.38 2.92 -2.21
C TYR B 8 -8.33 1.38 -2.13
N LEU B 9 -9.02 0.72 -3.04
CA LEU B 9 -9.12 -0.73 -3.02
C LEU B 9 -7.84 -1.43 -3.48
N LEU B 10 -7.63 -2.62 -2.97
CA LEU B 10 -6.49 -3.45 -3.32
C LEU B 10 -6.62 -3.88 -4.79
N CYS B 11 -5.66 -3.46 -5.60
CA CYS B 11 -5.69 -3.72 -7.05
C CYS B 11 -4.26 -3.93 -7.55
N ARG B 12 -4.09 -4.37 -8.80
CA ARG B 12 -2.76 -4.66 -9.37
C ARG B 12 -2.37 -3.93 -10.67
N ARG B 13 -3.35 -3.59 -11.51
CA ARG B 13 -3.09 -2.98 -12.84
C ARG B 13 -3.98 -1.75 -12.95
N ASP B 14 -3.69 -0.81 -13.84
CA ASP B 14 -4.54 0.38 -13.96
C ASP B 14 -6.02 0.04 -14.18
N SER B 15 -6.30 -0.92 -15.06
CA SER B 15 -7.67 -1.36 -15.36
C SER B 15 -8.27 -2.29 -14.30
N ASP B 16 -7.56 -2.48 -13.20
CA ASP B 16 -7.95 -3.39 -12.11
C ASP B 16 -8.68 -2.60 -11.01
N CYS B 17 -9.07 -1.37 -11.35
CA CYS B 17 -9.69 -0.46 -10.39
C CYS B 17 -10.48 0.58 -11.22
N PRO B 18 -11.74 0.88 -10.83
CA PRO B 18 -12.59 1.76 -11.63
C PRO B 18 -12.36 3.26 -11.55
N GLY B 19 -12.94 3.97 -12.52
CA GLY B 19 -12.88 5.42 -12.55
C GLY B 19 -11.62 5.93 -13.23
N ALA B 20 -11.49 7.24 -13.34
CA ALA B 20 -10.28 7.83 -13.89
C ALA B 20 -9.31 7.92 -12.72
N CYS B 21 -8.66 6.80 -12.44
CA CYS B 21 -7.75 6.69 -11.32
C CYS B 21 -6.55 5.88 -11.79
N ILE B 22 -5.45 5.97 -11.05
CA ILE B 22 -4.24 5.21 -11.38
C ILE B 22 -4.15 4.10 -10.34
N CYS B 23 -3.85 2.88 -10.79
CA CYS B 23 -3.71 1.72 -9.90
C CYS B 23 -2.43 0.95 -10.19
N ARG B 24 -1.80 0.47 -9.13
CA ARG B 24 -0.56 -0.31 -9.25
C ARG B 24 -0.51 -1.38 -8.17
N HIS B 25 0.39 -2.33 -8.37
CA HIS B 25 0.59 -3.49 -7.48
C HIS B 25 0.92 -3.17 -6.01
N ASP B 26 1.13 -1.89 -5.71
CA ASP B 26 1.40 -1.45 -4.33
C ASP B 26 0.08 -1.42 -3.55
N SER B 27 -0.97 -2.00 -4.13
CA SER B 27 -2.32 -2.02 -3.58
C SER B 27 -2.74 -0.58 -3.37
N TYR B 28 -2.39 0.22 -4.37
CA TYR B 28 -2.55 1.65 -4.36
C TYR B 28 -3.42 2.07 -5.53
N CYS B 29 -4.60 2.59 -5.25
CA CYS B 29 -5.52 3.07 -6.28
C CYS B 29 -6.12 4.39 -5.84
N GLY B 30 -6.37 5.28 -6.80
CA GLY B 30 -7.09 6.51 -6.50
C GLY B 30 -6.29 7.58 -5.80
N SER B 31 -5.00 7.61 -6.03
CA SER B 31 -4.14 8.62 -5.42
C SER B 31 -2.93 8.86 -6.30
N GLY B 32 -2.13 9.85 -5.95
CA GLY B 32 -0.90 10.14 -6.69
C GLY B 32 -1.01 11.34 -7.61
N SER B 33 -2.22 11.80 -7.85
CA SER B 33 -2.47 12.95 -8.71
C SER B 33 -3.68 13.68 -8.15
N ASP B 34 -3.80 14.96 -8.47
CA ASP B 34 -4.98 15.77 -8.12
C ASP B 34 -5.35 15.74 -6.64
N MET A 4 -7.73 -20.14 2.56
CA MET A 4 -7.55 -18.70 2.54
C MET A 4 -6.07 -18.43 2.29
N TYR A 5 -5.81 -17.30 1.65
CA TYR A 5 -4.46 -16.86 1.24
C TYR A 5 -3.70 -17.92 0.45
N SER A 6 -4.29 -18.38 -0.66
CA SER A 6 -3.66 -19.37 -1.52
C SER A 6 -2.81 -18.67 -2.58
N GLY A 7 -1.67 -18.19 -2.14
CA GLY A 7 -0.73 -17.49 -3.00
C GLY A 7 0.52 -17.33 -2.17
N GLU A 8 1.14 -18.44 -1.82
CA GLU A 8 2.23 -18.47 -0.82
C GLU A 8 3.39 -17.51 -1.06
N ASP A 9 3.78 -17.29 -2.30
CA ASP A 9 4.86 -16.33 -2.60
C ASP A 9 4.48 -14.90 -2.17
N CYS A 10 3.23 -14.52 -2.43
CA CYS A 10 2.73 -13.18 -2.12
C CYS A 10 2.18 -13.15 -0.70
N GLN A 11 2.02 -14.32 -0.09
CA GLN A 11 1.46 -14.45 1.25
C GLN A 11 2.31 -13.69 2.25
N ASN A 12 3.59 -13.55 1.96
CA ASN A 12 4.48 -12.84 2.87
C ASN A 12 4.07 -11.36 2.95
N LEU A 13 3.53 -10.80 1.88
CA LEU A 13 3.00 -9.44 1.88
C LEU A 13 1.62 -9.41 2.54
N LEU A 14 0.87 -10.50 2.40
CA LEU A 14 -0.49 -10.59 2.96
C LEU A 14 -0.48 -10.79 4.48
N LYS A 15 0.65 -11.19 5.02
CA LYS A 15 0.83 -11.35 6.46
C LYS A 15 0.65 -9.98 7.11
N PRO A 16 0.22 -9.94 8.38
CA PRO A 16 -0.11 -8.64 9.01
C PRO A 16 1.09 -7.72 9.24
N CYS A 17 0.85 -6.60 9.93
CA CYS A 17 1.90 -5.63 10.20
C CYS A 17 3.03 -6.34 10.94
N SER A 18 4.25 -5.96 10.62
CA SER A 18 5.44 -6.65 11.13
C SER A 18 5.78 -6.19 12.53
N LEU A 19 5.43 -4.95 12.83
CA LEU A 19 5.67 -4.38 14.15
C LEU A 19 4.51 -4.66 15.09
N CYS A 20 3.29 -4.55 14.57
CA CYS A 20 2.11 -4.75 15.39
C CYS A 20 1.53 -6.17 15.40
N GLU A 21 1.46 -6.79 14.22
CA GLU A 21 0.69 -8.03 13.92
C GLU A 21 -0.79 -7.99 14.34
N LYS A 22 -1.28 -6.83 14.79
CA LYS A 22 -2.64 -6.73 15.29
C LYS A 22 -3.58 -6.15 14.26
N ARG A 23 -3.05 -5.88 13.09
CA ARG A 23 -3.81 -5.28 11.99
C ARG A 23 -3.15 -5.78 10.72
N PRO A 24 -3.90 -5.85 9.59
CA PRO A 24 -3.29 -6.31 8.36
C PRO A 24 -2.25 -5.31 7.85
N ARG A 25 -1.52 -5.70 6.81
CA ARG A 25 -0.51 -4.84 6.24
C ARG A 25 -1.15 -3.89 5.24
N ASP A 26 -1.72 -2.83 5.78
CA ASP A 26 -2.44 -1.83 4.99
C ASP A 26 -1.61 -0.58 4.75
N GLY A 27 -0.33 -0.66 5.08
CA GLY A 27 0.61 0.42 4.86
C GLY A 27 1.54 0.01 3.75
N ASN A 28 1.32 0.58 2.58
CA ASN A 28 2.14 0.27 1.43
C ASN A 28 3.00 1.49 1.16
N ILE A 29 4.28 1.28 0.93
CA ILE A 29 5.22 2.38 0.73
C ILE A 29 5.65 2.51 -0.73
N ILE A 30 5.16 3.54 -1.41
CA ILE A 30 5.55 3.86 -2.79
C ILE A 30 6.78 4.75 -2.93
N HIS A 31 7.75 4.26 -3.69
CA HIS A 31 8.89 5.07 -4.10
C HIS A 31 9.02 5.06 -5.63
N GLY A 32 8.41 6.03 -6.28
CA GLY A 32 8.43 6.11 -7.73
C GLY A 32 7.40 5.20 -8.36
N ARG A 33 7.85 4.07 -8.89
CA ARG A 33 6.98 3.19 -9.67
C ARG A 33 6.81 1.82 -9.04
N THR A 34 7.32 1.67 -7.83
CA THR A 34 7.24 0.41 -7.10
C THR A 34 7.00 0.70 -5.65
N GLY A 35 6.55 -0.31 -4.91
CA GLY A 35 6.38 -0.16 -3.49
C GLY A 35 6.55 -1.42 -2.68
N HIS A 36 7.11 -1.28 -1.48
CA HIS A 36 7.24 -2.40 -0.54
C HIS A 36 6.18 -2.34 0.56
N LEU A 37 5.29 -3.32 0.56
CA LEU A 37 4.27 -3.48 1.59
C LEU A 37 4.94 -4.13 2.80
N VAL A 38 5.19 -3.36 3.85
CA VAL A 38 5.90 -3.90 5.02
C VAL A 38 5.28 -3.70 6.40
N THR A 39 4.36 -2.74 6.56
CA THR A 39 3.80 -2.44 7.89
C THR A 39 2.36 -1.97 7.73
N CYS A 40 1.71 -1.58 8.82
CA CYS A 40 0.38 -1.00 8.74
C CYS A 40 0.54 0.50 8.43
N PHE A 41 -0.53 1.14 8.00
CA PHE A 41 -0.53 2.55 7.61
C PHE A 41 0.04 3.48 8.66
N HIS A 42 -0.30 3.24 9.92
CA HIS A 42 0.18 4.10 11.00
C HIS A 42 1.69 4.01 11.14
N CYS A 43 2.24 2.82 11.01
CA CYS A 43 3.69 2.63 11.08
C CYS A 43 4.35 3.28 9.87
N ALA A 44 3.77 3.10 8.70
CA ALA A 44 4.32 3.69 7.47
C ALA A 44 4.36 5.23 7.55
N ARG A 45 3.32 5.85 8.09
CA ARG A 45 3.31 7.30 8.26
C ARG A 45 4.33 7.73 9.32
N ARG A 46 4.45 6.95 10.39
CA ARG A 46 5.42 7.24 11.45
C ARG A 46 6.84 7.15 10.90
N LEU A 47 7.08 6.24 9.98
CA LEU A 47 8.40 6.03 9.41
C LEU A 47 8.97 7.30 8.76
N LYS A 48 8.20 7.94 7.88
CA LYS A 48 8.69 9.18 7.25
C LYS A 48 8.82 10.29 8.27
N LYS A 49 7.97 10.31 9.30
CA LYS A 49 8.05 11.34 10.34
C LYS A 49 9.39 11.22 11.08
N ALA A 50 9.83 10.00 11.27
CA ALA A 50 11.12 9.71 11.91
C ALA A 50 12.29 10.02 10.96
N GLY A 51 11.99 10.41 9.72
CA GLY A 51 13.01 10.75 8.74
C GLY A 51 13.47 9.54 7.96
N ALA A 52 12.86 8.40 8.25
CA ALA A 52 13.25 7.15 7.61
C ALA A 52 12.54 6.87 6.29
N SER A 53 13.32 6.31 5.40
CA SER A 53 12.89 5.84 4.09
C SER A 53 12.46 4.38 4.24
N CYS A 54 12.16 3.71 3.13
CA CYS A 54 11.72 2.30 3.16
C CYS A 54 12.64 1.44 4.02
N PRO A 55 12.09 0.56 4.89
CA PRO A 55 13.04 -0.23 5.65
C PRO A 55 13.74 -1.29 4.82
N ILE A 56 13.22 -1.57 3.64
CA ILE A 56 13.82 -2.55 2.74
C ILE A 56 14.95 -1.94 1.93
N CYS A 57 14.59 -0.99 1.09
CA CYS A 57 15.52 -0.44 0.13
C CYS A 57 16.04 0.97 0.42
N LYS A 58 15.52 1.58 1.50
CA LYS A 58 15.89 2.96 1.92
C LYS A 58 15.74 4.02 0.82
N LYS A 59 14.97 3.70 -0.22
CA LYS A 59 14.74 4.66 -1.30
C LYS A 59 13.73 5.66 -0.74
N GLU A 60 13.83 6.91 -1.16
CA GLU A 60 12.96 7.94 -0.60
C GLU A 60 11.50 7.67 -0.94
N ILE A 61 10.67 7.75 0.08
CA ILE A 61 9.26 7.46 -0.01
C ILE A 61 8.50 8.66 -0.55
N GLN A 62 7.77 8.47 -1.65
CA GLN A 62 6.96 9.53 -2.23
C GLN A 62 5.70 9.66 -1.39
N LEU A 63 5.06 8.53 -1.14
CA LEU A 63 3.80 8.49 -0.39
C LEU A 63 3.55 7.11 0.14
N VAL A 64 2.57 7.00 1.02
CA VAL A 64 2.15 5.73 1.57
C VAL A 64 0.64 5.79 1.37
N ILE A 65 -0.01 4.64 1.22
CA ILE A 65 -1.44 4.58 0.92
C ILE A 65 -2.08 3.67 1.96
N LYS A 66 -3.36 3.92 2.24
CA LYS A 66 -4.13 3.15 3.21
C LYS A 66 -4.96 2.16 2.40
N VAL A 67 -4.56 0.90 2.40
CA VAL A 67 -5.24 -0.13 1.63
C VAL A 67 -6.32 -0.85 2.46
N PHE A 68 -7.44 -1.18 1.83
CA PHE A 68 -8.50 -1.95 2.50
C PHE A 68 -9.33 -2.61 1.42
N ILE A 69 -10.17 -3.56 1.80
CA ILE A 69 -11.10 -4.18 0.87
C ILE A 69 -12.47 -3.59 1.24
N ALA A 70 -12.69 -2.37 0.75
CA ALA A 70 -13.91 -1.62 0.99
C ALA A 70 -14.10 -0.79 -0.26
N GLY B 1 -6.68 15.25 -14.29
CA GLY B 1 -8.02 15.45 -13.72
C GLY B 1 -8.80 14.19 -13.43
N GLY B 2 -8.20 13.02 -13.66
CA GLY B 2 -8.89 11.78 -13.34
C GLY B 2 -9.11 11.66 -11.84
N VAL B 3 -10.33 11.32 -11.43
CA VAL B 3 -10.67 11.22 -10.00
C VAL B 3 -11.21 9.84 -9.65
N CYS B 4 -11.00 9.45 -8.40
CA CYS B 4 -11.43 8.17 -7.88
C CYS B 4 -12.23 8.38 -6.59
N PRO B 5 -13.09 7.42 -6.22
CA PRO B 5 -13.74 7.53 -4.91
C PRO B 5 -12.74 7.13 -3.81
N ASN B 6 -13.19 7.08 -2.56
CA ASN B 6 -12.30 6.74 -1.44
C ASN B 6 -12.07 5.22 -1.32
N LEU B 7 -12.04 4.52 -2.45
CA LEU B 7 -11.86 3.07 -2.45
C LEU B 7 -10.43 2.76 -2.86
N TYR B 8 -9.53 2.79 -1.88
CA TYR B 8 -8.12 2.49 -2.10
C TYR B 8 -7.90 0.99 -2.00
N LEU B 9 -8.61 0.25 -2.85
CA LEU B 9 -8.55 -1.19 -2.84
C LEU B 9 -7.34 -1.71 -3.62
N LEU B 10 -7.04 -2.99 -3.45
CA LEU B 10 -5.94 -3.61 -4.16
C LEU B 10 -6.36 -3.81 -5.61
N CYS B 11 -5.65 -3.16 -6.52
CA CYS B 11 -5.95 -3.27 -7.94
C CYS B 11 -4.71 -3.69 -8.71
N ARG B 12 -4.91 -4.43 -9.79
CA ARG B 12 -3.81 -4.98 -10.60
C ARG B 12 -3.68 -4.32 -11.96
N ARG B 13 -4.67 -3.51 -12.31
CA ARG B 13 -4.71 -2.79 -13.59
C ARG B 13 -5.32 -1.45 -13.24
N ASP B 14 -5.16 -0.45 -14.08
CA ASP B 14 -5.76 0.86 -13.83
C ASP B 14 -7.30 0.75 -13.79
N SER B 15 -7.83 -0.06 -14.70
CA SER B 15 -9.28 -0.32 -14.80
C SER B 15 -9.79 -1.35 -13.77
N ASP B 16 -8.95 -1.67 -12.80
CA ASP B 16 -9.21 -2.70 -11.79
C ASP B 16 -9.70 -2.08 -10.48
N CYS B 17 -10.08 -0.81 -10.54
CA CYS B 17 -10.43 -0.02 -9.37
C CYS B 17 -11.35 1.06 -9.95
N PRO B 18 -12.45 1.39 -9.25
CA PRO B 18 -13.42 2.31 -9.87
C PRO B 18 -12.95 3.75 -9.99
N GLY B 19 -13.37 4.41 -11.06
CA GLY B 19 -13.01 5.79 -11.30
C GLY B 19 -11.91 5.90 -12.33
N ALA B 20 -11.43 7.11 -12.57
CA ALA B 20 -10.35 7.34 -13.51
C ALA B 20 -9.07 7.33 -12.67
N CYS B 21 -8.50 6.13 -12.50
CA CYS B 21 -7.41 5.91 -11.58
C CYS B 21 -6.15 5.34 -12.20
N ILE B 22 -5.08 5.33 -11.41
CA ILE B 22 -3.82 4.70 -11.80
C ILE B 22 -3.54 3.66 -10.71
N CYS B 23 -3.15 2.47 -11.12
CA CYS B 23 -2.86 1.37 -10.20
C CYS B 23 -1.51 0.75 -10.47
N ARG B 24 -1.00 0.04 -9.47
CA ARG B 24 0.31 -0.63 -9.57
C ARG B 24 0.30 -1.88 -8.71
N HIS B 25 1.31 -2.72 -8.91
CA HIS B 25 1.47 -4.00 -8.20
C HIS B 25 1.68 -3.83 -6.69
N ASP B 26 1.97 -2.62 -6.26
CA ASP B 26 2.20 -2.31 -4.85
C ASP B 26 0.86 -2.15 -4.10
N SER B 27 -0.24 -2.48 -4.76
CA SER B 27 -1.60 -2.39 -4.18
C SER B 27 -2.00 -0.96 -3.87
N TYR B 28 -1.78 -0.08 -4.84
CA TYR B 28 -2.15 1.33 -4.74
C TYR B 28 -3.22 1.65 -5.76
N CYS B 29 -4.24 2.38 -5.33
CA CYS B 29 -5.24 2.94 -6.24
C CYS B 29 -5.24 4.42 -5.88
N GLY B 30 -5.40 5.29 -6.86
CA GLY B 30 -5.41 6.71 -6.60
C GLY B 30 -5.75 7.49 -7.85
N SER B 31 -5.96 8.79 -7.70
CA SER B 31 -6.39 9.67 -8.79
C SER B 31 -5.49 9.58 -10.03
N GLY B 32 -6.13 9.67 -11.18
CA GLY B 32 -5.43 9.59 -12.45
C GLY B 32 -4.79 10.90 -12.87
N SER B 33 -4.21 10.89 -14.05
CA SER B 33 -3.54 12.06 -14.59
C SER B 33 -4.58 13.01 -15.20
N ASP B 34 -4.21 14.28 -15.31
CA ASP B 34 -4.98 15.30 -16.02
C ASP B 34 -6.43 15.46 -15.57
N MET A 4 -9.08 -17.19 0.86
CA MET A 4 -9.75 -16.28 -0.07
C MET A 4 -8.79 -16.02 -1.23
N TYR A 5 -7.66 -16.70 -1.18
CA TYR A 5 -6.58 -16.48 -2.14
C TYR A 5 -6.26 -17.70 -2.97
N SER A 6 -5.61 -17.50 -4.10
CA SER A 6 -5.20 -18.59 -4.97
C SER A 6 -3.76 -18.35 -5.42
N GLY A 7 -3.03 -17.61 -4.59
CA GLY A 7 -1.66 -17.24 -4.91
C GLY A 7 -0.80 -17.31 -3.66
N GLU A 8 -0.30 -18.50 -3.36
CA GLU A 8 0.55 -18.73 -2.19
C GLU A 8 1.85 -17.93 -2.24
N ASP A 9 2.36 -17.65 -3.42
CA ASP A 9 3.55 -16.82 -3.57
C ASP A 9 3.34 -15.45 -2.90
N CYS A 10 2.08 -15.01 -2.87
CA CYS A 10 1.69 -13.73 -2.28
C CYS A 10 1.41 -13.86 -0.77
N GLN A 11 1.56 -15.06 -0.21
CA GLN A 11 1.34 -15.30 1.22
C GLN A 11 2.19 -14.37 2.07
N ASN A 12 3.31 -13.93 1.52
CA ASN A 12 4.19 -13.00 2.23
C ASN A 12 3.50 -11.64 2.39
N LEU A 13 2.68 -11.25 1.43
CA LEU A 13 1.88 -10.02 1.52
C LEU A 13 0.67 -10.24 2.42
N LEU A 14 0.10 -11.44 2.36
CA LEU A 14 -1.07 -11.82 3.17
C LEU A 14 -0.69 -11.91 4.65
N LYS A 15 0.61 -12.01 4.92
CA LYS A 15 1.12 -12.12 6.27
C LYS A 15 0.80 -10.80 6.98
N PRO A 16 0.41 -10.85 8.27
CA PRO A 16 0.05 -9.60 8.94
C PRO A 16 1.22 -8.64 9.16
N CYS A 17 0.95 -7.55 9.86
CA CYS A 17 1.95 -6.53 10.13
C CYS A 17 3.10 -7.19 10.87
N SER A 18 4.31 -6.87 10.46
CA SER A 18 5.51 -7.51 10.99
C SER A 18 5.84 -7.02 12.38
N LEU A 19 5.38 -5.82 12.69
CA LEU A 19 5.61 -5.23 14.00
C LEU A 19 4.47 -5.57 14.95
N CYS A 20 3.25 -5.53 14.43
CA CYS A 20 2.08 -5.79 15.27
C CYS A 20 1.57 -7.21 15.33
N GLU A 21 1.49 -7.86 14.17
CA GLU A 21 0.75 -9.13 13.91
C GLU A 21 -0.74 -9.11 14.33
N LYS A 22 -1.22 -7.94 14.74
CA LYS A 22 -2.60 -7.77 15.20
C LYS A 22 -3.50 -7.13 14.15
N ARG A 23 -2.94 -6.90 12.99
CA ARG A 23 -3.65 -6.22 11.91
C ARG A 23 -2.98 -6.67 10.62
N PRO A 24 -3.71 -6.69 9.50
CA PRO A 24 -3.10 -7.13 8.24
C PRO A 24 -2.09 -6.13 7.70
N ARG A 25 -1.45 -6.49 6.60
CA ARG A 25 -0.49 -5.61 5.95
C ARG A 25 -1.25 -4.66 5.02
N ASP A 26 -1.83 -3.63 5.62
CA ASP A 26 -2.59 -2.62 4.88
C ASP A 26 -1.79 -1.34 4.73
N GLY A 27 -0.51 -1.42 5.06
CA GLY A 27 0.40 -0.30 4.96
C GLY A 27 1.39 -0.51 3.84
N ASN A 28 1.17 0.18 2.75
CA ASN A 28 2.08 0.11 1.62
C ASN A 28 2.82 1.43 1.60
N ILE A 29 4.12 1.41 1.29
CA ILE A 29 4.92 2.61 1.29
C ILE A 29 5.38 2.95 -0.13
N ILE A 30 4.83 3.99 -0.74
CA ILE A 30 5.28 4.51 -2.03
C ILE A 30 6.45 5.48 -1.93
N HIS A 31 7.51 5.18 -2.66
CA HIS A 31 8.62 6.09 -2.86
C HIS A 31 8.92 6.28 -4.36
N GLY A 32 8.33 7.29 -4.98
CA GLY A 32 8.54 7.53 -6.39
C GLY A 32 7.67 6.65 -7.25
N ARG A 33 8.24 5.62 -7.85
CA ARG A 33 7.51 4.79 -8.80
C ARG A 33 7.33 3.34 -8.36
N THR A 34 7.74 3.05 -7.14
CA THR A 34 7.60 1.71 -6.57
C THR A 34 7.28 1.85 -5.10
N GLY A 35 6.79 0.78 -4.49
CA GLY A 35 6.54 0.77 -3.07
C GLY A 35 6.68 -0.59 -2.40
N HIS A 36 7.14 -0.58 -1.16
CA HIS A 36 7.27 -1.83 -0.38
C HIS A 36 6.13 -2.00 0.63
N LEU A 37 5.45 -3.13 0.55
CA LEU A 37 4.37 -3.49 1.48
C LEU A 37 4.99 -4.25 2.64
N VAL A 38 5.11 -3.61 3.79
CA VAL A 38 5.82 -4.23 4.93
C VAL A 38 5.14 -4.23 6.30
N THR A 39 4.18 -3.35 6.54
CA THR A 39 3.58 -3.21 7.87
C THR A 39 2.12 -2.81 7.72
N CYS A 40 1.45 -2.51 8.81
CA CYS A 40 0.10 -1.99 8.74
C CYS A 40 0.18 -0.47 8.52
N PHE A 41 -0.93 0.11 8.08
CA PHE A 41 -1.04 1.53 7.74
C PHE A 41 -0.57 2.43 8.87
N HIS A 42 -0.93 2.07 10.09
CA HIS A 42 -0.55 2.83 11.27
C HIS A 42 0.96 2.85 11.51
N CYS A 43 1.62 1.72 11.32
CA CYS A 43 3.06 1.64 11.55
C CYS A 43 3.83 2.41 10.49
N ALA A 44 3.43 2.24 9.24
CA ALA A 44 4.11 2.92 8.14
C ALA A 44 4.04 4.44 8.30
N ARG A 45 2.89 4.96 8.72
CA ARG A 45 2.76 6.40 8.96
C ARG A 45 3.62 6.85 10.14
N ARG A 46 3.63 6.07 11.21
CA ARG A 46 4.43 6.40 12.39
C ARG A 46 5.92 6.42 12.04
N LEU A 47 6.32 5.52 11.15
CA LEU A 47 7.72 5.41 10.75
C LEU A 47 8.25 6.73 10.17
N LYS A 48 7.55 7.31 9.21
CA LYS A 48 7.98 8.57 8.64
C LYS A 48 7.88 9.71 9.64
N LYS A 49 6.92 9.66 10.55
CA LYS A 49 6.80 10.70 11.58
C LYS A 49 8.05 10.67 12.48
N ALA A 50 8.63 9.49 12.64
CA ALA A 50 9.85 9.32 13.43
C ALA A 50 11.10 9.68 12.60
N GLY A 51 10.89 10.07 11.34
CA GLY A 51 11.98 10.47 10.45
C GLY A 51 12.49 9.34 9.59
N ALA A 52 12.26 8.11 10.02
CA ALA A 52 12.74 6.94 9.31
C ALA A 52 12.06 6.71 7.96
N SER A 53 12.86 6.20 7.04
CA SER A 53 12.43 5.90 5.68
C SER A 53 12.02 4.42 5.60
N CYS A 54 11.75 3.93 4.39
CA CYS A 54 11.34 2.52 4.20
C CYS A 54 12.25 1.57 4.96
N PRO A 55 11.69 0.56 5.65
CA PRO A 55 12.64 -0.30 6.36
C PRO A 55 13.47 -1.16 5.41
N ILE A 56 13.01 -1.29 4.16
CA ILE A 56 13.73 -2.08 3.17
C ILE A 56 14.84 -1.27 2.52
N CYS A 57 14.44 -0.31 1.70
CA CYS A 57 15.37 0.40 0.85
C CYS A 57 15.75 1.78 1.33
N LYS A 58 15.14 2.20 2.44
CA LYS A 58 15.38 3.52 3.06
C LYS A 58 15.20 4.71 2.13
N LYS A 59 14.46 4.52 1.04
CA LYS A 59 14.16 5.63 0.15
C LYS A 59 13.09 6.43 0.85
N GLU A 60 13.08 7.74 0.64
CA GLU A 60 12.13 8.61 1.34
C GLU A 60 10.69 8.30 0.97
N ILE A 61 9.87 8.18 2.01
CA ILE A 61 8.46 7.86 1.87
C ILE A 61 7.71 9.11 1.45
N GLN A 62 7.06 9.07 0.30
CA GLN A 62 6.26 10.21 -0.16
C GLN A 62 4.88 10.11 0.46
N LEU A 63 4.33 8.91 0.48
CA LEU A 63 3.01 8.68 1.06
C LEU A 63 2.86 7.22 1.42
N VAL A 64 1.82 6.94 2.18
CA VAL A 64 1.47 5.60 2.61
C VAL A 64 0.01 5.49 2.23
N ILE A 65 -0.46 4.32 1.84
CA ILE A 65 -1.86 4.14 1.51
C ILE A 65 -2.43 2.99 2.31
N LYS A 66 -3.73 3.05 2.52
CA LYS A 66 -4.50 2.06 3.25
C LYS A 66 -5.03 1.10 2.19
N VAL A 67 -4.38 -0.03 2.02
CA VAL A 67 -4.70 -0.99 0.95
C VAL A 67 -5.33 -2.26 1.51
N PHE A 68 -6.31 -2.80 0.81
CA PHE A 68 -7.02 -4.00 1.27
C PHE A 68 -7.56 -4.79 0.09
N ILE A 69 -7.93 -6.03 0.36
CA ILE A 69 -8.64 -6.86 -0.60
C ILE A 69 -10.04 -7.03 0.02
N ALA A 70 -10.85 -6.01 -0.15
CA ALA A 70 -12.21 -5.97 0.40
C ALA A 70 -13.03 -5.12 -0.56
N GLY B 1 -4.64 14.28 -13.37
CA GLY B 1 -5.56 13.36 -14.04
C GLY B 1 -5.61 12.08 -13.23
N GLY B 2 -6.34 11.07 -13.70
CA GLY B 2 -6.40 9.81 -12.96
C GLY B 2 -7.15 9.85 -11.65
N VAL B 3 -8.24 10.61 -11.60
CA VAL B 3 -9.00 10.76 -10.37
C VAL B 3 -9.84 9.51 -10.10
N CYS B 4 -9.45 8.76 -9.08
CA CYS B 4 -10.11 7.52 -8.69
C CYS B 4 -10.92 7.73 -7.41
N PRO B 5 -11.88 6.82 -7.11
CA PRO B 5 -12.55 6.94 -5.81
C PRO B 5 -11.62 6.43 -4.69
N ASN B 6 -12.13 6.40 -3.46
CA ASN B 6 -11.32 5.94 -2.31
C ASN B 6 -11.23 4.40 -2.22
N LEU B 7 -11.46 3.72 -3.34
CA LEU B 7 -11.40 2.27 -3.39
C LEU B 7 -9.94 1.86 -3.58
N TYR B 8 -9.23 1.67 -2.48
CA TYR B 8 -7.82 1.31 -2.50
C TYR B 8 -7.68 -0.21 -2.51
N LEU B 9 -8.29 -0.81 -3.53
CA LEU B 9 -8.34 -2.25 -3.68
C LEU B 9 -6.98 -2.79 -4.14
N LEU B 10 -6.68 -4.02 -3.73
CA LEU B 10 -5.47 -4.70 -4.17
C LEU B 10 -5.64 -4.91 -5.68
N CYS B 11 -4.75 -4.32 -6.46
CA CYS B 11 -4.89 -4.32 -7.90
C CYS B 11 -3.56 -4.50 -8.59
N ARG B 12 -3.65 -4.92 -9.84
CA ARG B 12 -2.51 -5.19 -10.71
C ARG B 12 -2.61 -4.41 -12.01
N ARG B 13 -3.83 -4.11 -12.45
CA ARG B 13 -4.06 -3.35 -13.68
C ARG B 13 -5.02 -2.21 -13.43
N ASP B 14 -4.94 -1.23 -14.29
CA ASP B 14 -5.72 0.00 -14.21
C ASP B 14 -7.23 -0.21 -14.21
N SER B 15 -7.67 -1.26 -14.88
CA SER B 15 -9.10 -1.59 -14.98
C SER B 15 -9.65 -2.28 -13.74
N ASP B 16 -8.82 -2.44 -12.72
CA ASP B 16 -9.20 -3.12 -11.47
C ASP B 16 -9.88 -2.13 -10.52
N CYS B 17 -10.28 -0.98 -11.05
CA CYS B 17 -10.85 0.12 -10.27
C CYS B 17 -11.65 0.94 -11.27
N PRO B 18 -12.79 1.50 -10.84
CA PRO B 18 -13.65 2.20 -11.80
C PRO B 18 -13.17 3.59 -12.20
N GLY B 19 -13.60 4.03 -13.37
CA GLY B 19 -13.26 5.36 -13.86
C GLY B 19 -11.90 5.37 -14.54
N ALA B 20 -11.40 6.56 -14.81
CA ALA B 20 -10.08 6.72 -15.41
C ALA B 20 -9.08 6.64 -14.26
N CYS B 21 -8.63 5.43 -13.95
CA CYS B 21 -7.74 5.21 -12.82
C CYS B 21 -6.44 4.53 -13.26
N ILE B 22 -5.45 4.55 -12.37
CA ILE B 22 -4.14 3.94 -12.63
C ILE B 22 -3.83 2.98 -11.48
N CYS B 23 -3.29 1.82 -11.79
CA CYS B 23 -2.90 0.84 -10.77
C CYS B 23 -1.48 0.40 -11.02
N ARG B 24 -0.85 -0.19 -10.01
CA ARG B 24 0.55 -0.62 -10.12
C ARG B 24 0.84 -1.74 -9.14
N HIS B 25 2.00 -2.37 -9.31
CA HIS B 25 2.42 -3.51 -8.49
C HIS B 25 2.60 -3.20 -6.99
N ASP B 26 2.54 -1.93 -6.62
CA ASP B 26 2.65 -1.54 -5.19
C ASP B 26 1.29 -1.78 -4.52
N SER B 27 0.39 -2.44 -5.26
CA SER B 27 -0.97 -2.72 -4.81
C SER B 27 -1.64 -1.40 -4.47
N TYR B 28 -1.43 -0.43 -5.35
CA TYR B 28 -1.90 0.92 -5.15
C TYR B 28 -2.83 1.33 -6.28
N CYS B 29 -4.07 1.65 -5.91
CA CYS B 29 -5.08 2.17 -6.83
C CYS B 29 -5.22 3.64 -6.47
N GLY B 30 -5.15 4.55 -7.44
CA GLY B 30 -5.26 5.97 -7.15
C GLY B 30 -4.31 6.86 -7.93
N SER B 31 -3.92 7.95 -7.27
CA SER B 31 -3.01 9.00 -7.81
C SER B 31 -3.70 9.94 -8.79
N GLY B 32 -4.63 10.75 -8.29
CA GLY B 32 -5.36 11.72 -9.08
C GLY B 32 -4.60 12.97 -9.45
N SER B 33 -3.27 12.89 -9.49
CA SER B 33 -2.44 14.04 -9.79
C SER B 33 -2.38 14.26 -11.30
N ASP B 34 -2.78 15.45 -11.73
CA ASP B 34 -2.80 15.84 -13.16
C ASP B 34 -3.69 14.91 -14.01
N MET A 4 3.38 -7.95 -8.90
CA MET A 4 4.70 -8.49 -8.58
C MET A 4 4.61 -9.88 -7.97
N TYR A 5 3.42 -10.47 -8.00
CA TYR A 5 3.21 -11.77 -7.39
C TYR A 5 2.95 -12.84 -8.41
N SER A 6 3.48 -14.02 -8.14
CA SER A 6 3.21 -15.19 -8.94
C SER A 6 2.34 -16.09 -8.05
N GLY A 7 2.62 -16.06 -6.76
CA GLY A 7 1.77 -16.70 -5.77
C GLY A 7 2.45 -17.72 -4.89
N GLU A 8 3.15 -18.66 -5.50
CA GLU A 8 3.77 -19.76 -4.77
C GLU A 8 4.88 -19.35 -3.78
N ASP A 9 5.93 -18.65 -4.18
CA ASP A 9 6.88 -18.12 -3.21
C ASP A 9 6.26 -16.94 -2.52
N CYS A 10 5.60 -16.12 -3.34
CA CYS A 10 5.08 -14.81 -2.96
C CYS A 10 4.06 -14.82 -1.84
N GLN A 11 3.62 -16.00 -1.47
CA GLN A 11 2.75 -16.20 -0.33
C GLN A 11 3.43 -15.60 0.94
N ASN A 12 4.76 -15.54 0.94
CA ASN A 12 5.49 -14.95 2.06
C ASN A 12 5.29 -13.42 2.16
N LEU A 13 5.16 -12.75 1.03
CA LEU A 13 4.89 -11.31 0.98
C LEU A 13 3.41 -11.03 1.28
N LEU A 14 2.56 -12.01 1.04
CA LEU A 14 1.13 -11.86 1.30
C LEU A 14 0.76 -12.16 2.77
N LYS A 15 1.76 -12.46 3.59
CA LYS A 15 1.53 -12.73 5.02
C LYS A 15 1.03 -11.47 5.73
N PRO A 16 0.26 -11.62 6.84
CA PRO A 16 -0.28 -10.48 7.58
C PRO A 16 0.79 -9.56 8.19
N CYS A 17 0.36 -8.62 9.04
CA CYS A 17 1.30 -7.68 9.64
C CYS A 17 2.35 -8.47 10.40
N SER A 18 3.60 -8.09 10.21
CA SER A 18 4.72 -8.84 10.76
C SER A 18 4.87 -8.61 12.25
N LEU A 19 4.44 -7.44 12.68
CA LEU A 19 4.49 -7.07 14.08
C LEU A 19 3.26 -7.57 14.82
N CYS A 20 2.11 -7.46 14.18
CA CYS A 20 0.86 -7.84 14.83
C CYS A 20 0.35 -9.25 14.58
N GLU A 21 0.40 -9.70 13.33
CA GLU A 21 -0.28 -10.90 12.79
C GLU A 21 -1.79 -10.97 13.09
N LYS A 22 -2.33 -9.89 13.66
CA LYS A 22 -3.72 -9.84 14.05
C LYS A 22 -4.51 -9.03 13.07
N ARG A 23 -3.82 -8.59 12.04
CA ARG A 23 -4.36 -7.71 11.02
C ARG A 23 -3.61 -8.07 9.76
N PRO A 24 -4.22 -7.93 8.58
CA PRO A 24 -3.45 -8.24 7.37
C PRO A 24 -2.37 -7.19 7.14
N ARG A 25 -1.54 -7.40 6.13
CA ARG A 25 -0.52 -6.40 5.79
C ARG A 25 -1.24 -5.40 4.89
N ASP A 26 -1.99 -4.52 5.52
CA ASP A 26 -2.82 -3.54 4.82
C ASP A 26 -2.19 -2.16 4.84
N GLY A 27 -0.93 -2.10 5.27
CA GLY A 27 -0.18 -0.87 5.31
C GLY A 27 0.86 -0.87 4.23
N ASN A 28 0.60 -0.12 3.18
CA ASN A 28 1.55 0.02 2.10
C ASN A 28 2.02 1.46 2.16
N ILE A 29 3.31 1.65 1.96
CA ILE A 29 3.91 2.98 2.07
C ILE A 29 4.35 3.48 0.70
N ILE A 30 3.64 4.45 0.16
CA ILE A 30 3.98 5.09 -1.13
C ILE A 30 4.99 6.20 -0.98
N HIS A 31 6.08 6.08 -1.74
CA HIS A 31 7.02 7.17 -1.92
C HIS A 31 7.18 7.47 -3.41
N GLY A 32 6.33 8.35 -3.93
CA GLY A 32 6.36 8.71 -5.32
C GLY A 32 5.64 7.68 -6.17
N ARG A 33 6.41 6.88 -6.89
CA ARG A 33 5.85 5.96 -7.87
C ARG A 33 5.93 4.50 -7.47
N THR A 34 6.48 4.24 -6.30
CA THR A 34 6.60 2.89 -5.77
C THR A 34 6.29 2.89 -4.30
N GLY A 35 5.96 1.74 -3.76
CA GLY A 35 5.72 1.61 -2.35
C GLY A 35 6.06 0.26 -1.75
N HIS A 36 6.54 0.27 -0.52
CA HIS A 36 6.87 -0.98 0.19
C HIS A 36 5.73 -1.41 1.12
N LEU A 37 5.31 -2.67 0.96
CA LEU A 37 4.25 -3.27 1.77
C LEU A 37 4.92 -4.02 2.92
N VAL A 38 4.85 -3.49 4.13
CA VAL A 38 5.59 -4.10 5.25
C VAL A 38 4.86 -4.41 6.56
N THR A 39 3.77 -3.71 6.87
CA THR A 39 3.08 -3.91 8.14
C THR A 39 1.61 -3.59 7.91
N CYS A 40 0.82 -3.49 8.97
CA CYS A 40 -0.55 -3.03 8.83
C CYS A 40 -0.50 -1.50 8.84
N PHE A 41 -1.56 -0.89 8.36
CA PHE A 41 -1.68 0.56 8.26
C PHE A 41 -1.41 1.26 9.58
N HIS A 42 -1.88 0.67 10.66
CA HIS A 42 -1.71 1.23 11.99
C HIS A 42 -0.23 1.39 12.36
N CYS A 43 0.58 0.39 12.03
CA CYS A 43 2.01 0.45 12.33
C CYS A 43 2.70 1.44 11.41
N ALA A 44 2.38 1.38 10.12
CA ALA A 44 3.00 2.28 9.15
C ALA A 44 2.69 3.76 9.43
N ARG A 45 1.45 4.05 9.79
CA ARG A 45 1.05 5.42 10.11
C ARG A 45 1.72 5.88 11.40
N ARG A 46 1.83 4.99 12.38
CA ARG A 46 2.50 5.30 13.65
C ARG A 46 3.97 5.61 13.38
N LEU A 47 4.58 4.88 12.47
CA LEU A 47 5.98 5.07 12.13
C LEU A 47 6.24 6.49 11.63
N LYS A 48 5.47 6.96 10.66
CA LYS A 48 5.62 8.32 10.17
C LYS A 48 5.25 9.35 11.23
N LYS A 49 4.30 9.03 12.10
CA LYS A 49 3.95 9.96 13.20
C LYS A 49 5.13 10.16 14.13
N ALA A 50 5.93 9.13 14.28
CA ALA A 50 7.16 9.19 15.09
C ALA A 50 8.31 9.87 14.31
N GLY A 51 8.02 10.28 13.07
CA GLY A 51 9.00 10.97 12.24
C GLY A 51 9.79 10.05 11.33
N ALA A 52 9.78 8.76 11.63
CA ALA A 52 10.55 7.78 10.87
C ALA A 52 10.02 7.58 9.44
N SER A 53 10.94 7.24 8.55
CA SER A 53 10.66 7.03 7.13
C SER A 53 10.40 5.55 6.86
N CYS A 54 10.32 5.14 5.59
CA CYS A 54 10.09 3.73 5.24
C CYS A 54 11.10 2.84 5.98
N PRO A 55 10.64 1.70 6.54
CA PRO A 55 11.64 0.91 7.26
C PRO A 55 12.62 0.20 6.32
N ILE A 56 12.29 0.09 5.04
CA ILE A 56 13.18 -0.57 4.09
C ILE A 56 14.13 0.39 3.41
N CYS A 57 13.60 1.39 2.71
CA CYS A 57 14.44 2.26 1.91
C CYS A 57 14.64 3.66 2.50
N LYS A 58 13.98 3.92 3.62
CA LYS A 58 14.02 5.23 4.31
C LYS A 58 13.69 6.42 3.40
N LYS A 59 13.07 6.16 2.25
CA LYS A 59 12.71 7.24 1.35
C LYS A 59 11.49 7.89 1.96
N GLU A 60 11.37 9.19 1.82
CA GLU A 60 10.30 9.94 2.47
C GLU A 60 8.93 9.53 1.98
N ILE A 61 8.07 9.28 2.94
CA ILE A 61 6.72 8.79 2.71
C ILE A 61 5.81 9.92 2.27
N GLN A 62 5.23 9.79 1.08
CA GLN A 62 4.26 10.77 0.61
C GLN A 62 2.94 10.46 1.28
N LEU A 63 2.59 9.17 1.32
CA LEU A 63 1.38 8.73 2.01
C LEU A 63 1.45 7.24 2.33
N VAL A 64 0.52 6.80 3.15
CA VAL A 64 0.37 5.40 3.50
C VAL A 64 -1.07 5.15 3.08
N ILE A 65 -1.39 3.95 2.60
CA ILE A 65 -2.75 3.65 2.15
C ILE A 65 -3.18 2.41 2.92
N LYS A 66 -4.48 2.27 3.13
CA LYS A 66 -5.06 1.17 3.88
C LYS A 66 -5.70 0.27 2.82
N VAL A 67 -5.04 -0.80 2.43
CA VAL A 67 -5.53 -1.65 1.32
C VAL A 67 -5.82 -3.08 1.76
N PHE A 68 -6.93 -3.63 1.27
CA PHE A 68 -7.40 -4.93 1.70
C PHE A 68 -8.21 -5.59 0.60
N ILE A 69 -8.48 -6.87 0.74
CA ILE A 69 -9.46 -7.55 -0.10
C ILE A 69 -10.62 -7.86 0.88
N ALA A 70 -11.42 -6.83 1.13
CA ALA A 70 -12.54 -6.90 2.05
C ALA A 70 -13.56 -5.91 1.51
N GLY B 1 -2.47 12.78 -5.95
CA GLY B 1 -3.67 13.50 -6.40
C GLY B 1 -4.56 12.77 -7.39
N GLY B 2 -4.12 11.62 -7.89
CA GLY B 2 -4.90 10.87 -8.88
C GLY B 2 -6.08 10.07 -8.33
N VAL B 3 -6.83 10.64 -7.39
CA VAL B 3 -7.89 9.91 -6.70
C VAL B 3 -9.08 9.58 -7.62
N CYS B 4 -9.22 8.29 -7.92
CA CYS B 4 -10.36 7.79 -8.68
C CYS B 4 -11.43 7.35 -7.68
N PRO B 5 -12.72 7.32 -8.09
CA PRO B 5 -13.78 6.91 -7.16
C PRO B 5 -13.86 5.39 -6.93
N ASN B 6 -12.99 4.87 -6.09
CA ASN B 6 -12.98 3.45 -5.76
C ASN B 6 -12.50 3.21 -4.35
N LEU B 7 -12.82 2.04 -3.80
CA LEU B 7 -12.37 1.66 -2.47
C LEU B 7 -10.91 1.22 -2.59
N TYR B 8 -10.22 1.11 -1.47
CA TYR B 8 -8.81 0.75 -1.48
C TYR B 8 -8.60 -0.76 -1.54
N LEU B 9 -8.71 -1.33 -2.72
CA LEU B 9 -8.41 -2.74 -2.92
C LEU B 9 -7.10 -2.87 -3.67
N LEU B 10 -6.52 -4.06 -3.65
CA LEU B 10 -5.29 -4.30 -4.38
C LEU B 10 -5.69 -4.54 -5.84
N CYS B 11 -4.83 -4.15 -6.77
CA CYS B 11 -5.12 -4.31 -8.18
C CYS B 11 -3.90 -4.93 -8.85
N ARG B 12 -4.12 -5.53 -10.01
CA ARG B 12 -3.04 -6.17 -10.79
C ARG B 12 -3.05 -5.59 -12.20
N ARG B 13 -4.24 -5.29 -12.70
CA ARG B 13 -4.43 -4.75 -14.04
C ARG B 13 -5.23 -3.48 -13.86
N ASP B 14 -5.17 -2.59 -14.84
CA ASP B 14 -5.89 -1.31 -14.77
C ASP B 14 -7.40 -1.48 -14.72
N SER B 15 -7.90 -2.54 -15.35
CA SER B 15 -9.35 -2.83 -15.40
C SER B 15 -9.90 -3.37 -14.09
N ASP B 16 -9.08 -3.38 -13.05
CA ASP B 16 -9.48 -3.85 -11.71
C ASP B 16 -10.08 -2.68 -10.93
N CYS B 17 -10.40 -1.60 -11.63
CA CYS B 17 -10.81 -0.34 -11.02
C CYS B 17 -11.65 0.41 -12.06
N PRO B 18 -12.68 1.14 -11.61
CA PRO B 18 -13.57 1.82 -12.56
C PRO B 18 -13.01 3.13 -13.13
N GLY B 19 -13.55 3.52 -14.28
CA GLY B 19 -13.16 4.77 -14.91
C GLY B 19 -11.86 4.64 -15.70
N ALA B 20 -11.42 5.73 -16.28
CA ALA B 20 -10.14 5.73 -17.00
C ALA B 20 -9.06 6.00 -15.95
N CYS B 21 -8.67 4.94 -15.26
CA CYS B 21 -7.72 5.03 -14.16
C CYS B 21 -6.56 4.07 -14.39
N ILE B 22 -5.53 4.20 -13.58
CA ILE B 22 -4.32 3.41 -13.71
C ILE B 22 -4.11 2.62 -12.41
N CYS B 23 -3.50 1.44 -12.54
CA CYS B 23 -3.21 0.59 -11.39
C CYS B 23 -1.71 0.40 -11.26
N ARG B 24 -1.20 0.66 -10.06
CA ARG B 24 0.23 0.52 -9.77
C ARG B 24 0.44 -0.70 -8.88
N HIS B 25 1.64 -1.26 -8.92
CA HIS B 25 1.97 -2.50 -8.19
C HIS B 25 1.99 -2.34 -6.67
N ASP B 26 1.88 -1.10 -6.20
CA ASP B 26 1.88 -0.80 -4.76
C ASP B 26 0.52 -1.13 -4.14
N SER B 27 -0.27 -1.91 -4.87
CA SER B 27 -1.62 -2.30 -4.45
C SER B 27 -2.50 -1.09 -4.18
N TYR B 28 -2.47 -0.15 -5.12
CA TYR B 28 -3.32 1.04 -5.02
C TYR B 28 -4.25 1.08 -6.22
N CYS B 29 -5.50 0.74 -6.01
CA CYS B 29 -6.51 0.77 -7.06
C CYS B 29 -6.78 2.23 -7.38
N GLY B 30 -6.76 2.57 -8.66
CA GLY B 30 -6.96 3.95 -9.08
C GLY B 30 -5.69 4.78 -8.98
N SER B 31 -4.72 4.29 -8.21
CA SER B 31 -3.44 4.98 -7.97
C SER B 31 -3.65 6.41 -7.46
N GLY B 32 -4.52 6.54 -6.46
CA GLY B 32 -4.86 7.84 -5.88
C GLY B 32 -3.77 8.67 -5.24
N SER B 33 -2.55 8.14 -5.23
CA SER B 33 -1.42 8.87 -4.73
C SER B 33 -1.17 10.07 -5.64
N ASP B 34 -0.49 11.07 -5.10
CA ASP B 34 -0.09 12.26 -5.84
C ASP B 34 -1.27 13.03 -6.46
N MET A 4 -9.71 -20.22 -0.42
CA MET A 4 -9.55 -18.78 -0.32
C MET A 4 -8.05 -18.50 -0.26
N TYR A 5 -7.67 -17.28 -0.62
CA TYR A 5 -6.27 -16.83 -0.64
C TYR A 5 -5.36 -17.77 -1.45
N SER A 6 -5.71 -17.99 -2.71
CA SER A 6 -4.94 -18.87 -3.58
C SER A 6 -3.80 -18.10 -4.25
N GLY A 7 -2.73 -17.89 -3.51
CA GLY A 7 -1.58 -17.16 -4.04
C GLY A 7 -0.41 -17.21 -3.07
N GLU A 8 0.39 -18.27 -3.15
CA GLU A 8 1.55 -18.44 -2.28
C GLU A 8 2.57 -17.32 -2.46
N ASP A 9 2.63 -16.76 -3.66
CA ASP A 9 3.54 -15.65 -3.96
C ASP A 9 3.03 -14.37 -3.32
N CYS A 10 1.72 -14.15 -3.40
CA CYS A 10 1.06 -12.97 -2.88
C CYS A 10 0.92 -13.07 -1.37
N GLN A 11 1.21 -14.24 -0.83
CA GLN A 11 1.15 -14.49 0.60
C GLN A 11 2.01 -13.48 1.37
N ASN A 12 3.05 -12.96 0.73
CA ASN A 12 3.92 -12.00 1.38
C ASN A 12 3.14 -10.70 1.64
N LEU A 13 2.19 -10.38 0.78
CA LEU A 13 1.31 -9.21 0.98
C LEU A 13 0.24 -9.54 2.02
N LEU A 14 -0.24 -10.79 1.99
CA LEU A 14 -1.33 -11.23 2.86
C LEU A 14 -0.92 -11.46 4.31
N LYS A 15 0.38 -11.59 4.55
CA LYS A 15 0.86 -11.85 5.90
C LYS A 15 0.63 -10.61 6.76
N PRO A 16 0.45 -10.79 8.08
CA PRO A 16 0.08 -9.63 8.90
C PRO A 16 1.21 -8.63 9.15
N CYS A 17 0.89 -7.57 9.91
CA CYS A 17 1.87 -6.56 10.29
C CYS A 17 2.99 -7.25 11.02
N SER A 18 4.21 -6.79 10.81
CA SER A 18 5.40 -7.44 11.36
C SER A 18 5.62 -7.02 12.80
N LEU A 19 5.17 -5.83 13.14
CA LEU A 19 5.32 -5.29 14.48
C LEU A 19 4.10 -5.64 15.33
N CYS A 20 2.93 -5.57 14.73
CA CYS A 20 1.69 -5.86 15.47
C CYS A 20 1.22 -7.30 15.40
N GLU A 21 1.27 -7.89 14.21
CA GLU A 21 0.65 -9.19 13.86
C GLU A 21 -0.85 -9.30 14.17
N LYS A 22 -1.50 -8.21 14.58
CA LYS A 22 -2.87 -8.27 15.04
C LYS A 22 -3.80 -7.81 13.96
N ARG A 23 -3.21 -7.47 12.84
CA ARG A 23 -3.95 -6.88 11.74
C ARG A 23 -3.17 -7.10 10.46
N PRO A 24 -3.85 -7.05 9.29
CA PRO A 24 -3.12 -7.30 8.03
C PRO A 24 -2.11 -6.21 7.70
N ARG A 25 -1.32 -6.46 6.66
CA ARG A 25 -0.32 -5.53 6.19
C ARG A 25 -0.94 -4.51 5.24
N ASP A 26 -1.56 -3.51 5.83
CA ASP A 26 -2.26 -2.44 5.08
C ASP A 26 -1.39 -1.19 4.99
N GLY A 27 -0.11 -1.34 5.34
CA GLY A 27 0.84 -0.24 5.27
C GLY A 27 1.79 -0.45 4.12
N ASN A 28 1.57 0.30 3.07
CA ASN A 28 2.41 0.23 1.88
C ASN A 28 3.30 1.46 1.85
N ILE A 29 4.61 1.29 1.64
CA ILE A 29 5.52 2.41 1.59
C ILE A 29 5.93 2.69 0.14
N ILE A 30 5.44 3.77 -0.43
CA ILE A 30 5.84 4.23 -1.76
C ILE A 30 7.08 5.13 -1.73
N HIS A 31 8.08 4.75 -2.49
CA HIS A 31 9.23 5.62 -2.76
C HIS A 31 9.46 5.77 -4.26
N GLY A 32 8.99 6.85 -4.85
CA GLY A 32 9.22 7.07 -6.26
C GLY A 32 8.25 6.30 -7.11
N ARG A 33 8.72 5.18 -7.63
CA ARG A 33 7.96 4.38 -8.60
C ARG A 33 7.72 2.95 -8.12
N THR A 34 8.15 2.66 -6.91
CA THR A 34 7.99 1.33 -6.32
C THR A 34 7.65 1.46 -4.85
N GLY A 35 7.17 0.38 -4.26
CA GLY A 35 6.91 0.36 -2.84
C GLY A 35 7.03 -0.98 -2.14
N HIS A 36 7.47 -0.96 -0.89
CA HIS A 36 7.54 -2.17 -0.06
C HIS A 36 6.42 -2.23 0.96
N LEU A 37 5.80 -3.40 1.08
CA LEU A 37 4.73 -3.65 2.06
C LEU A 37 5.35 -4.40 3.22
N VAL A 38 5.51 -3.72 4.35
CA VAL A 38 6.19 -4.32 5.50
C VAL A 38 5.45 -4.27 6.84
N THR A 39 4.51 -3.36 7.00
CA THR A 39 3.82 -3.19 8.29
C THR A 39 2.38 -2.78 8.04
N CYS A 40 1.67 -2.46 9.11
CA CYS A 40 0.31 -1.94 8.98
C CYS A 40 0.41 -0.44 8.72
N PHE A 41 -0.68 0.16 8.25
CA PHE A 41 -0.74 1.59 7.93
C PHE A 41 -0.29 2.46 9.08
N HIS A 42 -0.73 2.12 10.27
CA HIS A 42 -0.41 2.91 11.45
C HIS A 42 1.09 2.91 11.72
N CYS A 43 1.74 1.78 11.55
CA CYS A 43 3.18 1.70 11.79
C CYS A 43 3.94 2.43 10.70
N ALA A 44 3.57 2.24 9.45
CA ALA A 44 4.28 2.85 8.32
C ALA A 44 4.20 4.38 8.38
N ARG A 45 3.04 4.90 8.69
CA ARG A 45 2.85 6.35 8.77
C ARG A 45 3.64 6.95 9.95
N ARG A 46 3.67 6.22 11.06
CA ARG A 46 4.44 6.63 12.24
C ARG A 46 5.94 6.59 11.98
N LEU A 47 6.37 5.62 11.19
CA LEU A 47 7.78 5.35 10.96
C LEU A 47 8.58 6.55 10.46
N LYS A 48 8.10 7.25 9.44
CA LYS A 48 8.86 8.40 8.93
C LYS A 48 8.90 9.57 9.90
N LYS A 49 7.87 9.73 10.72
CA LYS A 49 7.88 10.82 11.71
C LYS A 49 9.02 10.56 12.70
N ALA A 50 9.23 9.29 13.00
CA ALA A 50 10.31 8.85 13.89
C ALA A 50 11.70 8.94 13.22
N GLY A 51 11.74 9.37 11.97
CA GLY A 51 12.99 9.53 11.24
C GLY A 51 13.48 8.28 10.54
N ALA A 52 12.75 7.18 10.67
CA ALA A 52 13.15 5.94 10.04
C ALA A 52 12.59 5.85 8.62
N SER A 53 13.41 5.35 7.71
CA SER A 53 13.05 5.20 6.31
C SER A 53 12.54 3.77 6.09
N CYS A 54 12.33 3.36 4.84
CA CYS A 54 11.86 1.99 4.56
C CYS A 54 12.76 1.00 5.31
N PRO A 55 12.18 -0.02 5.98
CA PRO A 55 13.12 -0.90 6.68
C PRO A 55 13.89 -1.82 5.74
N ILE A 56 13.43 -1.96 4.50
CA ILE A 56 14.13 -2.81 3.54
C ILE A 56 15.20 -2.04 2.77
N CYS A 57 14.80 -1.00 2.06
CA CYS A 57 15.72 -0.30 1.18
C CYS A 57 16.15 1.09 1.69
N LYS A 58 15.60 1.50 2.82
CA LYS A 58 15.88 2.82 3.44
C LYS A 58 15.64 4.02 2.50
N LYS A 59 14.90 3.82 1.43
CA LYS A 59 14.55 4.91 0.53
C LYS A 59 13.40 5.68 1.18
N GLU A 60 13.36 6.98 0.94
CA GLU A 60 12.41 7.89 1.60
C GLU A 60 10.95 7.47 1.48
N ILE A 61 10.25 7.47 2.60
CA ILE A 61 8.84 7.12 2.63
C ILE A 61 8.10 8.38 2.18
N GLN A 62 7.62 8.40 0.95
CA GLN A 62 6.97 9.59 0.42
C GLN A 62 5.53 9.64 0.89
N LEU A 63 4.84 8.52 0.80
CA LEU A 63 3.45 8.43 1.23
C LEU A 63 3.13 6.98 1.54
N VAL A 64 2.01 6.80 2.20
CA VAL A 64 1.52 5.49 2.60
C VAL A 64 0.06 5.52 2.20
N ILE A 65 -0.50 4.39 1.81
CA ILE A 65 -1.90 4.31 1.37
C ILE A 65 -2.50 3.22 2.25
N LYS A 66 -3.80 3.30 2.51
CA LYS A 66 -4.47 2.37 3.43
C LYS A 66 -5.42 1.46 2.69
N VAL A 67 -4.98 0.25 2.42
CA VAL A 67 -5.74 -0.74 1.65
C VAL A 67 -6.60 -1.65 2.53
N PHE A 68 -7.77 -2.01 2.03
CA PHE A 68 -8.65 -2.94 2.71
C PHE A 68 -9.45 -3.63 1.61
N ILE A 69 -10.08 -4.73 1.97
CA ILE A 69 -10.95 -5.47 1.07
C ILE A 69 -12.35 -5.27 1.61
N ALA A 70 -12.98 -4.19 1.17
CA ALA A 70 -14.34 -3.86 1.57
C ALA A 70 -14.94 -3.17 0.36
N GLY B 1 -5.31 14.27 -12.56
CA GLY B 1 -5.59 14.93 -11.29
C GLY B 1 -5.52 13.98 -10.10
N GLY B 2 -5.89 12.73 -10.33
CA GLY B 2 -5.85 11.75 -9.26
C GLY B 2 -7.03 11.85 -8.32
N VAL B 3 -8.21 12.15 -8.85
CA VAL B 3 -9.40 12.25 -8.03
C VAL B 3 -9.90 10.82 -7.77
N CYS B 4 -9.76 10.39 -6.52
CA CYS B 4 -10.10 9.02 -6.14
C CYS B 4 -11.14 8.97 -5.03
N PRO B 5 -11.96 7.91 -4.98
CA PRO B 5 -12.92 7.79 -3.89
C PRO B 5 -12.21 7.30 -2.62
N ASN B 6 -12.96 7.11 -1.54
CA ASN B 6 -12.38 6.63 -0.29
C ASN B 6 -12.21 5.10 -0.32
N LEU B 7 -12.38 4.50 -1.49
CA LEU B 7 -12.23 3.06 -1.66
C LEU B 7 -10.82 2.76 -2.13
N TYR B 8 -10.06 2.08 -1.29
CA TYR B 8 -8.67 1.73 -1.59
C TYR B 8 -8.54 0.22 -1.59
N LEU B 9 -8.78 -0.38 -2.75
CA LEU B 9 -8.75 -1.83 -2.90
C LEU B 9 -7.37 -2.28 -3.41
N LEU B 10 -7.12 -3.58 -3.38
CA LEU B 10 -5.91 -4.14 -3.98
C LEU B 10 -6.19 -4.14 -5.47
N CYS B 11 -5.23 -3.69 -6.26
CA CYS B 11 -5.42 -3.62 -7.70
C CYS B 11 -4.12 -3.98 -8.41
N ARG B 12 -4.23 -4.31 -9.70
CA ARG B 12 -3.06 -4.73 -10.50
C ARG B 12 -2.90 -3.84 -11.71
N ARG B 13 -4.03 -3.40 -12.25
CA ARG B 13 -4.08 -2.52 -13.41
C ARG B 13 -4.94 -1.35 -12.97
N ASP B 14 -4.87 -0.25 -13.71
CA ASP B 14 -5.66 0.95 -13.37
C ASP B 14 -7.16 0.62 -13.37
N SER B 15 -7.55 -0.29 -14.24
CA SER B 15 -8.95 -0.71 -14.37
C SER B 15 -9.48 -1.57 -13.22
N ASP B 16 -8.61 -1.89 -12.27
CA ASP B 16 -8.99 -2.74 -11.13
C ASP B 16 -9.39 -1.88 -9.91
N CYS B 17 -9.62 -0.59 -10.13
CA CYS B 17 -9.92 0.33 -9.04
C CYS B 17 -10.64 1.57 -9.62
N PRO B 18 -11.76 1.99 -9.00
CA PRO B 18 -12.53 3.10 -9.57
C PRO B 18 -12.00 4.50 -9.30
N GLY B 19 -12.45 5.46 -10.10
CA GLY B 19 -12.05 6.84 -9.97
C GLY B 19 -11.00 7.21 -10.99
N ALA B 20 -10.56 8.46 -10.99
CA ALA B 20 -9.49 8.87 -11.89
C ALA B 20 -8.21 8.56 -11.13
N CYS B 21 -7.81 7.30 -11.17
CA CYS B 21 -6.68 6.82 -10.41
C CYS B 21 -5.83 5.90 -11.25
N ILE B 22 -4.63 5.60 -10.78
CA ILE B 22 -3.77 4.63 -11.43
C ILE B 22 -3.30 3.66 -10.36
N CYS B 23 -2.87 2.49 -10.79
CA CYS B 23 -2.46 1.43 -9.88
C CYS B 23 -1.00 1.06 -10.07
N ARG B 24 -0.44 0.44 -9.04
CA ARG B 24 0.97 0.06 -9.03
C ARG B 24 1.12 -1.33 -8.44
N HIS B 25 2.24 -1.98 -8.73
CA HIS B 25 2.54 -3.30 -8.19
C HIS B 25 2.79 -3.21 -6.67
N ASP B 26 2.87 -1.99 -6.18
CA ASP B 26 3.06 -1.69 -4.76
C ASP B 26 1.74 -1.90 -3.99
N SER B 27 0.78 -2.56 -4.62
CA SER B 27 -0.56 -2.80 -4.05
C SER B 27 -1.18 -1.46 -3.72
N TYR B 28 -1.02 -0.54 -4.64
CA TYR B 28 -1.42 0.85 -4.46
C TYR B 28 -2.44 1.27 -5.51
N CYS B 29 -3.49 1.95 -5.08
CA CYS B 29 -4.45 2.59 -5.98
C CYS B 29 -4.45 4.04 -5.52
N GLY B 30 -4.37 4.99 -6.44
CA GLY B 30 -4.39 6.39 -6.03
C GLY B 30 -4.01 7.38 -7.11
N SER B 31 -3.74 8.60 -6.66
CA SER B 31 -3.39 9.70 -7.54
C SER B 31 -2.12 9.45 -8.34
N GLY B 32 -2.05 10.06 -9.52
CA GLY B 32 -0.89 9.92 -10.38
C GLY B 32 -1.12 10.37 -11.81
N SER B 33 -2.37 10.35 -12.25
CA SER B 33 -2.73 10.80 -13.60
C SER B 33 -4.13 11.40 -13.50
N ASP B 34 -4.48 12.27 -14.45
CA ASP B 34 -5.81 12.90 -14.51
C ASP B 34 -6.24 13.57 -13.19
N MET A 4 -6.67 -20.40 -2.39
CA MET A 4 -6.60 -19.07 -1.81
C MET A 4 -5.12 -18.81 -1.62
N TYR A 5 -4.76 -17.54 -1.51
CA TYR A 5 -3.36 -17.08 -1.37
C TYR A 5 -2.45 -17.62 -2.48
N SER A 6 -2.82 -17.34 -3.71
CA SER A 6 -2.04 -17.77 -4.86
C SER A 6 -0.95 -16.75 -5.16
N GLY A 7 0.18 -16.90 -4.51
CA GLY A 7 1.30 -15.97 -4.67
C GLY A 7 2.39 -16.32 -3.69
N GLU A 8 3.15 -17.36 -4.00
CA GLU A 8 4.20 -17.87 -3.11
C GLU A 8 5.35 -16.86 -2.98
N ASP A 9 5.57 -16.09 -4.03
CA ASP A 9 6.60 -15.06 -4.03
C ASP A 9 6.22 -13.95 -3.05
N CYS A 10 4.92 -13.66 -2.99
CA CYS A 10 4.38 -12.64 -2.13
C CYS A 10 4.01 -13.20 -0.77
N GLN A 11 4.23 -14.49 -0.54
CA GLN A 11 3.82 -15.14 0.71
C GLN A 11 4.39 -14.43 1.94
N ASN A 12 5.57 -13.84 1.80
CA ASN A 12 6.18 -13.13 2.91
C ASN A 12 5.40 -11.84 3.20
N LEU A 13 4.83 -11.23 2.17
CA LEU A 13 4.02 -10.02 2.34
C LEU A 13 2.62 -10.37 2.85
N LEU A 14 2.13 -11.55 2.48
CA LEU A 14 0.79 -12.01 2.88
C LEU A 14 0.71 -12.29 4.38
N LYS A 15 1.86 -12.42 5.03
CA LYS A 15 1.88 -12.57 6.48
C LYS A 15 1.36 -11.26 7.09
N PRO A 16 0.77 -11.32 8.30
CA PRO A 16 0.22 -10.10 8.88
C PRO A 16 1.30 -9.08 9.28
N CYS A 17 0.87 -7.99 9.93
CA CYS A 17 1.76 -6.91 10.34
C CYS A 17 2.89 -7.48 11.16
N SER A 18 4.10 -7.03 10.91
CA SER A 18 5.29 -7.58 11.55
C SER A 18 5.40 -7.17 13.00
N LEU A 19 4.84 -6.01 13.31
CA LEU A 19 4.87 -5.49 14.67
C LEU A 19 3.67 -5.98 15.46
N CYS A 20 2.52 -6.03 14.83
CA CYS A 20 1.30 -6.44 15.52
C CYS A 20 0.93 -7.90 15.43
N GLU A 21 1.04 -8.46 14.22
CA GLU A 21 0.45 -9.75 13.77
C GLU A 21 -1.07 -9.89 14.01
N LYS A 22 -1.70 -8.81 14.46
CA LYS A 22 -3.13 -8.81 14.77
C LYS A 22 -3.96 -8.19 13.66
N ARG A 23 -3.29 -7.76 12.60
CA ARG A 23 -3.97 -7.08 11.49
C ARG A 23 -3.15 -7.36 10.24
N PRO A 24 -3.77 -7.37 9.06
CA PRO A 24 -3.07 -7.70 7.82
C PRO A 24 -2.07 -6.63 7.37
N ARG A 25 -1.37 -6.92 6.28
CA ARG A 25 -0.41 -5.98 5.71
C ARG A 25 -1.18 -4.95 4.86
N ASP A 26 -1.83 -4.00 5.52
CA ASP A 26 -2.59 -2.96 4.83
C ASP A 26 -1.86 -1.61 4.90
N GLY A 27 -0.61 -1.65 5.33
CA GLY A 27 0.21 -0.46 5.42
C GLY A 27 1.23 -0.45 4.32
N ASN A 28 0.98 0.36 3.31
CA ASN A 28 1.88 0.49 2.19
C ASN A 28 2.55 1.85 2.34
N ILE A 29 3.85 1.89 2.13
CA ILE A 29 4.61 3.13 2.28
C ILE A 29 5.08 3.62 0.91
N ILE A 30 4.49 4.68 0.41
CA ILE A 30 4.92 5.34 -0.83
C ILE A 30 6.00 6.37 -0.63
N HIS A 31 7.08 6.17 -1.34
CA HIS A 31 8.14 7.15 -1.48
C HIS A 31 8.40 7.43 -2.97
N GLY A 32 7.74 8.45 -3.50
CA GLY A 32 7.92 8.83 -4.88
C GLY A 32 7.12 7.96 -5.82
N ARG A 33 7.82 7.08 -6.51
CA ARG A 33 7.20 6.22 -7.51
C ARG A 33 7.44 4.75 -7.16
N THR A 34 7.71 4.52 -5.89
CA THR A 34 7.93 3.17 -5.37
C THR A 34 7.34 3.06 -3.99
N GLY A 35 7.07 1.85 -3.54
CA GLY A 35 6.60 1.65 -2.17
C GLY A 35 6.87 0.29 -1.56
N HIS A 36 7.11 0.26 -0.26
CA HIS A 36 7.25 -1.01 0.47
C HIS A 36 6.05 -1.32 1.39
N LEU A 37 5.52 -2.53 1.26
CA LEU A 37 4.41 -3.02 2.09
C LEU A 37 5.05 -3.74 3.27
N VAL A 38 5.05 -3.14 4.45
CA VAL A 38 5.78 -3.74 5.58
C VAL A 38 5.04 -3.90 6.91
N THR A 39 3.97 -3.16 7.13
CA THR A 39 3.26 -3.21 8.42
C THR A 39 1.80 -2.98 8.14
N CYS A 40 0.99 -2.83 9.18
CA CYS A 40 -0.40 -2.47 8.99
C CYS A 40 -0.47 -0.93 8.87
N PHE A 41 -1.58 -0.44 8.35
CA PHE A 41 -1.81 0.99 8.13
C PHE A 41 -1.57 1.79 9.40
N HIS A 42 -2.00 1.24 10.52
CA HIS A 42 -1.87 1.89 11.82
C HIS A 42 -0.40 2.15 12.18
N CYS A 43 0.46 1.18 11.93
CA CYS A 43 1.88 1.33 12.26
C CYS A 43 2.56 2.26 11.27
N ALA A 44 2.29 2.08 9.98
CA ALA A 44 2.91 2.91 8.96
C ALA A 44 2.56 4.40 9.14
N ARG A 45 1.31 4.68 9.46
CA ARG A 45 0.86 6.06 9.68
C ARG A 45 1.53 6.66 10.91
N ARG A 46 1.68 5.85 11.95
CA ARG A 46 2.35 6.29 13.19
C ARG A 46 3.83 6.54 12.92
N LEU A 47 4.42 5.71 12.08
CA LEU A 47 5.86 5.74 11.81
C LEU A 47 6.33 7.08 11.29
N LYS A 48 5.69 7.63 10.26
CA LYS A 48 6.14 8.92 9.73
C LYS A 48 5.89 10.06 10.72
N LYS A 49 4.84 9.94 11.53
CA LYS A 49 4.55 10.97 12.54
C LYS A 49 5.70 10.99 13.57
N ALA A 50 6.34 9.86 13.78
CA ALA A 50 7.48 9.76 14.70
C ALA A 50 8.77 10.26 14.03
N GLY A 51 8.68 10.66 12.77
CA GLY A 51 9.84 11.17 12.04
C GLY A 51 10.63 10.08 11.35
N ALA A 52 10.19 8.84 11.50
CA ALA A 52 10.89 7.71 10.92
C ALA A 52 10.46 7.44 9.49
N SER A 53 11.42 7.05 8.69
CA SER A 53 11.24 6.74 7.28
C SER A 53 11.01 5.23 7.10
N CYS A 54 10.94 4.77 5.85
CA CYS A 54 10.70 3.34 5.55
C CYS A 54 11.66 2.44 6.34
N PRO A 55 11.16 1.35 6.95
CA PRO A 55 12.14 0.52 7.65
C PRO A 55 13.05 -0.25 6.69
N ILE A 56 12.67 -0.35 5.43
CA ILE A 56 13.48 -1.06 4.43
C ILE A 56 14.56 -0.17 3.86
N CYS A 57 14.13 0.87 3.17
CA CYS A 57 15.04 1.70 2.41
C CYS A 57 15.30 3.09 3.01
N LYS A 58 14.64 3.38 4.13
CA LYS A 58 14.74 4.66 4.84
C LYS A 58 14.46 5.89 3.98
N LYS A 59 13.75 5.70 2.87
CA LYS A 59 13.38 6.80 2.00
C LYS A 59 12.16 7.49 2.64
N GLU A 60 12.04 8.80 2.43
CA GLU A 60 11.00 9.61 3.06
C GLU A 60 9.58 9.16 2.74
N ILE A 61 8.75 9.04 3.77
CA ILE A 61 7.38 8.57 3.59
C ILE A 61 6.48 9.72 3.20
N GLN A 62 6.11 9.78 1.95
CA GLN A 62 5.24 10.85 1.47
C GLN A 62 3.83 10.59 1.97
N LEU A 63 3.37 9.36 1.83
CA LEU A 63 2.04 9.00 2.24
C LEU A 63 1.94 7.51 2.53
N VAL A 64 0.83 7.16 3.13
CA VAL A 64 0.48 5.78 3.45
C VAL A 64 -0.94 5.77 2.88
N ILE A 65 -1.41 4.63 2.41
CA ILE A 65 -2.73 4.55 1.81
C ILE A 65 -3.41 3.43 2.61
N LYS A 66 -4.73 3.50 2.71
CA LYS A 66 -5.49 2.55 3.51
C LYS A 66 -6.24 1.65 2.57
N VAL A 67 -5.69 0.46 2.36
CA VAL A 67 -6.31 -0.56 1.53
C VAL A 67 -7.13 -1.45 2.41
N PHE A 68 -8.18 -2.02 1.88
CA PHE A 68 -8.95 -2.99 2.63
C PHE A 68 -9.45 -3.96 1.58
N ILE A 69 -9.76 -5.16 2.04
CA ILE A 69 -10.24 -6.22 1.17
C ILE A 69 -11.68 -6.49 1.57
N ALA A 70 -12.58 -5.74 0.96
CA ALA A 70 -14.00 -5.90 1.16
C ALA A 70 -14.63 -5.53 -0.17
N GLY B 1 -4.90 14.21 -12.45
CA GLY B 1 -5.70 14.38 -11.24
C GLY B 1 -5.98 13.05 -10.57
N GLY B 2 -6.43 12.07 -11.34
CA GLY B 2 -6.70 10.75 -10.80
C GLY B 2 -7.84 10.73 -9.80
N VAL B 3 -8.98 11.29 -10.20
CA VAL B 3 -10.15 11.32 -9.34
C VAL B 3 -10.74 9.91 -9.19
N CYS B 4 -10.60 9.35 -7.99
CA CYS B 4 -11.01 7.99 -7.70
C CYS B 4 -11.97 7.94 -6.52
N PRO B 5 -12.80 6.88 -6.44
CA PRO B 5 -13.66 6.76 -5.25
C PRO B 5 -12.85 6.36 -4.03
N ASN B 6 -13.49 6.30 -2.87
CA ASN B 6 -12.81 5.97 -1.61
C ASN B 6 -12.56 4.46 -1.44
N LEU B 7 -12.80 3.68 -2.47
CA LEU B 7 -12.58 2.23 -2.40
C LEU B 7 -11.13 1.96 -2.80
N TYR B 8 -10.32 1.57 -1.83
CA TYR B 8 -8.91 1.29 -2.08
C TYR B 8 -8.58 -0.14 -1.71
N LEU B 9 -7.94 -0.85 -2.62
CA LEU B 9 -7.57 -2.24 -2.41
C LEU B 9 -6.20 -2.46 -3.05
N LEU B 10 -5.56 -3.58 -2.73
CA LEU B 10 -4.24 -3.89 -3.29
C LEU B 10 -4.41 -4.26 -4.75
N CYS B 11 -3.72 -3.56 -5.64
CA CYS B 11 -3.91 -3.76 -7.07
C CYS B 11 -2.63 -4.17 -7.78
N ARG B 12 -2.79 -4.71 -8.98
CA ARG B 12 -1.66 -5.11 -9.84
C ARG B 12 -1.82 -4.44 -11.20
N ARG B 13 -3.08 -4.20 -11.56
CA ARG B 13 -3.43 -3.57 -12.83
C ARG B 13 -4.30 -2.37 -12.51
N ASP B 14 -4.34 -1.40 -13.40
CA ASP B 14 -5.21 -0.23 -13.22
C ASP B 14 -6.67 -0.69 -13.21
N SER B 15 -6.94 -1.75 -13.96
CA SER B 15 -8.28 -2.34 -14.06
C SER B 15 -8.69 -3.16 -12.82
N ASP B 16 -7.94 -3.06 -11.74
CA ASP B 16 -8.25 -3.78 -10.50
C ASP B 16 -9.04 -2.85 -9.58
N CYS B 17 -9.53 -1.73 -10.08
CA CYS B 17 -10.18 -0.72 -9.25
C CYS B 17 -11.14 0.08 -10.13
N PRO B 18 -12.29 0.51 -9.57
CA PRO B 18 -13.25 1.25 -10.39
C PRO B 18 -12.88 2.72 -10.59
N GLY B 19 -13.32 3.28 -11.71
CA GLY B 19 -13.06 4.68 -12.01
C GLY B 19 -11.79 4.85 -12.84
N ALA B 20 -11.46 6.09 -13.17
CA ALA B 20 -10.25 6.39 -13.93
C ALA B 20 -9.10 6.49 -12.93
N CYS B 21 -8.53 5.34 -12.60
CA CYS B 21 -7.48 5.26 -11.59
C CYS B 21 -6.22 4.64 -12.15
N ILE B 22 -5.12 4.93 -11.48
CA ILE B 22 -3.80 4.46 -11.85
C ILE B 22 -3.37 3.50 -10.75
N CYS B 23 -2.71 2.41 -11.12
CA CYS B 23 -2.23 1.41 -10.17
C CYS B 23 -0.72 1.37 -10.29
N ARG B 24 -0.06 1.00 -9.20
CA ARG B 24 1.39 0.98 -9.14
C ARG B 24 1.87 -0.35 -8.58
N HIS B 25 3.14 -0.65 -8.73
CA HIS B 25 3.72 -1.90 -8.20
C HIS B 25 3.76 -1.87 -6.68
N ASP B 26 3.45 -0.72 -6.10
CA ASP B 26 3.39 -0.53 -4.65
C ASP B 26 2.02 -1.02 -4.14
N SER B 27 1.27 -1.65 -5.06
CA SER B 27 -0.10 -2.12 -4.82
C SER B 27 -1.02 -0.96 -4.43
N TYR B 28 -0.57 0.24 -4.75
CA TYR B 28 -1.30 1.47 -4.52
C TYR B 28 -2.22 1.69 -5.71
N CYS B 29 -3.47 2.01 -5.45
CA CYS B 29 -4.43 2.35 -6.50
C CYS B 29 -4.90 3.76 -6.17
N GLY B 30 -5.06 4.60 -7.18
CA GLY B 30 -5.49 5.96 -6.95
C GLY B 30 -4.97 6.92 -8.01
N SER B 31 -4.48 8.07 -7.58
CA SER B 31 -4.02 9.10 -8.51
C SER B 31 -2.57 8.87 -8.98
N GLY B 32 -2.10 9.74 -9.86
CA GLY B 32 -0.75 9.62 -10.39
C GLY B 32 -0.54 10.47 -11.64
N SER B 33 -1.60 10.66 -12.40
CA SER B 33 -1.59 11.51 -13.59
C SER B 33 -3.01 12.03 -13.73
N ASP B 34 -3.17 13.15 -14.43
CA ASP B 34 -4.50 13.69 -14.79
C ASP B 34 -5.45 13.90 -13.61
N MET A 4 -6.53 -12.64 -8.09
CA MET A 4 -5.93 -11.67 -7.19
C MET A 4 -4.69 -12.29 -6.54
N TYR A 5 -3.80 -11.42 -6.05
CA TYR A 5 -2.53 -11.79 -5.42
C TYR A 5 -1.66 -12.71 -6.29
N SER A 6 -1.36 -12.23 -7.49
CA SER A 6 -0.53 -12.96 -8.44
C SER A 6 0.97 -12.82 -8.08
N GLY A 7 1.45 -13.66 -7.17
CA GLY A 7 2.85 -13.61 -6.78
C GLY A 7 3.14 -14.42 -5.53
N GLU A 8 4.00 -15.42 -5.65
CA GLU A 8 4.38 -16.27 -4.52
C GLU A 8 5.23 -15.51 -3.50
N ASP A 9 6.14 -14.65 -3.95
CA ASP A 9 6.95 -13.84 -3.04
C ASP A 9 6.06 -12.87 -2.29
N CYS A 10 4.99 -12.43 -2.94
CA CYS A 10 4.07 -11.47 -2.35
C CYS A 10 3.38 -12.04 -1.11
N GLN A 11 3.30 -13.36 -1.00
CA GLN A 11 2.64 -14.00 0.15
C GLN A 11 3.32 -13.62 1.45
N ASN A 12 4.61 -13.31 1.35
CA ASN A 12 5.38 -12.91 2.52
C ASN A 12 4.93 -11.53 2.97
N LEU A 13 4.61 -10.66 2.01
CA LEU A 13 4.14 -9.31 2.33
C LEU A 13 2.72 -9.37 2.89
N LEU A 14 1.94 -10.38 2.52
CA LEU A 14 0.56 -10.52 2.99
C LEU A 14 0.44 -10.96 4.44
N LYS A 15 1.55 -11.32 5.07
CA LYS A 15 1.51 -11.75 6.48
C LYS A 15 1.11 -10.51 7.30
N PRO A 16 0.45 -10.71 8.47
CA PRO A 16 -0.07 -9.55 9.20
C PRO A 16 0.98 -8.60 9.77
N CYS A 17 0.50 -7.51 10.35
CA CYS A 17 1.37 -6.50 10.95
C CYS A 17 2.18 -7.21 12.02
N SER A 18 3.48 -6.97 12.06
CA SER A 18 4.37 -7.71 12.96
C SER A 18 4.30 -7.14 14.35
N LEU A 19 3.89 -5.88 14.41
CA LEU A 19 3.77 -5.15 15.65
C LEU A 19 2.47 -5.54 16.33
N CYS A 20 1.42 -5.62 15.53
CA CYS A 20 0.08 -5.90 16.03
C CYS A 20 -0.42 -7.33 15.96
N GLU A 21 -0.20 -7.98 14.82
CA GLU A 21 -0.83 -9.25 14.37
C GLU A 21 -2.36 -9.27 14.47
N LYS A 22 -2.94 -8.12 14.81
CA LYS A 22 -4.37 -7.97 14.99
C LYS A 22 -5.01 -7.38 13.75
N ARG A 23 -4.18 -7.12 12.75
CA ARG A 23 -4.63 -6.48 11.51
C ARG A 23 -3.65 -6.91 10.41
N PRO A 24 -4.12 -6.96 9.15
CA PRO A 24 -3.24 -7.36 8.04
C PRO A 24 -2.23 -6.26 7.72
N ARG A 25 -1.40 -6.51 6.73
CA ARG A 25 -0.42 -5.53 6.28
C ARG A 25 -1.13 -4.54 5.35
N ASP A 26 -1.84 -3.58 5.94
CA ASP A 26 -2.56 -2.57 5.18
C ASP A 26 -1.87 -1.22 5.22
N GLY A 27 -0.64 -1.21 5.71
CA GLY A 27 0.17 -0.01 5.78
C GLY A 27 1.29 -0.10 4.79
N ASN A 28 1.17 0.61 3.69
CA ASN A 28 2.21 0.65 2.67
C ASN A 28 2.87 2.01 2.77
N ILE A 29 4.19 2.05 2.68
CA ILE A 29 4.95 3.29 2.76
C ILE A 29 5.47 3.68 1.38
N ILE A 30 4.88 4.72 0.81
CA ILE A 30 5.29 5.29 -0.48
C ILE A 30 6.43 6.29 -0.36
N HIS A 31 7.49 6.03 -1.11
CA HIS A 31 8.54 7.01 -1.36
C HIS A 31 8.67 7.19 -2.88
N GLY A 32 8.20 8.31 -3.40
CA GLY A 32 8.29 8.56 -4.83
C GLY A 32 7.32 7.72 -5.62
N ARG A 33 7.86 6.72 -6.31
CA ARG A 33 7.06 5.84 -7.17
C ARG A 33 7.26 4.39 -6.76
N THR A 34 7.69 4.20 -5.52
CA THR A 34 7.91 2.86 -4.98
C THR A 34 7.41 2.82 -3.56
N GLY A 35 7.14 1.64 -3.04
CA GLY A 35 6.77 1.53 -1.64
C GLY A 35 7.04 0.21 -0.97
N HIS A 36 7.38 0.24 0.31
CA HIS A 36 7.53 -0.98 1.12
C HIS A 36 6.32 -1.29 2.00
N LEU A 37 5.77 -2.48 1.82
CA LEU A 37 4.66 -3.00 2.64
C LEU A 37 5.29 -3.55 3.91
N VAL A 38 5.15 -2.87 5.04
CA VAL A 38 5.83 -3.31 6.27
C VAL A 38 4.99 -3.47 7.55
N THR A 39 3.87 -2.76 7.66
CA THR A 39 3.08 -2.79 8.90
C THR A 39 1.62 -2.56 8.56
N CYS A 40 0.80 -2.35 9.57
CA CYS A 40 -0.59 -1.94 9.35
C CYS A 40 -0.62 -0.42 9.16
N PHE A 41 -1.73 0.08 8.63
CA PHE A 41 -1.93 1.51 8.36
C PHE A 41 -1.65 2.37 9.57
N HIS A 42 -2.12 1.93 10.73
CA HIS A 42 -1.97 2.71 11.96
C HIS A 42 -0.49 2.85 12.36
N CYS A 43 0.27 1.78 12.24
CA CYS A 43 1.70 1.82 12.61
C CYS A 43 2.47 2.68 11.60
N ALA A 44 2.22 2.49 10.32
CA ALA A 44 2.93 3.24 9.28
C ALA A 44 2.64 4.74 9.37
N ARG A 45 1.39 5.09 9.62
CA ARG A 45 0.99 6.50 9.74
C ARG A 45 1.63 7.13 10.98
N ARG A 46 1.69 6.36 12.07
CA ARG A 46 2.34 6.84 13.31
C ARG A 46 3.83 7.01 13.11
N LEU A 47 4.43 6.12 12.32
CA LEU A 47 5.87 6.10 12.14
C LEU A 47 6.44 7.42 11.60
N LYS A 48 5.88 7.97 10.53
CA LYS A 48 6.41 9.23 10.00
C LYS A 48 6.15 10.40 10.93
N LYS A 49 5.06 10.37 11.67
CA LYS A 49 4.75 11.44 12.63
C LYS A 49 5.82 11.45 13.72
N ALA A 50 6.28 10.27 14.07
CA ALA A 50 7.35 10.10 15.06
C ALA A 50 8.73 10.49 14.51
N GLY A 51 8.79 10.89 13.24
CA GLY A 51 10.04 11.32 12.64
C GLY A 51 10.85 10.21 12.00
N ALA A 52 10.38 8.98 12.10
CA ALA A 52 11.09 7.85 11.54
C ALA A 52 10.70 7.62 10.08
N SER A 53 11.69 7.23 9.30
CA SER A 53 11.53 6.98 7.88
C SER A 53 11.28 5.47 7.68
N CYS A 54 11.19 5.03 6.42
CA CYS A 54 10.87 3.62 6.12
C CYS A 54 11.70 2.63 6.95
N PRO A 55 11.07 1.59 7.53
CA PRO A 55 11.91 0.66 8.29
C PRO A 55 12.93 -0.07 7.44
N ILE A 56 12.65 -0.21 6.15
CA ILE A 56 13.54 -0.93 5.25
C ILE A 56 14.65 -0.05 4.72
N CYS A 57 14.27 0.97 3.97
CA CYS A 57 15.24 1.76 3.23
C CYS A 57 15.49 3.15 3.79
N LYS A 58 14.82 3.47 4.89
CA LYS A 58 14.92 4.78 5.57
C LYS A 58 14.70 5.98 4.66
N LYS A 59 14.01 5.76 3.57
CA LYS A 59 13.65 6.82 2.64
C LYS A 59 12.45 7.56 3.22
N GLU A 60 12.28 8.80 2.81
CA GLU A 60 11.19 9.66 3.28
C GLU A 60 9.82 9.00 3.07
N ILE A 61 8.98 9.01 4.10
CA ILE A 61 7.65 8.45 3.97
C ILE A 61 6.76 9.57 3.47
N GLN A 62 6.42 9.53 2.20
CA GLN A 62 5.63 10.60 1.60
C GLN A 62 4.16 10.37 1.85
N LEU A 63 3.71 9.13 1.70
CA LEU A 63 2.29 8.80 1.88
C LEU A 63 2.16 7.42 2.47
N VAL A 64 0.97 7.15 2.97
CA VAL A 64 0.61 5.86 3.52
C VAL A 64 -0.80 5.69 2.99
N ILE A 65 -1.22 4.47 2.69
CA ILE A 65 -2.57 4.22 2.18
C ILE A 65 -3.17 3.08 2.99
N LYS A 66 -4.49 3.05 3.04
CA LYS A 66 -5.26 2.06 3.79
C LYS A 66 -5.79 1.01 2.82
N VAL A 67 -5.14 -0.14 2.73
CA VAL A 67 -5.51 -1.17 1.75
C VAL A 67 -6.29 -2.34 2.33
N PHE A 68 -7.27 -2.85 1.59
CA PHE A 68 -8.09 -3.97 2.03
C PHE A 68 -8.57 -4.68 0.78
N ILE A 69 -9.20 -5.83 0.92
CA ILE A 69 -9.74 -6.53 -0.23
C ILE A 69 -11.28 -6.37 -0.19
N ALA A 70 -11.71 -5.21 -0.64
CA ALA A 70 -13.12 -4.85 -0.71
C ALA A 70 -13.20 -3.90 -1.90
N GLY B 1 -4.16 14.39 -11.30
CA GLY B 1 -5.30 13.87 -12.05
C GLY B 1 -5.89 12.64 -11.39
N GLY B 2 -6.75 11.94 -12.13
CA GLY B 2 -7.41 10.74 -11.64
C GLY B 2 -8.59 10.98 -10.71
N VAL B 3 -9.58 10.10 -10.81
CA VAL B 3 -10.81 10.19 -10.00
C VAL B 3 -11.11 8.78 -9.49
N CYS B 4 -10.93 8.57 -8.19
CA CYS B 4 -11.09 7.24 -7.60
C CYS B 4 -12.04 7.21 -6.41
N PRO B 5 -12.68 6.04 -6.16
CA PRO B 5 -13.53 5.93 -4.98
C PRO B 5 -12.68 5.77 -3.72
N ASN B 6 -13.32 5.62 -2.57
CA ASN B 6 -12.59 5.41 -1.30
C ASN B 6 -12.21 3.94 -1.11
N LEU B 7 -12.40 3.13 -2.14
CA LEU B 7 -12.04 1.72 -2.09
C LEU B 7 -10.60 1.60 -2.57
N TYR B 8 -9.74 1.12 -1.70
CA TYR B 8 -8.32 0.99 -2.00
C TYR B 8 -7.94 -0.49 -1.84
N LEU B 9 -7.71 -1.16 -2.94
CA LEU B 9 -7.40 -2.59 -2.90
C LEU B 9 -6.08 -2.88 -3.60
N LEU B 10 -5.53 -4.04 -3.29
CA LEU B 10 -4.23 -4.46 -3.82
C LEU B 10 -4.38 -4.74 -5.30
N CYS B 11 -3.64 -3.99 -6.09
CA CYS B 11 -3.68 -4.08 -7.53
C CYS B 11 -2.29 -4.44 -8.04
N ARG B 12 -2.19 -4.86 -9.29
CA ARG B 12 -0.88 -5.15 -9.91
C ARG B 12 -0.78 -4.31 -11.18
N ARG B 13 -1.91 -4.11 -11.84
CA ARG B 13 -2.03 -3.26 -13.01
C ARG B 13 -3.18 -2.31 -12.73
N ASP B 14 -3.29 -1.26 -13.53
CA ASP B 14 -4.34 -0.24 -13.34
C ASP B 14 -5.75 -0.85 -13.37
N SER B 15 -5.93 -1.87 -14.19
CA SER B 15 -7.23 -2.51 -14.36
C SER B 15 -7.67 -3.44 -13.22
N ASP B 16 -6.90 -3.51 -12.15
CA ASP B 16 -7.23 -4.39 -11.03
C ASP B 16 -8.05 -3.70 -9.95
N CYS B 17 -8.60 -2.52 -10.25
CA CYS B 17 -9.40 -1.77 -9.29
C CYS B 17 -10.24 -0.73 -10.05
N PRO B 18 -11.43 -0.36 -9.51
CA PRO B 18 -12.32 0.55 -10.24
C PRO B 18 -12.00 2.04 -10.14
N GLY B 19 -12.53 2.80 -11.09
CA GLY B 19 -12.33 4.25 -11.12
C GLY B 19 -11.28 4.63 -12.13
N ALA B 20 -11.07 5.94 -12.31
CA ALA B 20 -10.02 6.42 -13.21
C ALA B 20 -8.77 6.49 -12.35
N CYS B 21 -8.12 5.36 -12.18
CA CYS B 21 -6.99 5.22 -11.26
C CYS B 21 -5.80 4.58 -11.94
N ILE B 22 -4.66 4.66 -11.27
CA ILE B 22 -3.44 3.99 -11.72
C ILE B 22 -2.94 3.15 -10.55
N CYS B 23 -2.14 2.15 -10.86
CA CYS B 23 -1.64 1.22 -9.86
C CYS B 23 -0.12 1.27 -9.79
N ARG B 24 0.42 0.82 -8.67
CA ARG B 24 1.86 0.72 -8.44
C ARG B 24 2.07 -0.60 -7.71
N HIS B 25 3.29 -1.11 -7.73
CA HIS B 25 3.63 -2.41 -7.12
C HIS B 25 3.50 -2.39 -5.59
N ASP B 26 3.40 -1.20 -5.03
CA ASP B 26 3.23 -0.99 -3.59
C ASP B 26 1.75 -1.10 -3.21
N SER B 27 0.96 -1.73 -4.09
CA SER B 27 -0.48 -1.99 -3.92
C SER B 27 -1.36 -0.75 -3.78
N TYR B 28 -0.80 0.40 -4.14
CA TYR B 28 -1.53 1.66 -4.08
C TYR B 28 -2.38 1.84 -5.35
N CYS B 29 -3.65 1.52 -5.26
CA CYS B 29 -4.60 1.87 -6.32
C CYS B 29 -5.07 3.27 -5.96
N GLY B 30 -5.08 4.18 -6.91
CA GLY B 30 -5.53 5.53 -6.62
C GLY B 30 -5.26 6.48 -7.76
N SER B 31 -5.69 7.72 -7.61
CA SER B 31 -5.56 8.74 -8.66
C SER B 31 -4.13 9.01 -9.07
N GLY B 32 -3.20 8.82 -8.14
CA GLY B 32 -1.80 9.07 -8.43
C GLY B 32 -1.46 10.50 -8.10
N SER B 33 -1.21 11.31 -9.12
CA SER B 33 -0.89 12.73 -8.92
C SER B 33 -1.36 13.50 -10.14
N ASP B 34 -1.72 14.76 -9.92
CA ASP B 34 -2.12 15.70 -11.00
C ASP B 34 -3.28 15.20 -11.88
N MET A 4 -9.14 -14.37 -0.52
CA MET A 4 -8.15 -15.41 -0.23
C MET A 4 -7.07 -15.32 -1.29
N TYR A 5 -5.87 -15.77 -0.96
CA TYR A 5 -4.75 -15.72 -1.89
C TYR A 5 -4.38 -17.10 -2.39
N SER A 6 -3.83 -17.19 -3.58
CA SER A 6 -3.41 -18.46 -4.16
C SER A 6 -1.97 -18.28 -4.59
N GLY A 7 -1.11 -19.14 -4.09
CA GLY A 7 0.32 -19.06 -4.39
C GLY A 7 1.04 -19.04 -3.07
N GLU A 8 1.82 -20.07 -2.81
CA GLU A 8 2.50 -20.22 -1.52
C GLU A 8 3.47 -19.10 -1.19
N ASP A 9 4.06 -18.48 -2.20
CA ASP A 9 4.96 -17.35 -1.98
C ASP A 9 4.24 -16.19 -1.29
N CYS A 10 2.98 -15.98 -1.64
CA CYS A 10 2.18 -14.88 -1.10
C CYS A 10 1.96 -14.98 0.40
N GLN A 11 2.34 -16.10 0.99
CA GLN A 11 2.21 -16.28 2.43
C GLN A 11 2.99 -15.20 3.17
N ASN A 12 4.04 -14.65 2.57
CA ASN A 12 4.82 -13.61 3.23
C ASN A 12 4.08 -12.27 3.25
N LEU A 13 3.30 -11.97 2.21
CA LEU A 13 2.52 -10.74 2.13
C LEU A 13 1.26 -10.84 2.99
N LEU A 14 0.66 -12.02 3.02
CA LEU A 14 -0.57 -12.22 3.78
C LEU A 14 -0.27 -12.38 5.27
N LYS A 15 1.00 -12.57 5.60
CA LYS A 15 1.42 -12.69 7.00
C LYS A 15 1.13 -11.33 7.64
N PRO A 16 0.65 -11.32 8.90
CA PRO A 16 0.31 -10.02 9.51
C PRO A 16 1.52 -9.12 9.74
N CYS A 17 1.28 -7.98 10.36
CA CYS A 17 2.34 -7.01 10.60
C CYS A 17 3.44 -7.68 11.39
N SER A 18 4.67 -7.46 10.98
CA SER A 18 5.82 -8.15 11.55
C SER A 18 6.12 -7.66 12.96
N LEU A 19 5.78 -6.41 13.22
CA LEU A 19 6.01 -5.79 14.52
C LEU A 19 4.86 -6.12 15.46
N CYS A 20 3.64 -6.09 14.94
CA CYS A 20 2.46 -6.32 15.78
C CYS A 20 1.92 -7.73 15.85
N GLU A 21 1.81 -8.37 14.69
CA GLU A 21 1.05 -9.63 14.45
C GLU A 21 -0.41 -9.58 14.93
N LYS A 22 -0.87 -8.39 15.31
CA LYS A 22 -2.23 -8.20 15.82
C LYS A 22 -3.14 -7.61 14.76
N ARG A 23 -2.58 -7.39 13.58
CA ARG A 23 -3.32 -6.72 12.51
C ARG A 23 -2.68 -7.09 11.19
N PRO A 24 -3.46 -7.08 10.09
CA PRO A 24 -2.91 -7.48 8.79
C PRO A 24 -1.94 -6.46 8.21
N ARG A 25 -1.37 -6.79 7.07
CA ARG A 25 -0.42 -5.92 6.40
C ARG A 25 -1.19 -4.96 5.49
N ASP A 26 -1.74 -3.90 6.07
CA ASP A 26 -2.51 -2.90 5.35
C ASP A 26 -1.71 -1.61 5.17
N GLY A 27 -0.43 -1.69 5.47
CA GLY A 27 0.48 -0.56 5.36
C GLY A 27 1.42 -0.80 4.20
N ASN A 28 1.16 -0.11 3.11
CA ASN A 28 2.01 -0.21 1.94
C ASN A 28 2.76 1.11 1.82
N ILE A 29 4.06 1.04 1.59
CA ILE A 29 4.89 2.22 1.52
C ILE A 29 5.22 2.57 0.06
N ILE A 30 4.62 3.64 -0.45
CA ILE A 30 4.89 4.15 -1.79
C ILE A 30 6.09 5.10 -1.86
N HIS A 31 7.04 4.73 -2.70
CA HIS A 31 8.12 5.61 -3.09
C HIS A 31 8.16 5.72 -4.62
N GLY A 32 7.84 6.89 -5.15
CA GLY A 32 7.83 7.08 -6.58
C GLY A 32 6.67 6.35 -7.23
N ARG A 33 6.97 5.24 -7.90
CA ARG A 33 5.96 4.45 -8.60
C ARG A 33 6.02 2.98 -8.19
N THR A 34 6.62 2.72 -7.04
CA THR A 34 6.72 1.37 -6.50
C THR A 34 6.44 1.41 -5.02
N GLY A 35 6.09 0.28 -4.44
CA GLY A 35 5.90 0.21 -3.01
C GLY A 35 6.16 -1.12 -2.35
N HIS A 36 6.69 -1.08 -1.14
CA HIS A 36 6.90 -2.29 -0.34
C HIS A 36 5.85 -2.50 0.77
N LEU A 37 5.18 -3.65 0.70
CA LEU A 37 4.18 -4.07 1.70
C LEU A 37 4.94 -4.72 2.85
N VAL A 38 5.07 -4.04 3.98
CA VAL A 38 5.87 -4.59 5.09
C VAL A 38 5.24 -4.61 6.50
N THR A 39 4.29 -3.74 6.77
CA THR A 39 3.73 -3.62 8.12
C THR A 39 2.27 -3.22 8.04
N CYS A 40 1.66 -2.96 9.18
CA CYS A 40 0.32 -2.42 9.19
C CYS A 40 0.42 -0.92 8.97
N PHE A 41 -0.69 -0.29 8.62
CA PHE A 41 -0.79 1.13 8.36
C PHE A 41 -0.27 1.98 9.51
N HIS A 42 -0.56 1.55 10.73
CA HIS A 42 -0.13 2.28 11.92
C HIS A 42 1.39 2.38 12.01
N CYS A 43 2.07 1.28 11.75
CA CYS A 43 3.53 1.27 11.84
C CYS A 43 4.15 2.03 10.68
N ALA A 44 3.67 1.80 9.47
CA ALA A 44 4.22 2.46 8.29
C ALA A 44 4.05 3.99 8.38
N ARG A 45 2.90 4.44 8.85
CA ARG A 45 2.65 5.87 8.99
C ARG A 45 3.54 6.47 10.07
N ARG A 46 3.74 5.74 11.15
CA ARG A 46 4.62 6.20 12.24
C ARG A 46 6.05 6.27 11.77
N LEU A 47 6.45 5.31 10.93
CA LEU A 47 7.83 5.21 10.47
C LEU A 47 8.34 6.47 9.78
N LYS A 48 7.61 7.00 8.79
CA LYS A 48 8.10 8.21 8.13
C LYS A 48 8.03 9.42 9.04
N LYS A 49 7.10 9.44 9.99
CA LYS A 49 7.01 10.55 10.95
C LYS A 49 8.26 10.56 11.84
N ALA A 50 8.87 9.39 12.01
CA ALA A 50 10.10 9.28 12.79
C ALA A 50 11.32 9.65 11.94
N GLY A 51 11.09 9.97 10.67
CA GLY A 51 12.16 10.34 9.77
C GLY A 51 12.78 9.16 9.04
N ALA A 52 12.28 7.96 9.28
CA ALA A 52 12.82 6.77 8.64
C ALA A 52 12.15 6.46 7.31
N SER A 53 12.98 6.04 6.36
CA SER A 53 12.55 5.63 5.03
C SER A 53 12.13 4.15 5.02
N CYS A 54 11.85 3.60 3.84
CA CYS A 54 11.43 2.19 3.72
C CYS A 54 12.40 1.25 4.44
N PRO A 55 11.88 0.27 5.21
CA PRO A 55 12.86 -0.61 5.85
C PRO A 55 13.54 -1.55 4.86
N ILE A 56 12.97 -1.70 3.67
CA ILE A 56 13.55 -2.57 2.65
C ILE A 56 14.62 -1.86 1.84
N CYS A 57 14.21 -0.85 1.13
CA CYS A 57 15.08 -0.19 0.16
C CYS A 57 15.57 1.19 0.59
N LYS A 58 15.16 1.63 1.77
CA LYS A 58 15.50 2.95 2.33
C LYS A 58 15.21 4.12 1.41
N LYS A 59 14.28 3.94 0.48
CA LYS A 59 13.90 5.04 -0.40
C LYS A 59 12.92 5.89 0.39
N GLU A 60 12.96 7.20 0.17
CA GLU A 60 12.08 8.13 0.89
C GLU A 60 10.61 7.92 0.61
N ILE A 61 9.82 7.98 1.68
CA ILE A 61 8.40 7.65 1.62
C ILE A 61 7.53 8.84 1.30
N GLN A 62 6.89 8.83 0.13
CA GLN A 62 6.00 9.91 -0.24
C GLN A 62 4.72 9.79 0.57
N LEU A 63 4.16 8.59 0.62
CA LEU A 63 2.93 8.37 1.36
C LEU A 63 2.75 6.90 1.71
N VAL A 64 1.75 6.66 2.53
CA VAL A 64 1.36 5.32 2.96
C VAL A 64 -0.11 5.32 2.59
N ILE A 65 -0.65 4.17 2.24
CA ILE A 65 -2.05 4.06 1.87
C ILE A 65 -2.57 2.94 2.76
N LYS A 66 -3.85 2.98 3.08
CA LYS A 66 -4.45 1.95 3.93
C LYS A 66 -5.19 1.03 2.99
N VAL A 67 -4.59 -0.11 2.70
CA VAL A 67 -5.13 -1.02 1.70
C VAL A 67 -5.61 -2.33 2.30
N PHE A 68 -6.80 -2.74 1.88
CA PHE A 68 -7.40 -3.98 2.33
C PHE A 68 -8.31 -4.38 1.18
N ILE A 69 -8.71 -5.63 1.11
CA ILE A 69 -9.71 -6.08 0.16
C ILE A 69 -10.90 -6.63 0.96
N ALA A 70 -11.82 -5.74 1.31
CA ALA A 70 -12.97 -6.10 2.13
C ALA A 70 -14.18 -5.33 1.63
N GLY B 1 -3.48 15.34 -9.54
CA GLY B 1 -3.32 15.04 -8.13
C GLY B 1 -3.69 13.61 -7.80
N GLY B 2 -4.14 12.88 -8.80
CA GLY B 2 -4.54 11.50 -8.64
C GLY B 2 -5.89 11.34 -7.99
N VAL B 3 -6.81 12.23 -8.35
CA VAL B 3 -8.17 12.24 -7.79
C VAL B 3 -8.97 10.98 -8.19
N CYS B 4 -9.27 10.18 -7.17
CA CYS B 4 -10.09 8.97 -7.31
C CYS B 4 -11.20 9.04 -6.27
N PRO B 5 -12.25 8.20 -6.41
CA PRO B 5 -13.25 8.23 -5.34
C PRO B 5 -12.66 7.73 -4.01
N ASN B 6 -13.36 7.97 -2.92
CA ASN B 6 -12.85 7.63 -1.57
C ASN B 6 -13.00 6.14 -1.22
N LEU B 7 -12.40 5.29 -2.04
CA LEU B 7 -12.39 3.85 -1.82
C LEU B 7 -10.96 3.35 -1.98
N TYR B 8 -10.45 2.67 -0.96
CA TYR B 8 -9.12 2.08 -1.02
C TYR B 8 -9.30 0.58 -1.07
N LEU B 9 -8.72 -0.05 -2.07
CA LEU B 9 -8.80 -1.50 -2.20
C LEU B 9 -7.48 -2.05 -2.73
N LEU B 10 -7.30 -3.36 -2.61
CA LEU B 10 -6.12 -4.03 -3.15
C LEU B 10 -6.40 -4.28 -4.62
N CYS B 11 -5.55 -3.76 -5.50
CA CYS B 11 -5.72 -3.90 -6.92
C CYS B 11 -4.39 -4.27 -7.57
N ARG B 12 -4.47 -4.87 -8.74
CA ARG B 12 -3.28 -5.29 -9.49
C ARG B 12 -3.32 -4.72 -10.92
N ARG B 13 -4.51 -4.47 -11.44
CA ARG B 13 -4.69 -3.85 -12.76
C ARG B 13 -5.63 -2.67 -12.58
N ASP B 14 -5.64 -1.77 -13.53
CA ASP B 14 -6.46 -0.56 -13.47
C ASP B 14 -7.95 -0.85 -13.33
N SER B 15 -8.40 -1.93 -13.96
CA SER B 15 -9.81 -2.32 -13.97
C SER B 15 -10.33 -2.88 -12.64
N ASP B 16 -9.46 -2.92 -11.63
CA ASP B 16 -9.81 -3.46 -10.31
C ASP B 16 -10.30 -2.34 -9.40
N CYS B 17 -10.59 -1.16 -9.93
CA CYS B 17 -10.86 0.02 -9.12
C CYS B 17 -11.71 1.02 -9.91
N PRO B 18 -12.74 1.61 -9.26
CA PRO B 18 -13.64 2.51 -9.99
C PRO B 18 -13.10 3.92 -10.24
N GLY B 19 -13.65 4.57 -11.25
CA GLY B 19 -13.26 5.92 -11.62
C GLY B 19 -12.14 5.87 -12.64
N ALA B 20 -11.67 7.03 -13.08
CA ALA B 20 -10.56 7.07 -14.03
C ALA B 20 -9.28 6.99 -13.20
N CYS B 21 -8.92 5.78 -12.82
CA CYS B 21 -7.79 5.54 -11.94
C CYS B 21 -6.92 4.44 -12.50
N ILE B 22 -5.68 4.34 -12.03
CA ILE B 22 -4.76 3.29 -12.45
C ILE B 22 -4.22 2.62 -11.20
N CYS B 23 -3.71 1.41 -11.35
CA CYS B 23 -3.21 0.62 -10.22
C CYS B 23 -1.80 0.11 -10.46
N ARG B 24 -1.18 -0.37 -9.39
CA ARG B 24 0.20 -0.85 -9.44
C ARG B 24 0.39 -2.03 -8.49
N HIS B 25 1.54 -2.67 -8.56
CA HIS B 25 1.86 -3.86 -7.76
C HIS B 25 1.90 -3.61 -6.25
N ASP B 26 1.95 -2.35 -5.86
CA ASP B 26 1.98 -1.95 -4.46
C ASP B 26 0.56 -1.87 -3.90
N SER B 27 -0.41 -2.34 -4.69
CA SER B 27 -1.83 -2.38 -4.32
C SER B 27 -2.36 -0.99 -3.94
N TYR B 28 -2.03 -0.04 -4.80
CA TYR B 28 -2.43 1.34 -4.65
C TYR B 28 -3.27 1.74 -5.87
N CYS B 29 -4.40 2.39 -5.63
CA CYS B 29 -5.25 2.89 -6.70
C CYS B 29 -5.18 4.42 -6.68
N GLY B 30 -4.96 5.04 -7.82
CA GLY B 30 -4.90 6.49 -7.90
C GLY B 30 -4.83 6.92 -9.36
N SER B 31 -5.34 8.09 -9.70
CA SER B 31 -5.31 8.55 -11.09
C SER B 31 -3.90 9.00 -11.48
N GLY B 32 -3.60 8.94 -12.77
CA GLY B 32 -2.32 9.40 -13.27
C GLY B 32 -2.25 10.90 -13.46
N SER B 33 -3.38 11.58 -13.28
CA SER B 33 -3.49 13.01 -13.55
C SER B 33 -4.21 13.77 -12.44
N ASP B 34 -3.95 15.07 -12.39
CA ASP B 34 -4.69 16.01 -11.53
C ASP B 34 -4.66 15.69 -10.04
#